data_6R92
#
_entry.id   6R92
#
_cell.length_a   1.0
_cell.length_b   1.0
_cell.length_c   1.0
_cell.angle_alpha   90.00
_cell.angle_beta   90.00
_cell.angle_gamma   90.00
#
_symmetry.space_group_name_H-M   'P 1'
#
loop_
_entity.id
_entity.type
_entity.pdbx_description
1 polymer 'Human alpha-satellite DNA (145-MER)'
2 polymer 'Human alpha-satellite DNA (145-MER) with abasic sites at positions 93-94'
3 polymer 'DNA damage-binding protein 2'
4 polymer 'Histone H3.1'
5 polymer 'Histone H4'
6 polymer 'Histone H2A type 1-B/E'
7 polymer 'Histone H2B type 1-J'
8 polymer 'DNA damage-binding protein 1,DNA damage-binding protein 1'
#
loop_
_entity_poly.entity_id
_entity_poly.type
_entity_poly.pdbx_seq_one_letter_code
_entity_poly.pdbx_strand_id
1 'polydeoxyribonucleotide'
;(DA)(DT)(DC)(DA)(DA)(DT)(DA)(DT)(DC)(DC)(DA)(DC)(DC)(DT)(DG)(DC)(DA)(DG)(DA)(DT)
(DT)(DC)(DT)(DA)(DC)(DC)(DA)(DA)(DA)(DA)(DG)(DT)(DG)(DT)(DA)(DT)(DT)(DT)(DG)(DG)
(DA)(DA)(DA)(DC)(DT)(DG)(DC)(DT)(DC)(DC)(DA)(DT)(DC)(DA)(DA)(DA)(DA)(DG)(DG)(DC)
(DA)(DT)(DG)(DT)(DT)(DC)(DA)(DG)(DC)(DT)(DG)(DG)(DT)(DT)(DC)(DA)(DG)(DC)(DT)(DG)
(DA)(DA)(DC)(DA)(DT)(DG)(DC)(DC)(DT)(DT)(DT)(DT)(DG)(DA)(DT)(DG)(DG)(DA)(DG)(DC)
(DA)(DG)(DT)(DT)(DT)(DC)(DC)(DA)(DA)(DA)(DT)(DA)(DC)(DA)(DC)(DT)(DT)(DT)(DT)(DG)
(DG)(DT)(DA)(DG)(DA)(DA)(DT)(DC)(DT)(DG)(DC)(DA)(DG)(DG)(DT)(DG)(DG)(DA)(DT)(DA)
(DT)(DT)(DG)(DA)(DT)
;
I
2 'polydeoxyribonucleotide'
;(DA)(DT)(DC)(DA)(DA)(DT)(DA)(DT)(DC)(DC)(DA)(DC)(DC)(DT)(DG)(DC)(DA)(DG)(DA)(DT)
(DT)(DC)(DT)(DA)(DC)(DC)(DA)(DA)(DA)(DA)(DG)(DT)(DG)(DT)(DA)(DT)(DT)(DT)(DG)(DG)
(DA)(DA)(DA)(DC)(DT)(DG)(DC)(DT)(DC)(DC)(DA)(DT)(DC)(DA)(DA)(DA)(DA)(DG)(DG)(DC)
(DA)(DT)(DG)(DT)(DT)(DC)(DA)(DG)(DC)(DT)(DG)(DA)(DA)(DC)(DC)(DA)(DG)(DC)(DT)(DG)
(DA)(DA)(DC)(DA)(DT)(DG)(DC)(DC)(DT)(DT)(DT)(DT)(3DR)(3DR)(DT)(DG)(DG)(DA)(DG)
(DC)(DA)(DG)(DT)(DT)(DT)(DC)(DC)(DA)(DA)(DA)(DT)(DA)(DC)(DA)(DC)(DT)(DT)(DT)(DT)
(DG)(DG)(DT)(DA)(DG)(DA)(DA)(DT)(DC)(DT)(DG)(DC)(DA)(DG)(DG)(DT)(DG)(DG)(DA)(DT)
(DA)(DT)(DT)(DG)(DA)(DT)
;
J
3 'polypeptide(L)'
;MASWSHPQFEKVDENLYFQGGGRMAPKKRPETQKTSEIVLRPRNKRSRSPLELEPEAKKLCAKGSGPSRRCDSDCLWVGL
AGPQILPPCRSIVRTLHQHKLGRASWPSVQQGLQQSFLHTLDSYRILQKAAPFDRRATSLAWHPTHPSTVAVGSKGGDIM
LWNFGIKDKPTFIKGIGAGGSITGLKFNPLNTNQFYASSMEGTTRLQDFKGNILRVFASSDTINIWFCSLDVSASSRMVV
TGDNVGNVILLNMDGKELWNLRMHKKKVTHVALNPCCDWFLATASVDQTVKIWDLRQVRGKASFLYSLPHRHPVNAACFS
PDGARLLTTDQKSEIRVYSASQWDCPLGLIPHPHRHFQHLTPIKAAWHPRYNLIVVGRYPDPNFKSCTPYELRTIDVFDG
NSGKMMCQLYDPESSGISSLNEFNPMGDTLASAMGYHILIWSQEEARTRK
;
L
4 'polypeptide(L)'
;GSHMARTKQTARKSTGGKAPRKQLATKAARKSAPATGGVKKPHRYRPGTVALREIRRYQKSTELLIRKLPFQRLVREIAQ
DFKTDLRFQSSAVMALQEACEAYLVGLFEDTNLCAIHAKRVTIMPKDIQLARRIRGERA
;
A,E
5 'polypeptide(L)'
;GSHMSGRGKGGKGLGKGGAKRHRKVLRDNIQGITKPAIRRLARRGGVKRISGLIYEETRGVLKVFLENVIRDAVTYTEHA
KRKTVTAMDVVYALKRQGRTLYGFGG
;
B,F
6 'polypeptide(L)'
;GSHMSGRGKQGGKARAKAKTRSSRAGLQFPVGRVHRLLRKGNYSERVGAGAPVYLAAVLEYLTAEILELAGNAARDNKKT
RIIPRHLQLAIRNDEELNKLLGRVTIAQGGVLPNIQAVLLPKKTESHHKAKGK
;
C,G
7 'polypeptide(L)'
;GSHMPEPAKSAPAPKKGSKKAVTKAQKKDGKKRKRSRKESYSIYVYKVLKQVHPDTGISSKAMGIMNSFVNDIFERIAGE
ASRLAHYNKRSTITSREIQTAVRLLLPGELAKHAVSEGTKAVTKYTSAK
;
D,H
8 'polypeptide(L)'
;MASWSHPQFEKVDENLYFQGGGRMSYNYVVTAQKPTAVNGCVTGHFTSAEDLNLLIAKNTRLEIYVVTAEGLRPVKEVGM
YGKIAVMELFRPKGESKDLLFILTAKYNACILEYKQSGESIDIITRAHGNVQDRIGRPSETGIIGIIDPECRMIGLRLYD
GLFKVIPLDRDNKELKAFNIRLEELHVIDVKFLYGCQAPTICFVYQDPQGRHVKTYEVSLREKEFNKGPWKQENVEAEAS
MVIAVPEPFGGAIIIGQESITYHNGDKYLAIAPPIIKQSTIVCHNRVDPNGSRYLLGDMEGRLFMLLLEKEEQMDGTVTL
KDLRVELLGETSIAECLTYLDNGVVFVGSRLGDSQLVKLNVDSNEQGSYVVAMETFTNLGPIVDMCVVDLERQGQGQLVT
CSGAFKEGSLRIIRNGIGIHEHASIDLPGIKGLWPLRSDPNRETDDTLVLSFVGQTRVLMLNGEEVEETELMGFVDDQQT
FFCGNVAHQQLIQITSASVRLVSQEPKALVSEWKEPQAKNISVASCNSSQVVVAVGRALYYLQIHPQELRQISHTEMEHE
VACLDITPLGDSNGLSPLCAIGLWTDISARILKLPSFELLHKEMLGGEIIPRSILMTTFESSHYLLCALGDGALFYFGLN
IETGLLSDRKKVTLGTQPTVLRTFRSLSTTNVFACSDRPTVIYSSNHKLVFSNVNLKEVNYMCPLNSDGYPDSLALANNS
TLTIGTIDEIQKLHIRTVPLYESPRKICYQEVSQCFGVLSSRIEVQDTSGGTTALRPSASTQALSSSVSSSKLFSSSTAP
HETSFGEEVEVHNLLIIDQHTFEVLHAHQFLQNEYALSLVSCKLGKDPNTYFIVGTAMVYPEEAEPKQGRIVVFQYSDGK
LQTVAEKEVKGAVYSMVEFNGKLLASINSTVRLYEWTTEKELRTECNHYNNIMALYLKTKGDFILVGDLMRSVLLLAYKP
MEGNFEEIARDFNPNWMSAVEILDDDNFLGAENAFNLFVCQKDSAATTDEERQHLQEVGLFHLGEFVNVFCHGSLVMQNL
GETSTPTQGSVLFGTVNGMIGLVTSLSESWYNLLLDMQNRLNKVIKSVGKIEHSFWRSFHTERKTEPATGFIDGDLIESF
LDISRPKMQEVVANLQYDDGSGMKREATADDLIKVVEELTRIH
;
K
#
# COMPACT_ATOMS: atom_id res chain seq x y z
N GLN C 84 -18.68 -8.51 9.90
CA GLN C 84 -20.02 -9.08 9.84
C GLN C 84 -20.87 -8.57 10.99
N ILE C 85 -20.39 -8.76 12.21
CA ILE C 85 -21.06 -8.29 13.41
C ILE C 85 -20.88 -6.77 13.47
N LEU C 86 -21.86 -6.07 14.04
CA LEU C 86 -22.04 -4.66 13.78
C LEU C 86 -22.42 -3.85 15.00
N PRO C 87 -22.37 -2.52 14.89
CA PRO C 87 -22.98 -1.65 15.92
C PRO C 87 -24.49 -1.69 15.85
N PRO C 88 -25.19 -0.84 16.67
CA PRO C 88 -26.66 -0.79 16.62
C PRO C 88 -27.34 -0.80 15.27
N CYS C 89 -28.42 -1.58 15.19
CA CYS C 89 -29.52 -1.43 14.24
C CYS C 89 -30.73 -2.34 14.41
N ARG C 90 -31.89 -1.84 14.01
CA ARG C 90 -33.15 -2.54 14.14
C ARG C 90 -34.19 -1.79 13.34
N SER C 91 -35.46 -2.14 13.53
CA SER C 91 -36.54 -1.22 13.20
C SER C 91 -36.57 -0.99 11.70
N ILE C 92 -36.32 -2.06 10.95
CA ILE C 92 -36.15 -2.02 9.51
C ILE C 92 -37.37 -1.39 8.87
N VAL C 93 -38.49 -2.09 9.00
CA VAL C 93 -39.73 -1.62 8.41
C VAL C 93 -40.30 -0.49 9.23
N ARG C 94 -39.96 -0.44 10.52
CA ARG C 94 -40.26 0.73 11.32
C ARG C 94 -39.65 1.96 10.67
N THR C 95 -38.37 1.88 10.36
CA THR C 95 -37.67 2.99 9.73
C THR C 95 -38.27 3.29 8.37
N LEU C 96 -38.51 2.24 7.58
CA LEU C 96 -39.14 2.42 6.28
C LEU C 96 -40.50 3.06 6.43
N HIS C 97 -41.25 2.67 7.45
CA HIS C 97 -42.54 3.27 7.68
C HIS C 97 -42.40 4.65 8.29
N GLN C 98 -41.44 4.84 9.18
CA GLN C 98 -41.23 6.15 9.75
C GLN C 98 -40.78 7.14 8.69
N HIS C 99 -40.19 6.63 7.60
CA HIS C 99 -39.99 7.45 6.42
C HIS C 99 -41.31 7.65 5.68
N LYS C 100 -42.17 6.63 5.69
CA LYS C 100 -43.52 6.83 5.19
C LYS C 100 -44.31 7.80 6.05
N LEU C 101 -43.86 8.04 7.29
CA LEU C 101 -44.47 9.04 8.14
C LEU C 101 -43.83 10.41 8.03
N GLY C 102 -42.62 10.49 7.50
CA GLY C 102 -41.83 11.68 7.63
C GLY C 102 -41.15 11.81 8.97
N ARG C 103 -41.33 10.83 9.86
CA ARG C 103 -40.72 10.90 11.17
C ARG C 103 -39.20 10.87 11.07
N ALA C 104 -38.67 9.81 10.49
CA ALA C 104 -37.23 9.59 10.43
C ALA C 104 -36.64 10.29 9.21
N SER C 105 -35.39 10.69 9.33
CA SER C 105 -34.70 11.37 8.24
C SER C 105 -34.07 10.36 7.29
N TRP C 106 -34.07 10.74 6.02
CA TRP C 106 -33.46 9.92 4.97
C TRP C 106 -32.02 9.54 5.29
N PRO C 107 -31.18 10.41 5.84
CA PRO C 107 -29.84 9.93 6.25
C PRO C 107 -29.91 8.82 7.27
N SER C 108 -30.80 8.92 8.25
CA SER C 108 -30.99 7.82 9.18
C SER C 108 -31.52 6.60 8.45
N VAL C 109 -32.41 6.83 7.50
CA VAL C 109 -32.88 5.75 6.64
C VAL C 109 -31.72 5.15 5.90
N GLN C 110 -31.07 5.98 5.09
CA GLN C 110 -29.91 5.58 4.31
C GLN C 110 -28.85 4.90 5.17
N GLN C 111 -28.78 5.25 6.47
CA GLN C 111 -27.84 4.58 7.34
C GLN C 111 -28.23 3.12 7.55
N GLY C 112 -29.51 2.85 7.75
CA GLY C 112 -29.93 1.50 8.05
C GLY C 112 -29.95 0.61 6.84
N LEU C 113 -29.82 1.19 5.65
CA LEU C 113 -29.82 0.43 4.42
C LEU C 113 -28.40 0.15 3.98
N GLN C 114 -27.48 1.04 4.34
CA GLN C 114 -26.06 0.71 4.33
C GLN C 114 -25.82 -0.56 5.11
N GLN C 115 -26.54 -0.73 6.22
CA GLN C 115 -26.41 -1.92 7.04
C GLN C 115 -26.89 -3.16 6.29
N SER C 116 -28.04 -3.05 5.64
CA SER C 116 -28.57 -4.20 4.92
C SER C 116 -27.62 -4.65 3.83
N PHE C 117 -26.98 -3.69 3.17
CA PHE C 117 -25.94 -4.04 2.21
C PHE C 117 -24.80 -4.73 2.92
N LEU C 118 -24.45 -4.27 4.12
CA LEU C 118 -23.40 -4.93 4.87
C LEU C 118 -23.84 -6.32 5.27
N HIS C 119 -25.12 -6.47 5.59
CA HIS C 119 -25.62 -7.79 5.95
C HIS C 119 -25.50 -8.75 4.79
N THR C 120 -26.11 -8.40 3.65
CA THR C 120 -26.02 -9.27 2.49
C THR C 120 -24.61 -9.39 1.96
N LEU C 121 -23.77 -8.38 2.19
CA LEU C 121 -22.38 -8.47 1.74
C LEU C 121 -21.62 -9.53 2.51
N ASP C 122 -22.10 -9.91 3.71
CA ASP C 122 -21.62 -11.11 4.36
C ASP C 122 -22.20 -12.39 3.74
N SER C 123 -23.02 -12.25 2.70
CA SER C 123 -23.53 -13.37 1.93
C SER C 123 -23.09 -13.33 0.48
N TYR C 124 -22.14 -12.44 0.15
CA TYR C 124 -21.43 -12.52 -1.12
C TYR C 124 -20.32 -13.57 -1.08
N ARG C 125 -20.26 -14.37 -0.01
CA ARG C 125 -19.10 -15.18 0.30
C ARG C 125 -18.81 -16.24 -0.74
N ILE C 126 -19.79 -16.56 -1.58
CA ILE C 126 -19.60 -17.50 -2.68
C ILE C 126 -19.17 -16.68 -3.89
N LEU C 127 -18.03 -17.04 -4.46
CA LEU C 127 -17.53 -16.33 -5.63
C LEU C 127 -18.17 -16.90 -6.88
N GLN C 128 -18.48 -16.02 -7.83
CA GLN C 128 -19.23 -16.42 -9.01
C GLN C 128 -18.31 -16.87 -10.13
N LYS C 129 -17.46 -15.98 -10.60
CA LYS C 129 -16.82 -16.13 -11.89
C LYS C 129 -15.36 -15.78 -11.81
N ALA C 130 -14.62 -16.30 -12.77
CA ALA C 130 -13.23 -15.97 -12.99
C ALA C 130 -13.00 -15.81 -14.48
N ALA C 131 -11.91 -15.16 -14.83
CA ALA C 131 -11.62 -14.92 -16.23
C ALA C 131 -10.13 -14.62 -16.40
N PRO C 132 -9.29 -15.63 -16.57
CA PRO C 132 -7.86 -15.36 -16.70
C PRO C 132 -7.42 -15.16 -18.13
N PHE C 133 -6.25 -14.58 -18.30
CA PHE C 133 -5.62 -14.39 -19.60
C PHE C 133 -4.13 -14.13 -19.34
N ASP C 134 -3.46 -13.56 -20.33
CA ASP C 134 -2.03 -13.28 -20.27
C ASP C 134 -1.75 -12.10 -19.34
N ARG C 135 -0.61 -11.41 -19.52
CA ARG C 135 0.09 -10.61 -18.51
C ARG C 135 -0.78 -9.79 -17.56
N ARG C 136 -0.23 -9.53 -16.35
CA ARG C 136 -0.94 -9.01 -15.19
C ARG C 136 -1.86 -7.84 -15.54
N ALA C 137 -2.86 -7.62 -14.68
CA ALA C 137 -3.78 -6.52 -14.86
C ALA C 137 -3.20 -5.24 -14.27
N THR C 138 -3.64 -4.09 -14.78
CA THR C 138 -3.16 -2.79 -14.32
C THR C 138 -4.25 -1.73 -14.17
N SER C 139 -5.46 -1.97 -14.64
CA SER C 139 -6.53 -1.00 -14.54
C SER C 139 -7.86 -1.70 -14.66
N LEU C 140 -8.94 -0.94 -14.49
CA LEU C 140 -10.27 -1.53 -14.46
C LEU C 140 -11.32 -0.46 -14.66
N ALA C 141 -12.46 -0.87 -15.18
CA ALA C 141 -13.54 0.07 -15.48
C ALA C 141 -14.81 -0.69 -15.83
N TRP C 142 -15.92 -0.24 -15.25
CA TRP C 142 -17.25 -0.76 -15.52
C TRP C 142 -17.90 -0.05 -16.68
N HIS C 143 -18.74 -0.77 -17.39
CA HIS C 143 -19.80 -0.18 -18.18
C HIS C 143 -20.72 0.59 -17.22
N PRO C 144 -20.96 1.89 -17.40
CA PRO C 144 -21.81 2.60 -16.43
C PRO C 144 -23.25 2.15 -16.46
N THR C 145 -23.84 2.02 -17.64
CA THR C 145 -25.24 1.66 -17.74
C THR C 145 -25.47 0.19 -17.41
N HIS C 146 -24.47 -0.64 -17.61
CA HIS C 146 -24.62 -2.07 -17.53
C HIS C 146 -23.90 -2.64 -16.31
N PRO C 147 -24.54 -3.50 -15.50
CA PRO C 147 -23.86 -3.99 -14.29
C PRO C 147 -22.79 -5.01 -14.60
N SER C 148 -23.11 -5.90 -15.52
CA SER C 148 -22.31 -7.09 -15.77
C SER C 148 -21.21 -6.86 -16.78
N THR C 149 -21.33 -5.86 -17.64
CA THR C 149 -20.31 -5.54 -18.62
C THR C 149 -19.18 -4.77 -17.96
N VAL C 150 -17.94 -5.17 -18.27
CA VAL C 150 -16.77 -4.54 -17.70
C VAL C 150 -15.65 -4.52 -18.72
N ALA C 151 -14.86 -3.46 -18.68
CA ALA C 151 -13.61 -3.37 -19.44
C ALA C 151 -12.45 -3.58 -18.48
N VAL C 152 -11.39 -4.18 -19.00
CA VAL C 152 -10.21 -4.49 -18.20
C VAL C 152 -9.01 -4.58 -19.12
N GLY C 153 -7.85 -4.24 -18.59
CA GLY C 153 -6.61 -4.19 -19.36
C GLY C 153 -5.49 -4.92 -18.67
N SER C 154 -4.36 -5.06 -19.36
CA SER C 154 -3.29 -5.94 -18.97
C SER C 154 -2.02 -5.17 -18.59
N LYS C 155 -1.01 -5.93 -18.19
CA LYS C 155 0.33 -5.41 -17.98
C LYS C 155 1.09 -5.29 -19.30
N GLY C 156 0.57 -5.89 -20.36
CA GLY C 156 1.12 -5.75 -21.68
C GLY C 156 0.18 -5.03 -22.63
N GLY C 157 -0.74 -4.23 -22.08
CA GLY C 157 -1.63 -3.47 -22.93
C GLY C 157 -2.62 -4.30 -23.71
N ASP C 158 -3.25 -5.27 -23.06
CA ASP C 158 -4.24 -6.14 -23.68
C ASP C 158 -5.58 -5.93 -23.00
N ILE C 159 -6.57 -5.49 -23.77
CA ILE C 159 -7.86 -5.13 -23.24
C ILE C 159 -8.81 -6.29 -23.40
N MET C 160 -9.74 -6.42 -22.46
CA MET C 160 -10.84 -7.36 -22.55
C MET C 160 -12.12 -6.65 -22.13
N LEU C 161 -13.22 -7.04 -22.76
CA LEU C 161 -14.54 -6.50 -22.48
C LEU C 161 -15.47 -7.65 -22.17
N TRP C 162 -15.71 -7.88 -20.89
CA TRP C 162 -16.42 -9.07 -20.42
C TRP C 162 -17.78 -8.68 -19.87
N ASN C 163 -18.79 -9.41 -20.32
CA ASN C 163 -20.15 -9.30 -19.82
C ASN C 163 -20.62 -10.65 -19.34
N PHE C 164 -21.64 -10.64 -18.50
CA PHE C 164 -22.11 -11.84 -17.81
C PHE C 164 -23.50 -12.19 -18.28
N GLY C 165 -23.82 -13.49 -18.20
CA GLY C 165 -25.09 -13.98 -18.69
C GLY C 165 -25.20 -13.98 -20.20
N ILE C 166 -24.07 -13.97 -20.90
CA ILE C 166 -24.04 -13.85 -22.35
C ILE C 166 -23.45 -15.09 -23.01
N LYS C 167 -22.32 -15.57 -22.52
CA LYS C 167 -21.65 -16.78 -23.02
C LYS C 167 -21.20 -16.65 -24.46
N ASP C 168 -20.95 -15.41 -24.93
CA ASP C 168 -20.48 -15.17 -26.29
C ASP C 168 -18.98 -14.89 -26.36
N LYS C 169 -18.19 -15.45 -25.43
CA LYS C 169 -16.73 -15.45 -25.50
C LYS C 169 -16.15 -14.06 -25.71
N PRO C 170 -15.97 -13.27 -24.64
CA PRO C 170 -15.90 -11.81 -24.78
C PRO C 170 -14.77 -11.30 -25.64
N THR C 171 -14.78 -9.98 -25.83
CA THR C 171 -13.88 -9.32 -26.76
C THR C 171 -12.46 -9.34 -26.22
N PHE C 172 -11.51 -9.24 -27.13
CA PHE C 172 -10.09 -9.22 -26.80
C PHE C 172 -9.36 -8.36 -27.82
N ILE C 173 -8.44 -7.54 -27.32
CA ILE C 173 -7.47 -6.87 -28.17
C ILE C 173 -6.10 -7.12 -27.57
N LYS C 174 -5.14 -7.42 -28.43
CA LYS C 174 -3.76 -7.65 -28.03
C LYS C 174 -2.94 -6.39 -28.26
N GLY C 175 -1.72 -6.41 -27.73
CA GLY C 175 -0.79 -5.32 -27.90
C GLY C 175 0.62 -5.83 -28.11
N ILE C 176 1.62 -4.98 -27.86
CA ILE C 176 3.00 -5.39 -28.04
C ILE C 176 3.36 -6.53 -27.09
N GLY C 177 2.88 -6.47 -25.85
CA GLY C 177 3.08 -7.51 -24.87
C GLY C 177 4.16 -7.26 -23.85
N ALA C 178 5.11 -6.38 -24.14
CA ALA C 178 6.25 -6.14 -23.26
C ALA C 178 6.27 -4.73 -22.68
N GLY C 179 6.29 -3.70 -23.52
CA GLY C 179 6.56 -2.34 -23.08
C GLY C 179 5.45 -1.34 -23.30
N GLY C 180 4.24 -1.81 -23.61
CA GLY C 180 3.09 -0.95 -23.86
C GLY C 180 2.01 -1.16 -22.84
N SER C 181 2.41 -1.22 -21.58
CA SER C 181 1.50 -1.56 -20.49
C SER C 181 0.42 -0.50 -20.37
N ILE C 182 -0.84 -0.90 -20.48
CA ILE C 182 -1.93 0.00 -20.16
C ILE C 182 -1.94 0.23 -18.65
N THR C 183 -2.20 1.47 -18.28
CA THR C 183 -2.20 1.88 -16.88
C THR C 183 -3.39 2.75 -16.51
N GLY C 184 -4.13 3.27 -17.46
CA GLY C 184 -5.34 4.00 -17.18
C GLY C 184 -6.41 3.67 -18.21
N LEU C 185 -7.65 3.57 -17.77
CA LEU C 185 -8.70 3.08 -18.65
C LEU C 185 -10.05 3.56 -18.14
N LYS C 186 -10.75 4.35 -18.96
CA LYS C 186 -12.11 4.78 -18.67
C LYS C 186 -12.90 4.77 -19.97
N PHE C 187 -14.14 4.27 -19.88
CA PHE C 187 -15.06 4.19 -21.00
C PHE C 187 -15.23 5.57 -21.65
N ASN C 188 -15.74 5.55 -22.89
CA ASN C 188 -16.25 6.76 -23.51
C ASN C 188 -17.69 6.98 -23.08
N PRO C 189 -18.04 8.10 -22.41
CA PRO C 189 -19.43 8.28 -21.99
C PRO C 189 -20.41 8.34 -23.13
N LEU C 190 -19.93 8.68 -24.33
CA LEU C 190 -20.79 8.92 -25.47
C LEU C 190 -21.09 7.61 -26.20
N ASN C 191 -20.04 6.88 -26.53
CA ASN C 191 -20.13 5.64 -27.28
C ASN C 191 -19.56 4.54 -26.39
N THR C 192 -20.46 3.78 -25.78
CA THR C 192 -20.03 2.77 -24.83
C THR C 192 -19.10 1.74 -25.44
N ASN C 193 -19.20 1.50 -26.73
CA ASN C 193 -18.27 0.61 -27.42
C ASN C 193 -16.98 1.30 -27.82
N GLN C 194 -16.71 2.51 -27.29
CA GLN C 194 -15.42 3.16 -27.34
C GLN C 194 -14.83 3.22 -25.94
N PHE C 195 -13.58 3.67 -25.85
CA PHE C 195 -12.92 3.76 -24.56
C PHE C 195 -11.62 4.52 -24.70
N TYR C 196 -11.26 5.21 -23.63
CA TYR C 196 -10.00 5.92 -23.54
C TYR C 196 -8.97 5.04 -22.83
N ALA C 197 -7.72 5.15 -23.28
CA ALA C 197 -6.68 4.26 -22.77
C ALA C 197 -5.36 5.01 -22.63
N SER C 198 -4.64 4.69 -21.56
CA SER C 198 -3.35 5.26 -21.22
C SER C 198 -2.34 4.14 -21.07
N SER C 199 -1.25 4.21 -21.84
CA SER C 199 -0.29 3.11 -21.91
C SER C 199 1.13 3.57 -21.65
N MET C 200 1.99 2.59 -21.45
CA MET C 200 3.42 2.81 -21.35
C MET C 200 4.03 3.27 -22.66
N GLU C 201 3.34 3.06 -23.79
CA GLU C 201 3.85 3.53 -25.06
C GLU C 201 3.95 5.04 -25.13
N GLY C 202 3.29 5.76 -24.22
CA GLY C 202 3.22 7.20 -24.34
C GLY C 202 2.21 7.66 -25.35
N THR C 203 1.05 7.01 -25.44
CA THR C 203 0.02 7.32 -26.43
C THR C 203 -1.33 7.35 -25.72
N THR C 204 -1.70 8.50 -25.18
CA THR C 204 -3.04 8.69 -24.67
C THR C 204 -4.01 8.63 -25.83
N ARG C 205 -4.90 7.65 -25.83
CA ARG C 205 -5.69 7.32 -27.00
C ARG C 205 -7.15 7.03 -26.66
N LEU C 206 -7.97 7.09 -27.71
CA LEU C 206 -9.35 6.62 -27.68
C LEU C 206 -9.50 5.57 -28.77
N GLN C 207 -10.02 4.41 -28.41
CA GLN C 207 -9.96 3.23 -29.28
C GLN C 207 -11.27 2.46 -29.18
N ASP C 208 -11.53 1.66 -30.22
CA ASP C 208 -12.68 0.78 -30.31
C ASP C 208 -12.34 -0.61 -29.81
N PHE C 209 -13.35 -1.28 -29.26
CA PHE C 209 -13.21 -2.66 -28.82
C PHE C 209 -12.90 -3.62 -29.95
N LYS C 210 -13.17 -3.23 -31.19
CA LYS C 210 -12.77 -4.00 -32.36
C LYS C 210 -11.36 -3.66 -32.82
N GLY C 211 -10.63 -2.84 -32.06
CA GLY C 211 -9.22 -2.59 -32.29
C GLY C 211 -8.93 -1.29 -32.99
N ASN C 212 -9.87 -0.81 -33.81
CA ASN C 212 -9.62 0.36 -34.64
C ASN C 212 -9.42 1.59 -33.76
N ILE C 213 -8.28 2.24 -33.92
CA ILE C 213 -7.99 3.47 -33.20
C ILE C 213 -8.71 4.60 -33.89
N LEU C 214 -9.49 5.35 -33.11
CA LEU C 214 -10.19 6.51 -33.65
C LEU C 214 -9.30 7.74 -33.59
N ARG C 215 -8.59 7.90 -32.48
CA ARG C 215 -7.83 9.12 -32.29
C ARG C 215 -6.85 8.97 -31.15
N VAL C 216 -5.62 9.41 -31.37
CA VAL C 216 -4.71 9.70 -30.28
C VAL C 216 -5.05 11.08 -29.75
N PHE C 217 -4.66 11.33 -28.50
CA PHE C 217 -4.91 12.59 -27.84
C PHE C 217 -3.64 13.35 -27.50
N ALA C 218 -2.56 12.66 -27.15
CA ALA C 218 -1.30 13.31 -26.81
C ALA C 218 -0.17 12.32 -27.06
N SER C 219 1.05 12.72 -26.72
CA SER C 219 2.20 11.87 -26.95
C SER C 219 3.41 12.46 -26.27
N SER C 220 4.30 11.57 -25.84
CA SER C 220 5.62 11.99 -25.40
C SER C 220 6.46 12.45 -26.58
N ASP C 221 6.34 11.75 -27.70
CA ASP C 221 7.22 11.91 -28.86
C ASP C 221 8.67 11.61 -28.52
N THR C 222 8.91 10.83 -27.47
CA THR C 222 10.26 10.46 -27.06
C THR C 222 10.14 9.31 -26.09
N ILE C 223 10.95 8.28 -26.30
CA ILE C 223 10.86 7.07 -25.51
C ILE C 223 11.37 7.32 -24.10
N ASN C 224 11.21 6.31 -23.23
CA ASN C 224 11.39 6.35 -21.78
C ASN C 224 10.58 7.46 -21.11
N ILE C 225 9.53 7.94 -21.76
CA ILE C 225 8.61 8.92 -21.20
C ILE C 225 7.22 8.49 -21.64
N TRP C 226 6.33 8.28 -20.67
CA TRP C 226 5.01 7.74 -20.92
C TRP C 226 4.06 8.28 -19.89
N PHE C 227 2.79 7.90 -20.01
CA PHE C 227 1.73 8.39 -19.16
C PHE C 227 1.39 7.33 -18.10
N CYS C 228 0.92 7.80 -16.95
CA CYS C 228 0.64 6.92 -15.82
C CYS C 228 -0.81 7.02 -15.37
N SER C 229 -1.36 8.25 -15.38
CA SER C 229 -2.70 8.51 -14.87
C SER C 229 -3.56 9.09 -15.99
N LEU C 230 -4.87 8.98 -15.80
CA LEU C 230 -5.82 9.42 -16.81
C LEU C 230 -7.22 9.45 -16.20
N ASP C 231 -8.00 10.45 -16.59
CA ASP C 231 -9.42 10.47 -16.28
C ASP C 231 -10.09 11.44 -17.24
N VAL C 232 -11.42 11.35 -17.32
CA VAL C 232 -12.20 12.16 -18.26
C VAL C 232 -13.52 12.56 -17.60
N SER C 233 -14.02 13.73 -18.00
CA SER C 233 -15.34 14.22 -17.62
C SER C 233 -16.24 14.23 -18.83
N ALA C 234 -17.54 14.37 -18.58
CA ALA C 234 -18.57 14.41 -19.60
C ALA C 234 -19.53 15.57 -19.40
N SER C 235 -19.84 15.90 -18.15
CA SER C 235 -20.60 17.12 -17.91
C SER C 235 -19.78 18.33 -18.31
N SER C 236 -18.47 18.27 -18.08
CA SER C 236 -17.53 19.24 -18.59
C SER C 236 -16.89 18.79 -19.89
N ARG C 237 -16.90 17.50 -20.19
CA ARG C 237 -16.33 16.97 -21.42
C ARG C 237 -14.84 17.28 -21.49
N MET C 238 -14.15 16.94 -20.40
CA MET C 238 -12.75 17.29 -20.22
C MET C 238 -11.95 16.04 -19.93
N VAL C 239 -10.81 15.93 -20.60
CA VAL C 239 -9.88 14.82 -20.48
C VAL C 239 -8.66 15.29 -19.71
N VAL C 240 -8.04 14.40 -18.95
CA VAL C 240 -6.84 14.73 -18.20
C VAL C 240 -5.99 13.49 -18.03
N THR C 241 -4.68 13.68 -18.01
CA THR C 241 -3.74 12.57 -17.85
C THR C 241 -2.50 13.04 -17.12
N GLY C 242 -1.86 12.08 -16.44
CA GLY C 242 -0.63 12.31 -15.75
C GLY C 242 0.55 11.64 -16.42
N ASP C 243 1.74 11.90 -15.91
CA ASP C 243 2.98 11.43 -16.49
C ASP C 243 3.86 10.79 -15.42
N ASN C 244 4.94 10.18 -15.88
CA ASN C 244 5.93 9.58 -15.00
C ASN C 244 7.01 10.56 -14.57
N VAL C 245 6.84 11.86 -14.86
CA VAL C 245 7.84 12.87 -14.53
C VAL C 245 7.26 13.86 -13.53
N GLY C 246 5.96 14.11 -13.62
CA GLY C 246 5.26 14.98 -12.69
C GLY C 246 4.53 16.14 -13.32
N ASN C 247 4.45 16.17 -14.65
CA ASN C 247 3.68 17.19 -15.35
C ASN C 247 2.39 16.58 -15.87
N VAL C 248 1.36 17.40 -15.89
CA VAL C 248 -0.01 16.94 -16.07
C VAL C 248 -0.61 17.64 -17.26
N ILE C 249 -1.46 16.90 -17.97
CA ILE C 249 -2.00 17.31 -19.25
C ILE C 249 -3.52 17.18 -19.20
N LEU C 250 -4.20 18.14 -19.83
CA LEU C 250 -5.65 18.30 -19.75
C LEU C 250 -6.16 18.61 -21.14
N LEU C 251 -7.05 17.76 -21.65
CA LEU C 251 -7.62 17.93 -22.97
C LEU C 251 -9.13 18.06 -22.88
N ASN C 252 -9.71 18.46 -24.02
CA ASN C 252 -11.14 18.40 -24.24
C ASN C 252 -11.48 17.12 -25.00
N MET C 253 -12.78 16.91 -25.23
CA MET C 253 -13.22 15.73 -25.96
C MET C 253 -12.83 15.78 -27.43
N ASP C 254 -12.35 16.91 -27.93
CA ASP C 254 -11.94 17.07 -29.31
C ASP C 254 -10.59 17.79 -29.39
N GLY C 255 -9.63 17.37 -28.58
CA GLY C 255 -8.31 17.97 -28.59
C GLY C 255 -8.27 19.22 -27.74
N LYS C 256 -7.86 20.34 -28.36
CA LYS C 256 -7.84 21.65 -27.71
C LYS C 256 -6.96 21.63 -26.45
N GLU C 257 -5.67 21.48 -26.69
CA GLU C 257 -4.70 21.40 -25.61
C GLU C 257 -4.39 22.79 -25.07
N LEU C 258 -4.82 23.05 -23.83
CA LEU C 258 -4.34 24.19 -23.05
C LEU C 258 -3.97 23.62 -21.69
N TRP C 259 -2.78 23.04 -21.59
CA TRP C 259 -2.29 22.43 -20.36
C TRP C 259 -0.84 21.99 -20.59
N ASN C 260 -0.36 21.02 -19.78
CA ASN C 260 1.00 20.45 -19.82
C ASN C 260 2.00 21.27 -19.03
N LEU C 261 1.52 22.10 -18.11
CA LEU C 261 2.39 22.61 -17.06
C LEU C 261 2.75 21.47 -16.14
N ARG C 262 3.70 21.73 -15.24
CA ARG C 262 4.07 20.76 -14.24
C ARG C 262 3.37 21.03 -12.92
N MET C 263 3.05 19.96 -12.21
CA MET C 263 2.34 20.01 -10.95
C MET C 263 3.11 19.41 -9.79
N HIS C 264 3.84 18.32 -10.05
CA HIS C 264 4.60 17.63 -9.03
C HIS C 264 6.01 17.43 -9.55
N LYS C 265 6.85 16.84 -8.71
CA LYS C 265 8.26 16.60 -9.03
C LYS C 265 8.54 15.18 -9.50
N LYS C 266 7.62 14.24 -9.26
CA LYS C 266 7.84 12.84 -9.61
C LYS C 266 6.57 12.31 -10.26
N LYS C 267 6.57 11.01 -10.54
CA LYS C 267 5.51 10.39 -11.33
C LYS C 267 4.15 10.64 -10.72
N VAL C 268 3.15 10.78 -11.59
CA VAL C 268 1.78 11.05 -11.20
C VAL C 268 1.07 9.72 -11.11
N THR C 269 0.78 9.28 -9.90
CA THR C 269 0.22 7.95 -9.68
C THR C 269 -1.22 7.88 -10.19
N HIS C 270 -2.04 8.82 -9.75
CA HIS C 270 -3.47 8.77 -10.01
C HIS C 270 -3.96 10.19 -10.22
N VAL C 271 -5.13 10.28 -10.85
CA VAL C 271 -5.76 11.57 -11.09
C VAL C 271 -7.26 11.35 -11.24
N ALA C 272 -8.06 12.33 -10.84
CA ALA C 272 -9.50 12.20 -10.88
C ALA C 272 -10.14 13.56 -10.70
N LEU C 273 -11.34 13.71 -11.26
CA LEU C 273 -12.07 14.97 -11.28
C LEU C 273 -13.32 14.87 -10.42
N ASN C 274 -13.86 16.01 -10.11
CA ASN C 274 -15.07 16.03 -9.32
C ASN C 274 -16.27 15.69 -10.19
N PRO C 275 -17.22 14.89 -9.69
CA PRO C 275 -18.44 14.66 -10.44
C PRO C 275 -19.49 15.73 -10.19
N CYS C 276 -19.46 16.32 -8.99
CA CYS C 276 -20.50 17.25 -8.57
C CYS C 276 -20.29 18.66 -9.11
N CYS C 277 -19.22 19.30 -8.71
CA CYS C 277 -18.69 20.43 -9.45
C CYS C 277 -17.89 19.87 -10.62
N ASP C 278 -17.31 20.78 -11.42
CA ASP C 278 -16.71 20.41 -12.68
C ASP C 278 -15.32 20.99 -12.94
N TRP C 279 -14.81 21.88 -12.09
CA TRP C 279 -13.67 22.70 -12.47
C TRP C 279 -12.69 22.88 -11.32
N PHE C 280 -12.63 21.94 -10.39
CA PHE C 280 -11.45 21.79 -9.56
C PHE C 280 -10.96 20.35 -9.63
N LEU C 281 -9.65 20.22 -9.70
CA LEU C 281 -8.98 18.95 -9.92
C LEU C 281 -8.21 18.56 -8.66
N ALA C 282 -7.96 17.26 -8.53
CA ALA C 282 -7.00 16.72 -7.59
C ALA C 282 -5.96 15.93 -8.36
N THR C 283 -4.81 15.70 -7.74
CA THR C 283 -3.79 14.90 -8.40
C THR C 283 -2.81 14.33 -7.40
N ALA C 284 -2.37 13.10 -7.66
CA ALA C 284 -1.49 12.35 -6.78
C ALA C 284 -0.21 11.99 -7.52
N SER C 285 0.88 11.95 -6.76
CA SER C 285 2.18 11.65 -7.34
C SER C 285 3.02 10.93 -6.29
N VAL C 286 4.25 10.59 -6.70
CA VAL C 286 5.19 9.93 -5.80
C VAL C 286 5.75 10.88 -4.76
N ASP C 287 5.50 12.17 -4.88
CA ASP C 287 6.13 13.19 -4.07
C ASP C 287 5.59 13.25 -2.64
N GLN C 288 4.81 12.26 -2.19
CA GLN C 288 4.20 12.24 -0.87
C GLN C 288 3.27 13.43 -0.66
N THR C 289 2.75 13.99 -1.75
CA THR C 289 1.86 15.13 -1.70
C THR C 289 0.77 14.93 -2.71
N VAL C 290 -0.42 15.38 -2.37
CA VAL C 290 -1.57 15.38 -3.26
C VAL C 290 -2.03 16.81 -3.37
N LYS C 291 -2.40 17.20 -4.58
CA LYS C 291 -2.59 18.60 -4.93
C LYS C 291 -3.96 18.82 -5.53
N ILE C 292 -4.66 19.79 -4.98
CA ILE C 292 -5.99 20.18 -5.44
C ILE C 292 -5.85 21.43 -6.29
N TRP C 293 -6.34 21.36 -7.51
CA TRP C 293 -6.23 22.44 -8.48
C TRP C 293 -7.61 22.98 -8.86
N ASP C 294 -7.59 24.15 -9.49
CA ASP C 294 -8.77 24.80 -10.06
C ASP C 294 -8.42 25.07 -11.52
N LEU C 295 -8.71 24.08 -12.37
CA LEU C 295 -8.20 24.00 -13.75
C LEU C 295 -8.39 25.28 -14.55
N ARG C 296 -9.42 26.05 -14.25
CA ARG C 296 -9.78 27.21 -15.05
C ARG C 296 -9.12 28.49 -14.58
N GLN C 297 -8.87 28.60 -13.28
CA GLN C 297 -8.30 29.81 -12.70
C GLN C 297 -6.79 29.77 -12.66
N VAL C 298 -6.21 28.59 -12.47
CA VAL C 298 -4.77 28.46 -12.24
C VAL C 298 -4.09 28.11 -13.55
N ARG C 299 -3.07 28.89 -13.88
CA ARG C 299 -2.21 28.61 -15.02
C ARG C 299 -0.75 28.90 -14.70
N GLY C 300 -0.40 29.11 -13.42
CA GLY C 300 0.83 29.76 -13.05
C GLY C 300 1.84 28.89 -12.35
N LYS C 301 1.90 27.60 -12.71
CA LYS C 301 2.99 26.72 -12.32
C LYS C 301 3.09 26.62 -10.79
N ALA C 302 2.09 25.93 -10.23
CA ALA C 302 1.91 25.78 -8.78
C ALA C 302 1.36 27.06 -8.19
N SER C 303 0.45 27.69 -8.94
CA SER C 303 -0.49 28.64 -8.37
C SER C 303 -1.74 27.87 -7.98
N PHE C 304 -1.54 26.80 -7.21
CA PHE C 304 -2.57 25.82 -6.94
C PHE C 304 -3.57 26.37 -5.93
N LEU C 305 -4.46 25.48 -5.47
CA LEU C 305 -5.45 25.79 -4.45
C LEU C 305 -5.08 25.22 -3.09
N TYR C 306 -4.86 23.92 -3.03
CA TYR C 306 -4.45 23.25 -1.80
C TYR C 306 -3.36 22.24 -2.14
N SER C 307 -2.69 21.76 -1.09
CA SER C 307 -1.67 20.72 -1.23
C SER C 307 -1.53 20.03 0.11
N LEU C 308 -1.77 18.71 0.14
CA LEU C 308 -1.77 17.96 1.38
C LEU C 308 -0.50 17.12 1.48
N PRO C 309 0.32 17.28 2.50
CA PRO C 309 1.51 16.43 2.63
C PRO C 309 1.17 15.07 3.22
N HIS C 310 2.09 14.14 3.01
CA HIS C 310 1.90 12.77 3.45
C HIS C 310 3.24 12.19 3.88
N ARG C 311 3.17 11.24 4.80
CA ARG C 311 4.36 10.59 5.35
C ARG C 311 5.12 9.76 4.32
N HIS C 312 4.43 9.26 3.30
CA HIS C 312 5.03 8.42 2.28
C HIS C 312 4.42 8.81 0.94
N PRO C 313 4.91 8.29 -0.18
CA PRO C 313 4.24 8.53 -1.45
C PRO C 313 2.85 7.92 -1.43
N VAL C 314 2.07 8.31 -2.42
CA VAL C 314 0.65 8.00 -2.48
C VAL C 314 0.37 7.31 -3.79
N ASN C 315 -0.48 6.29 -3.74
CA ASN C 315 -0.92 5.63 -4.95
C ASN C 315 -2.13 6.30 -5.58
N ALA C 316 -3.09 6.74 -4.76
CA ALA C 316 -4.32 7.25 -5.32
C ALA C 316 -4.99 8.21 -4.36
N ALA C 317 -5.89 9.00 -4.92
CA ALA C 317 -6.72 9.94 -4.16
C ALA C 317 -7.98 10.17 -4.98
N CYS C 318 -9.12 9.76 -4.45
CA CYS C 318 -10.36 9.71 -5.20
C CYS C 318 -11.45 10.47 -4.46
N PHE C 319 -12.05 11.43 -5.15
CA PHE C 319 -13.23 12.10 -4.63
C PHE C 319 -14.34 11.09 -4.35
N SER C 320 -15.34 11.54 -3.63
CA SER C 320 -16.56 10.79 -3.47
C SER C 320 -17.41 10.96 -4.72
N PRO C 321 -18.46 10.18 -4.86
CA PRO C 321 -19.51 10.56 -5.80
C PRO C 321 -20.16 11.84 -5.31
N ASP C 322 -20.29 11.92 -3.99
CA ASP C 322 -20.77 13.15 -3.36
C ASP C 322 -19.80 14.29 -3.59
N GLY C 323 -18.53 13.98 -3.82
CA GLY C 323 -17.52 14.97 -4.10
C GLY C 323 -16.96 15.66 -2.88
N ALA C 324 -17.63 15.55 -1.73
CA ALA C 324 -17.22 16.24 -0.52
C ALA C 324 -16.14 15.51 0.25
N ARG C 325 -16.10 14.19 0.14
CA ARG C 325 -15.24 13.34 0.94
C ARG C 325 -14.14 12.78 0.05
N LEU C 326 -13.00 13.46 0.01
CA LEU C 326 -11.89 13.03 -0.81
C LEU C 326 -11.10 11.97 -0.06
N LEU C 327 -10.95 10.81 -0.69
CA LEU C 327 -10.26 9.68 -0.11
C LEU C 327 -8.82 9.67 -0.59
N THR C 328 -7.95 9.01 0.15
CA THR C 328 -6.55 8.97 -0.19
C THR C 328 -5.91 7.71 0.35
N THR C 329 -5.02 7.14 -0.44
CA THR C 329 -4.26 5.96 -0.07
C THR C 329 -2.78 6.25 -0.18
N ASP C 330 -2.02 5.84 0.82
CA ASP C 330 -0.59 6.02 0.81
C ASP C 330 0.04 4.89 0.00
N GLN C 331 1.35 4.74 0.14
CA GLN C 331 2.07 3.58 -0.35
C GLN C 331 2.57 2.67 0.75
N LYS C 332 2.70 3.17 1.98
CA LYS C 332 3.31 2.39 3.04
C LYS C 332 2.24 1.64 3.82
N SER C 333 1.45 2.35 4.63
CA SER C 333 0.23 1.76 5.21
C SER C 333 -0.60 2.89 5.80
N GLU C 334 -1.62 3.33 5.06
CA GLU C 334 -2.53 4.34 5.57
C GLU C 334 -3.65 4.55 4.55
N ILE C 335 -4.78 4.98 5.06
CA ILE C 335 -5.79 5.64 4.25
C ILE C 335 -6.19 6.91 4.98
N ARG C 336 -6.29 7.99 4.22
CA ARG C 336 -6.63 9.29 4.77
C ARG C 336 -7.94 9.73 4.14
N VAL C 337 -8.72 10.43 4.94
CA VAL C 337 -10.05 10.88 4.57
C VAL C 337 -10.08 12.38 4.68
N TYR C 338 -9.97 13.03 3.52
CA TYR C 338 -10.01 14.49 3.45
C TYR C 338 -11.38 14.91 2.93
N SER C 339 -12.09 15.65 3.77
CA SER C 339 -13.40 16.18 3.42
C SER C 339 -13.27 17.59 2.86
N ALA C 340 -14.38 18.03 2.28
CA ALA C 340 -14.59 19.42 1.91
C ALA C 340 -14.10 20.39 2.97
N SER C 341 -14.58 20.22 4.20
CA SER C 341 -14.40 21.22 5.23
C SER C 341 -12.92 21.29 5.60
N GLN C 342 -12.25 22.35 5.11
CA GLN C 342 -10.84 22.58 5.40
C GLN C 342 -10.00 21.37 4.99
N TRP C 343 -9.89 21.21 3.67
CA TRP C 343 -9.15 20.13 3.02
C TRP C 343 -7.86 19.74 3.72
N ASP C 344 -7.16 20.75 4.26
CA ASP C 344 -5.85 20.54 4.86
C ASP C 344 -5.91 19.47 5.95
N CYS C 345 -6.60 19.76 7.03
CA CYS C 345 -6.59 18.79 8.11
C CYS C 345 -7.47 17.61 7.72
N PRO C 346 -7.16 16.41 8.21
CA PRO C 346 -7.99 15.25 7.90
C PRO C 346 -9.03 14.95 8.96
N LEU C 347 -9.86 13.95 8.67
CA LEU C 347 -10.94 13.58 9.57
C LEU C 347 -10.53 12.42 10.48
N GLY C 348 -10.25 11.28 9.87
CA GLY C 348 -9.91 10.09 10.62
C GLY C 348 -9.01 9.20 9.79
N LEU C 349 -8.04 8.60 10.47
CA LEU C 349 -7.01 7.81 9.82
C LEU C 349 -7.41 6.35 9.85
N ILE C 350 -7.42 5.73 8.66
CA ILE C 350 -7.72 4.31 8.55
C ILE C 350 -6.42 3.61 8.20
N PRO C 351 -5.59 3.29 9.18
CA PRO C 351 -4.36 2.57 8.87
C PRO C 351 -4.67 1.18 8.34
N HIS C 352 -3.88 0.74 7.37
CA HIS C 352 -4.14 -0.54 6.76
C HIS C 352 -2.93 -0.99 5.96
N PRO C 353 -2.62 -2.29 5.92
CA PRO C 353 -1.50 -2.74 5.10
C PRO C 353 -1.90 -3.04 3.66
N HIS C 354 -1.32 -2.28 2.75
CA HIS C 354 -1.53 -2.45 1.32
C HIS C 354 -0.21 -2.18 0.61
N ARG C 355 0.84 -2.81 1.13
CA ARG C 355 2.21 -2.30 0.95
C ARG C 355 2.65 -2.27 -0.50
N HIS C 356 3.57 -1.35 -0.78
CA HIS C 356 4.13 -1.16 -2.11
C HIS C 356 5.05 -2.32 -2.49
N PHE C 357 5.21 -2.50 -3.80
CA PHE C 357 6.04 -3.57 -4.36
C PHE C 357 6.11 -3.35 -5.87
N GLN C 358 7.20 -3.82 -6.46
CA GLN C 358 7.47 -3.58 -7.86
C GLN C 358 6.56 -4.37 -8.78
N HIS C 359 6.61 -5.70 -8.68
CA HIS C 359 5.89 -6.53 -9.63
C HIS C 359 4.41 -6.68 -9.30
N LEU C 360 3.98 -6.23 -8.13
CA LEU C 360 2.57 -6.22 -7.79
C LEU C 360 1.93 -4.94 -8.29
N THR C 361 0.73 -5.08 -8.78
CA THR C 361 0.02 -3.92 -9.29
C THR C 361 -0.31 -2.98 -8.13
N PRO C 362 -0.23 -1.67 -8.30
CA PRO C 362 -0.50 -0.78 -7.18
C PRO C 362 -1.93 -0.89 -6.73
N ILE C 363 -2.09 -0.78 -5.45
CA ILE C 363 -3.39 -0.93 -4.82
C ILE C 363 -4.10 0.40 -4.88
N LYS C 364 -5.42 0.34 -5.09
CA LYS C 364 -6.25 1.53 -5.19
C LYS C 364 -7.56 1.23 -4.49
N ALA C 365 -7.72 1.81 -3.31
CA ALA C 365 -9.00 1.75 -2.63
C ALA C 365 -10.08 2.41 -3.48
N ALA C 366 -11.33 2.27 -3.05
CA ALA C 366 -12.41 2.90 -3.77
C ALA C 366 -13.62 3.10 -2.88
N TRP C 367 -14.51 3.96 -3.36
CA TRP C 367 -15.75 4.30 -2.69
C TRP C 367 -16.88 3.39 -3.15
N HIS C 368 -17.89 3.28 -2.32
CA HIS C 368 -19.18 2.84 -2.80
C HIS C 368 -19.87 4.00 -3.48
N PRO C 369 -20.54 3.83 -4.64
CA PRO C 369 -21.12 5.00 -5.30
C PRO C 369 -22.27 5.60 -4.53
N ARG C 370 -22.84 4.89 -3.55
CA ARG C 370 -24.09 5.26 -2.93
C ARG C 370 -24.11 5.10 -1.43
N TYR C 371 -23.03 4.60 -0.83
CA TYR C 371 -22.89 4.62 0.61
C TYR C 371 -21.61 5.37 0.96
N ASN C 372 -21.35 5.56 2.26
CA ASN C 372 -20.08 6.11 2.72
C ASN C 372 -19.13 4.98 3.08
N LEU C 373 -19.24 3.86 2.37
CA LEU C 373 -18.38 2.72 2.57
C LEU C 373 -17.11 2.85 1.74
N ILE C 374 -16.07 2.14 2.16
CA ILE C 374 -14.83 2.04 1.42
C ILE C 374 -14.41 0.58 1.37
N VAL C 375 -13.87 0.18 0.23
CA VAL C 375 -13.45 -1.20 0.00
C VAL C 375 -11.99 -1.18 -0.43
N VAL C 376 -11.19 -2.03 0.22
CA VAL C 376 -9.76 -2.08 0.01
C VAL C 376 -9.33 -3.54 0.10
N GLY C 377 -8.27 -3.88 -0.62
CA GLY C 377 -7.64 -5.18 -0.53
C GLY C 377 -6.47 -5.13 0.44
N ARG C 378 -6.30 -6.21 1.20
CA ARG C 378 -5.28 -6.29 2.23
C ARG C 378 -4.02 -6.95 1.71
N TYR C 379 -2.87 -6.33 2.00
CA TYR C 379 -1.56 -6.91 1.72
C TYR C 379 -0.83 -7.02 3.04
N PRO C 380 -1.07 -8.10 3.82
CA PRO C 380 -0.48 -8.19 5.16
C PRO C 380 1.02 -8.05 5.20
N ASP C 381 1.49 -7.47 6.31
CA ASP C 381 2.89 -7.16 6.54
C ASP C 381 3.14 -7.50 8.01
N PRO C 382 4.16 -8.29 8.35
CA PRO C 382 4.42 -8.53 9.77
C PRO C 382 4.76 -7.29 10.55
N ASN C 383 5.21 -6.22 9.89
CA ASN C 383 5.56 -4.99 10.58
C ASN C 383 4.34 -4.15 10.96
N PHE C 384 3.18 -4.43 10.37
CA PHE C 384 1.98 -3.66 10.66
C PHE C 384 1.50 -3.95 12.07
N LYS C 385 1.12 -2.89 12.78
CA LYS C 385 0.52 -3.05 14.09
C LYS C 385 -0.94 -3.45 13.93
N SER C 386 -1.17 -4.74 13.68
CA SER C 386 -2.51 -5.22 13.37
C SER C 386 -3.41 -5.11 14.58
N CYS C 387 -4.60 -4.55 14.38
CA CYS C 387 -5.61 -4.54 15.43
C CYS C 387 -6.28 -5.90 15.54
N THR C 388 -6.67 -6.47 14.42
CA THR C 388 -7.16 -7.83 14.41
C THR C 388 -5.98 -8.81 14.44
N PRO C 389 -6.06 -9.90 15.22
CA PRO C 389 -4.88 -10.77 15.35
C PRO C 389 -4.71 -11.77 14.20
N TYR C 390 -5.71 -11.92 13.33
CA TYR C 390 -5.63 -12.80 12.17
C TYR C 390 -5.36 -11.95 10.95
N GLU C 391 -4.27 -12.26 10.24
CA GLU C 391 -3.74 -11.41 9.19
C GLU C 391 -3.71 -12.21 7.89
N LEU C 392 -4.62 -11.89 6.99
CA LEU C 392 -4.78 -12.61 5.75
C LEU C 392 -5.07 -11.65 4.62
N ARG C 393 -4.56 -12.00 3.44
CA ARG C 393 -4.86 -11.25 2.23
C ARG C 393 -6.34 -11.40 1.93
N THR C 394 -7.03 -10.28 1.78
CA THR C 394 -8.47 -10.32 1.55
C THR C 394 -8.94 -8.92 1.20
N ILE C 395 -10.25 -8.78 1.14
CA ILE C 395 -10.89 -7.49 0.89
C ILE C 395 -11.70 -7.14 2.12
N ASP C 396 -11.48 -5.93 2.62
CA ASP C 396 -12.16 -5.42 3.79
C ASP C 396 -13.14 -4.34 3.36
N VAL C 397 -14.09 -4.04 4.25
CA VAL C 397 -15.17 -3.11 3.97
C VAL C 397 -15.26 -2.16 5.15
N PHE C 398 -14.96 -0.88 4.92
CA PHE C 398 -14.96 0.13 5.96
C PHE C 398 -16.14 1.06 5.79
N ASP C 399 -16.48 1.72 6.89
CA ASP C 399 -17.39 2.87 6.88
C ASP C 399 -16.55 4.14 6.75
N GLY C 400 -17.07 5.10 6.00
CA GLY C 400 -16.30 6.30 5.73
C GLY C 400 -16.18 7.21 6.93
N ASN C 401 -17.30 7.77 7.37
CA ASN C 401 -17.28 8.81 8.39
C ASN C 401 -16.99 8.28 9.78
N SER C 402 -16.80 6.97 9.96
CA SER C 402 -16.48 6.39 11.27
C SER C 402 -15.00 6.06 11.37
N GLY C 403 -14.50 5.22 10.48
CA GLY C 403 -13.10 4.84 10.45
C GLY C 403 -12.87 3.36 10.56
N LYS C 404 -13.85 2.62 11.08
CA LYS C 404 -13.65 1.23 11.46
C LYS C 404 -14.38 0.28 10.50
N MET C 405 -13.80 -0.91 10.38
CA MET C 405 -14.22 -1.91 9.42
C MET C 405 -15.63 -2.40 9.71
N MET C 406 -16.24 -3.03 8.70
CA MET C 406 -17.59 -3.55 8.81
C MET C 406 -17.80 -4.93 8.21
N CYS C 407 -17.00 -5.35 7.24
CA CYS C 407 -17.17 -6.66 6.62
C CYS C 407 -15.89 -7.01 5.90
N GLN C 408 -15.72 -8.30 5.63
CA GLN C 408 -14.48 -8.81 5.05
C GLN C 408 -14.82 -9.91 4.07
N LEU C 409 -14.14 -9.93 2.92
CA LEU C 409 -14.41 -10.88 1.86
C LEU C 409 -13.22 -11.80 1.67
N TYR C 410 -13.42 -13.08 1.97
CA TYR C 410 -12.36 -14.06 1.86
C TYR C 410 -12.87 -15.25 1.06
N ASP C 411 -11.97 -15.82 0.28
CA ASP C 411 -12.29 -16.99 -0.52
C ASP C 411 -11.05 -17.81 -0.78
N PRO C 412 -10.93 -19.01 -0.25
CA PRO C 412 -9.93 -19.93 -0.77
C PRO C 412 -10.23 -20.26 -2.22
N GLU C 413 -9.23 -20.80 -2.90
CA GLU C 413 -9.13 -20.85 -4.36
C GLU C 413 -9.03 -19.45 -4.96
N SER C 414 -8.69 -18.46 -4.14
CA SER C 414 -8.47 -17.10 -4.59
C SER C 414 -7.33 -16.51 -3.78
N SER C 415 -6.36 -17.33 -3.48
CA SER C 415 -5.32 -17.03 -2.50
C SER C 415 -4.24 -16.15 -3.02
N GLY C 416 -4.44 -15.51 -4.17
CA GLY C 416 -3.59 -14.42 -4.56
C GLY C 416 -3.99 -13.15 -3.84
N ILE C 417 -3.45 -12.05 -4.34
CA ILE C 417 -3.71 -10.73 -3.77
C ILE C 417 -4.43 -9.91 -4.84
N SER C 418 -5.58 -9.39 -4.48
CA SER C 418 -6.28 -8.44 -5.34
C SER C 418 -5.71 -7.06 -5.11
N SER C 419 -5.05 -6.51 -6.11
CA SER C 419 -4.63 -5.12 -6.05
C SER C 419 -5.82 -4.21 -6.24
N LEU C 420 -6.74 -4.59 -7.12
CA LEU C 420 -7.90 -3.78 -7.44
C LEU C 420 -9.18 -4.40 -6.91
N ASN C 421 -10.21 -3.58 -6.91
CA ASN C 421 -11.54 -3.99 -6.52
C ASN C 421 -12.47 -2.86 -6.92
N GLU C 422 -13.62 -3.20 -7.50
CA GLU C 422 -14.47 -2.18 -8.09
C GLU C 422 -15.90 -2.67 -8.13
N PHE C 423 -16.69 -2.23 -7.16
CA PHE C 423 -18.12 -2.42 -7.18
C PHE C 423 -18.71 -1.81 -8.45
N ASN C 424 -19.86 -2.32 -8.83
CA ASN C 424 -20.60 -1.67 -9.89
C ASN C 424 -20.95 -0.25 -9.46
N PRO C 425 -21.17 0.67 -10.41
CA PRO C 425 -21.94 1.87 -10.07
C PRO C 425 -23.32 1.53 -9.62
N MET C 426 -23.88 0.45 -10.17
CA MET C 426 -25.04 -0.22 -9.60
C MET C 426 -24.87 -0.40 -8.11
N GLY C 427 -23.75 -0.97 -7.69
CA GLY C 427 -23.55 -1.33 -6.30
C GLY C 427 -24.10 -2.67 -5.90
N ASP C 428 -24.63 -3.44 -6.85
CA ASP C 428 -25.14 -4.77 -6.58
C ASP C 428 -24.08 -5.84 -6.70
N THR C 429 -22.96 -5.54 -7.35
CA THR C 429 -21.97 -6.54 -7.71
C THR C 429 -20.59 -5.94 -7.56
N LEU C 430 -19.60 -6.82 -7.38
CA LEU C 430 -18.23 -6.42 -7.16
C LEU C 430 -17.29 -7.23 -8.02
N ALA C 431 -16.40 -6.53 -8.71
CA ALA C 431 -15.32 -7.12 -9.47
C ALA C 431 -14.01 -6.86 -8.75
N SER C 432 -13.09 -7.80 -8.87
CA SER C 432 -11.76 -7.69 -8.30
C SER C 432 -10.74 -8.12 -9.32
N ALA C 433 -9.58 -7.47 -9.28
CA ALA C 433 -8.50 -7.74 -10.22
C ALA C 433 -7.28 -8.21 -9.42
N MET C 434 -6.91 -9.46 -9.64
CA MET C 434 -5.70 -10.04 -9.12
C MET C 434 -4.74 -10.22 -10.31
N GLY C 435 -3.47 -10.42 -10.03
CA GLY C 435 -2.53 -10.68 -11.10
C GLY C 435 -2.91 -11.94 -11.84
N TYR C 436 -3.16 -11.82 -13.14
CA TYR C 436 -3.59 -12.94 -13.98
C TYR C 436 -4.95 -13.52 -13.57
N HIS C 437 -5.72 -12.83 -12.73
CA HIS C 437 -7.03 -13.32 -12.34
C HIS C 437 -7.97 -12.15 -12.07
N ILE C 438 -9.13 -12.19 -12.72
CA ILE C 438 -10.24 -11.28 -12.46
C ILE C 438 -11.34 -12.07 -11.80
N LEU C 439 -12.02 -11.46 -10.84
CA LEU C 439 -12.94 -12.17 -9.95
C LEU C 439 -14.26 -11.43 -9.82
N ILE C 440 -15.33 -12.20 -9.62
CA ILE C 440 -16.69 -11.69 -9.53
C ILE C 440 -17.30 -12.17 -8.23
N TRP C 441 -17.93 -11.25 -7.50
CA TRP C 441 -18.20 -11.43 -6.09
C TRP C 441 -19.68 -11.31 -5.70
N SER C 442 -20.62 -11.53 -6.62
CA SER C 442 -22.02 -11.25 -6.31
C SER C 442 -22.59 -12.11 -5.19
N GLN C 443 -23.87 -11.92 -4.91
CA GLN C 443 -24.54 -12.48 -3.74
C GLN C 443 -24.84 -13.96 -3.92
N GLU C 444 -25.60 -14.49 -2.97
CA GLU C 444 -26.02 -15.88 -2.99
C GLU C 444 -27.23 -16.08 -3.89
N GLU C 445 -27.33 -17.28 -4.46
CA GLU C 445 -28.46 -17.69 -5.27
C GLU C 445 -29.41 -18.52 -4.41
N ALA C 446 -30.36 -17.85 -3.77
CA ALA C 446 -31.35 -18.53 -2.93
C ALA C 446 -32.36 -19.28 -3.80
N PRO D 42 13.60 -51.65 -21.85
CA PRO D 42 14.12 -50.30 -22.01
C PRO D 42 15.63 -50.23 -22.22
N HIS D 43 16.05 -49.27 -23.03
CA HIS D 43 17.47 -49.07 -23.32
C HIS D 43 18.15 -48.60 -22.05
N ARG D 44 19.38 -49.07 -21.83
CA ARG D 44 20.08 -48.72 -20.61
C ARG D 44 21.59 -48.57 -20.80
N TYR D 45 22.09 -47.39 -20.47
CA TYR D 45 23.51 -47.03 -20.49
C TYR D 45 24.26 -47.58 -19.27
N ARG D 46 25.53 -47.96 -19.45
CA ARG D 46 26.31 -48.44 -18.32
C ARG D 46 26.74 -47.29 -17.40
N PRO D 47 26.99 -47.57 -16.11
CA PRO D 47 27.44 -46.53 -15.17
C PRO D 47 28.76 -45.90 -15.58
N GLY D 48 28.77 -44.56 -15.68
CA GLY D 48 29.96 -43.82 -16.06
C GLY D 48 29.89 -43.10 -17.38
N THR D 49 29.16 -43.67 -18.33
CA THR D 49 29.07 -43.07 -19.66
C THR D 49 28.45 -41.68 -19.60
N VAL D 50 27.34 -41.55 -18.86
CA VAL D 50 26.67 -40.27 -18.78
C VAL D 50 27.48 -39.30 -17.94
N ALA D 51 28.12 -39.81 -16.88
CA ALA D 51 28.99 -38.98 -16.07
C ALA D 51 30.08 -38.36 -16.93
N LEU D 52 30.71 -39.19 -17.76
CA LEU D 52 31.74 -38.71 -18.66
C LEU D 52 31.20 -37.69 -19.65
N ARG D 53 29.99 -37.92 -20.14
CA ARG D 53 29.41 -36.95 -21.05
C ARG D 53 29.18 -35.63 -20.35
N GLU D 54 28.79 -35.69 -19.08
CA GLU D 54 28.55 -34.49 -18.32
C GLU D 54 29.85 -33.76 -18.06
N ILE D 55 30.91 -34.52 -17.81
CA ILE D 55 32.22 -33.93 -17.62
C ILE D 55 32.61 -33.16 -18.85
N ARG D 56 32.52 -33.81 -19.99
CA ARG D 56 32.88 -33.16 -21.23
C ARG D 56 32.04 -31.92 -21.48
N ARG D 57 30.74 -32.01 -21.17
CA ARG D 57 29.85 -30.88 -21.39
C ARG D 57 30.26 -29.69 -20.54
N TYR D 58 30.41 -29.90 -19.24
CA TYR D 58 30.66 -28.77 -18.37
C TYR D 58 32.10 -28.29 -18.49
N GLN D 59 33.01 -29.16 -18.91
CA GLN D 59 34.36 -28.72 -19.10
C GLN D 59 34.52 -27.98 -20.41
N LYS D 60 33.55 -28.12 -21.32
CA LYS D 60 33.61 -27.38 -22.56
C LYS D 60 33.05 -25.99 -22.36
N SER D 61 32.14 -25.84 -21.41
CA SER D 61 31.44 -24.59 -21.16
C SER D 61 31.99 -23.92 -19.91
N THR D 62 31.56 -22.68 -19.70
CA THR D 62 32.03 -21.85 -18.59
C THR D 62 30.92 -21.28 -17.73
N GLU D 63 29.66 -21.56 -18.04
CA GLU D 63 28.56 -20.98 -17.28
C GLU D 63 28.59 -21.46 -15.83
N LEU D 64 28.09 -20.60 -14.96
CA LEU D 64 28.03 -20.92 -13.54
C LEU D 64 27.05 -22.03 -13.23
N LEU D 65 27.47 -22.91 -12.34
CA LEU D 65 26.71 -24.10 -12.02
C LEU D 65 25.90 -23.96 -10.74
N ILE D 66 26.17 -22.96 -9.90
CA ILE D 66 25.39 -22.73 -8.70
C ILE D 66 24.29 -21.71 -8.98
N ARG D 67 23.15 -21.93 -8.34
CA ARG D 67 22.01 -21.05 -8.46
C ARG D 67 22.29 -19.70 -7.81
N LYS D 68 21.86 -18.65 -8.49
CA LYS D 68 22.18 -17.30 -8.06
C LYS D 68 21.53 -16.96 -6.72
N LEU D 69 20.24 -17.20 -6.61
CA LEU D 69 19.48 -16.80 -5.42
C LEU D 69 19.92 -17.46 -4.12
N PRO D 70 20.05 -18.78 -4.02
CA PRO D 70 20.54 -19.36 -2.76
C PRO D 70 21.92 -18.89 -2.40
N PHE D 71 22.74 -18.60 -3.40
CA PHE D 71 24.08 -18.09 -3.12
C PHE D 71 23.96 -16.70 -2.50
N GLN D 72 23.11 -15.85 -3.08
CA GLN D 72 22.91 -14.53 -2.51
C GLN D 72 22.41 -14.61 -1.09
N ARG D 73 21.48 -15.53 -0.84
CA ARG D 73 20.91 -15.68 0.49
C ARG D 73 21.96 -16.16 1.49
N LEU D 74 22.81 -17.09 1.08
CA LEU D 74 23.87 -17.56 1.97
C LEU D 74 24.82 -16.44 2.32
N VAL D 75 25.23 -15.70 1.30
CA VAL D 75 26.14 -14.58 1.48
C VAL D 75 25.55 -13.56 2.42
N ARG D 76 24.29 -13.22 2.19
CA ARG D 76 23.63 -12.21 3.00
C ARG D 76 23.51 -12.67 4.43
N GLU D 77 23.23 -13.95 4.65
CA GLU D 77 23.11 -14.47 5.99
C GLU D 77 24.44 -14.39 6.73
N ILE D 78 25.49 -14.84 6.07
CA ILE D 78 26.80 -14.84 6.69
C ILE D 78 27.24 -13.43 6.99
N ALA D 79 27.13 -12.54 6.01
CA ALA D 79 27.53 -11.16 6.20
C ALA D 79 26.72 -10.52 7.32
N GLN D 80 25.44 -10.87 7.39
CA GLN D 80 24.56 -10.38 8.43
C GLN D 80 25.11 -10.74 9.79
N ASP D 81 25.75 -11.91 9.88
CA ASP D 81 26.30 -12.33 11.17
C ASP D 81 27.49 -11.50 11.60
N PHE D 82 28.10 -10.75 10.69
CA PHE D 82 29.18 -9.85 11.05
C PHE D 82 28.70 -8.42 11.25
N LYS D 83 27.93 -7.90 10.30
CA LYS D 83 27.37 -6.57 10.40
C LYS D 83 25.97 -6.57 9.83
N THR D 84 25.08 -5.85 10.49
CA THR D 84 23.67 -5.83 10.14
C THR D 84 23.33 -4.89 9.00
N ASP D 85 22.24 -5.26 8.32
CA ASP D 85 21.60 -4.51 7.22
C ASP D 85 22.57 -4.13 6.10
N LEU D 86 23.54 -4.99 5.85
CA LEU D 86 24.46 -4.74 4.77
C LEU D 86 23.83 -5.02 3.42
N ARG D 87 24.30 -4.30 2.40
CA ARG D 87 23.91 -4.55 1.02
C ARG D 87 25.10 -5.05 0.22
N PHE D 88 24.80 -5.59 -0.95
CA PHE D 88 25.79 -6.15 -1.86
C PHE D 88 25.52 -5.73 -3.29
N GLN D 89 26.57 -5.38 -4.04
CA GLN D 89 26.39 -5.19 -5.47
C GLN D 89 26.23 -6.56 -6.14
N SER D 90 25.40 -6.60 -7.19
CA SER D 90 25.16 -7.86 -7.87
C SER D 90 26.43 -8.45 -8.46
N SER D 91 27.28 -7.59 -9.00
CA SER D 91 28.53 -8.08 -9.57
C SER D 91 29.48 -8.56 -8.49
N ALA D 92 29.30 -8.08 -7.26
CA ALA D 92 30.12 -8.57 -6.16
C ALA D 92 29.75 -10.01 -5.87
N VAL D 93 28.47 -10.32 -5.97
CA VAL D 93 27.98 -11.66 -5.73
C VAL D 93 28.45 -12.56 -6.86
N MET D 94 28.45 -12.03 -8.08
CA MET D 94 28.91 -12.83 -9.18
C MET D 94 30.39 -13.14 -9.04
N ALA D 95 31.15 -12.16 -8.57
CA ALA D 95 32.57 -12.34 -8.32
C ALA D 95 32.81 -13.39 -7.25
N LEU D 96 32.03 -13.33 -6.19
CA LEU D 96 32.16 -14.29 -5.11
C LEU D 96 31.84 -15.67 -5.60
N GLN D 97 30.88 -15.77 -6.50
CA GLN D 97 30.50 -17.06 -7.02
C GLN D 97 31.62 -17.62 -7.89
N GLU D 98 32.19 -16.76 -8.72
CA GLU D 98 33.30 -17.19 -9.56
C GLU D 98 34.46 -17.70 -8.73
N ALA D 99 34.81 -16.97 -7.68
CA ALA D 99 35.89 -17.39 -6.81
C ALA D 99 35.57 -18.71 -6.12
N CYS D 100 34.35 -18.82 -5.61
CA CYS D 100 33.96 -20.02 -4.90
C CYS D 100 34.01 -21.23 -5.81
N GLU D 101 33.45 -21.11 -7.00
CA GLU D 101 33.41 -22.28 -7.86
C GLU D 101 34.80 -22.66 -8.34
N ALA D 102 35.65 -21.70 -8.66
CA ALA D 102 36.99 -22.06 -9.09
C ALA D 102 37.77 -22.73 -7.98
N TYR D 103 37.53 -22.30 -6.76
CA TYR D 103 38.20 -22.87 -5.61
C TYR D 103 37.74 -24.30 -5.42
N LEU D 104 36.44 -24.51 -5.50
CA LEU D 104 35.89 -25.86 -5.32
C LEU D 104 36.33 -26.84 -6.39
N VAL D 105 36.31 -26.46 -7.68
CA VAL D 105 36.80 -27.40 -8.70
C VAL D 105 38.27 -27.73 -8.42
N GLY D 106 39.11 -26.73 -8.10
CA GLY D 106 40.50 -27.03 -7.82
C GLY D 106 40.65 -28.00 -6.65
N LEU D 107 39.80 -27.84 -5.62
CA LEU D 107 39.90 -28.77 -4.50
C LEU D 107 39.46 -30.15 -4.90
N PHE D 108 38.44 -30.24 -5.73
CA PHE D 108 37.99 -31.53 -6.19
C PHE D 108 39.00 -32.19 -7.11
N GLU D 109 39.76 -31.39 -7.85
CA GLU D 109 40.82 -31.91 -8.69
C GLU D 109 41.90 -32.56 -7.85
N ASP D 110 42.31 -31.87 -6.81
CA ASP D 110 43.33 -32.41 -5.94
C ASP D 110 42.79 -33.64 -5.23
N THR D 111 41.54 -33.58 -4.81
CA THR D 111 40.87 -34.72 -4.21
C THR D 111 40.90 -35.91 -5.14
N ASN D 112 40.62 -35.67 -6.42
CA ASN D 112 40.60 -36.74 -7.40
C ASN D 112 41.96 -37.37 -7.56
N LEU D 113 43.00 -36.53 -7.52
CA LEU D 113 44.34 -37.07 -7.64
C LEU D 113 44.72 -37.89 -6.43
N CYS D 114 44.24 -37.48 -5.26
CA CYS D 114 44.52 -38.25 -4.06
C CYS D 114 43.79 -39.58 -4.11
N ALA D 115 42.57 -39.58 -4.61
CA ALA D 115 41.81 -40.82 -4.73
C ALA D 115 42.51 -41.77 -5.68
N ILE D 116 42.91 -41.27 -6.85
CA ILE D 116 43.58 -42.10 -7.82
C ILE D 116 44.87 -42.61 -7.24
N HIS D 117 45.54 -41.76 -6.48
CA HIS D 117 46.77 -42.16 -5.83
C HIS D 117 46.51 -43.32 -4.89
N ALA D 118 45.37 -43.28 -4.21
CA ALA D 118 44.93 -44.34 -3.31
C ALA D 118 44.27 -45.51 -4.03
N LYS D 119 44.48 -45.62 -5.34
CA LYS D 119 43.91 -46.68 -6.16
C LYS D 119 42.39 -46.68 -6.12
N ARG D 120 41.77 -45.52 -5.93
CA ARG D 120 40.31 -45.41 -5.95
C ARG D 120 39.86 -44.47 -7.05
N VAL D 121 38.56 -44.58 -7.31
CA VAL D 121 37.85 -43.68 -8.22
C VAL D 121 36.77 -42.92 -7.49
N THR D 122 36.60 -43.19 -6.20
CA THR D 122 35.58 -42.59 -5.36
C THR D 122 36.28 -41.62 -4.42
N ILE D 123 35.83 -40.41 -4.41
CA ILE D 123 36.37 -39.38 -3.53
C ILE D 123 35.77 -39.52 -2.15
N MET D 124 36.59 -39.26 -1.13
CA MET D 124 36.18 -39.40 0.25
C MET D 124 36.56 -38.15 1.03
N PRO D 125 35.91 -37.89 2.17
CA PRO D 125 36.27 -36.73 2.99
C PRO D 125 37.74 -36.61 3.31
N LYS D 126 38.35 -37.75 3.58
CA LYS D 126 39.76 -37.80 3.90
C LYS D 126 40.63 -37.34 2.75
N ASP D 127 40.17 -37.50 1.53
CA ASP D 127 40.93 -37.00 0.40
C ASP D 127 40.91 -35.48 0.36
N ILE D 128 39.73 -34.91 0.60
CA ILE D 128 39.59 -33.45 0.66
C ILE D 128 40.42 -32.91 1.79
N GLN D 129 40.35 -33.58 2.93
CA GLN D 129 41.05 -33.13 4.10
C GLN D 129 42.55 -33.13 3.84
N LEU D 130 43.01 -34.13 3.11
CA LEU D 130 44.43 -34.19 2.80
C LEU D 130 44.83 -33.06 1.87
N ALA D 131 44.07 -32.87 0.81
CA ALA D 131 44.38 -31.82 -0.15
C ALA D 131 44.40 -30.44 0.51
N ARG D 132 43.43 -30.18 1.37
CA ARG D 132 43.36 -28.89 2.04
C ARG D 132 44.47 -28.73 3.05
N ARG D 133 44.84 -29.83 3.70
CA ARG D 133 45.94 -29.78 4.64
C ARG D 133 47.23 -29.47 3.92
N ILE D 134 47.42 -30.07 2.74
CA ILE D 134 48.65 -29.82 2.02
C ILE D 134 48.71 -28.40 1.50
N ARG D 135 47.59 -27.83 1.08
CA ARG D 135 47.67 -26.43 0.69
C ARG D 135 47.86 -25.51 1.90
N GLY D 136 47.62 -26.00 3.10
CA GLY D 136 47.71 -25.17 4.27
C GLY D 136 46.41 -24.48 4.61
N GLU D 137 45.29 -24.98 4.07
CA GLU D 137 43.96 -24.44 4.34
C GLU D 137 43.44 -25.11 5.60
N ARG D 138 44.15 -24.82 6.70
CA ARG D 138 44.01 -25.59 7.92
C ARG D 138 42.59 -25.55 8.46
N ALA D 139 42.05 -24.35 8.67
CA ALA D 139 40.69 -24.18 9.14
C ALA D 139 40.45 -24.88 10.48
N VAL E 25 9.82 -25.53 4.17
CA VAL E 25 10.59 -24.94 5.25
C VAL E 25 12.07 -24.92 4.88
N LEU E 26 12.76 -23.87 5.33
CA LEU E 26 14.17 -23.69 5.03
C LEU E 26 15.03 -24.31 6.12
N ARG E 27 16.32 -24.52 5.80
CA ARG E 27 17.21 -25.36 6.58
C ARG E 27 18.57 -24.67 6.79
N ASP E 28 18.55 -23.40 7.18
CA ASP E 28 19.75 -22.55 7.38
C ASP E 28 20.38 -22.12 6.06
N ASN E 29 19.79 -22.51 4.92
CA ASN E 29 20.04 -21.99 3.58
C ASN E 29 21.35 -22.49 2.97
N ILE E 30 22.21 -23.09 3.78
CA ILE E 30 23.43 -23.70 3.26
C ILE E 30 23.11 -24.86 2.35
N GLN E 31 21.95 -25.45 2.53
CA GLN E 31 21.43 -26.55 1.74
C GLN E 31 21.06 -26.14 0.34
N GLY E 32 21.01 -24.85 0.05
CA GLY E 32 20.76 -24.46 -1.32
C GLY E 32 21.94 -24.73 -2.22
N ILE E 33 23.10 -25.04 -1.66
CA ILE E 33 24.23 -25.47 -2.47
C ILE E 33 23.96 -26.96 -2.54
N THR E 34 23.14 -27.34 -3.49
CA THR E 34 22.59 -28.67 -3.54
C THR E 34 23.60 -29.70 -4.01
N LYS E 35 23.26 -30.95 -3.74
CA LYS E 35 24.04 -32.10 -4.21
C LYS E 35 24.28 -32.10 -5.70
N PRO E 36 23.27 -31.95 -6.57
CA PRO E 36 23.56 -31.93 -8.01
C PRO E 36 24.45 -30.80 -8.45
N ALA E 37 24.41 -29.64 -7.79
CA ALA E 37 25.33 -28.57 -8.19
C ALA E 37 26.75 -28.96 -7.84
N ILE E 38 26.92 -29.60 -6.70
CA ILE E 38 28.23 -30.04 -6.28
C ILE E 38 28.69 -31.13 -7.22
N ARG E 39 27.76 -31.98 -7.63
CA ARG E 39 28.05 -33.04 -8.58
C ARG E 39 28.54 -32.44 -9.87
N ARG E 40 27.87 -31.41 -10.36
CA ARG E 40 28.26 -30.77 -11.59
C ARG E 40 29.67 -30.20 -11.47
N LEU E 41 29.93 -29.53 -10.36
CA LEU E 41 31.24 -28.96 -10.12
C LEU E 41 32.32 -30.02 -10.09
N ALA E 42 32.03 -31.14 -9.43
CA ALA E 42 32.99 -32.24 -9.37
C ALA E 42 33.23 -32.83 -10.74
N ARG E 43 32.18 -32.89 -11.55
CA ARG E 43 32.31 -33.35 -12.91
C ARG E 43 33.23 -32.41 -13.66
N ARG E 44 33.05 -31.10 -13.47
CA ARG E 44 34.01 -30.19 -14.08
C ARG E 44 35.38 -30.42 -13.50
N GLY E 45 35.43 -30.83 -12.24
CA GLY E 45 36.67 -31.23 -11.63
C GLY E 45 37.17 -32.57 -12.10
N GLY E 46 36.41 -33.25 -12.96
CA GLY E 46 36.84 -34.51 -13.50
C GLY E 46 36.51 -35.68 -12.63
N VAL E 47 35.61 -35.53 -11.67
CA VAL E 47 35.30 -36.61 -10.75
C VAL E 47 34.25 -37.50 -11.35
N LYS E 48 34.52 -38.79 -11.34
CA LYS E 48 33.61 -39.78 -11.89
C LYS E 48 32.73 -40.40 -10.82
N ARG E 49 33.24 -40.59 -9.61
CA ARG E 49 32.45 -41.24 -8.57
C ARG E 49 32.66 -40.50 -7.26
N ILE E 50 31.55 -40.32 -6.51
CA ILE E 50 31.52 -39.46 -5.34
C ILE E 50 30.82 -40.08 -4.14
N SER E 51 31.51 -40.14 -3.01
CA SER E 51 30.85 -40.61 -1.80
C SER E 51 29.75 -39.64 -1.37
N GLY E 52 28.72 -40.19 -0.75
CA GLY E 52 27.62 -39.38 -0.27
C GLY E 52 27.98 -38.40 0.82
N LEU E 53 29.03 -38.68 1.58
CA LEU E 53 29.44 -37.80 2.68
C LEU E 53 30.26 -36.61 2.22
N ILE E 54 30.67 -36.59 0.97
CA ILE E 54 31.47 -35.50 0.42
C ILE E 54 30.74 -34.17 0.47
N TYR E 55 29.44 -34.21 0.21
CA TYR E 55 28.66 -33.00 0.02
C TYR E 55 28.66 -32.09 1.25
N GLU E 56 28.41 -32.66 2.42
CA GLU E 56 28.43 -31.83 3.61
C GLU E 56 29.81 -31.29 3.88
N GLU E 57 30.82 -32.09 3.59
CA GLU E 57 32.19 -31.63 3.81
C GLU E 57 32.47 -30.44 2.91
N THR E 58 32.02 -30.54 1.67
CA THR E 58 32.24 -29.46 0.75
C THR E 58 31.54 -28.22 1.22
N ARG E 59 30.33 -28.38 1.76
CA ARG E 59 29.60 -27.22 2.24
C ARG E 59 30.37 -26.56 3.36
N GLY E 60 30.90 -27.37 4.27
CA GLY E 60 31.66 -26.84 5.38
C GLY E 60 32.89 -26.12 4.87
N VAL E 61 33.55 -26.71 3.89
CA VAL E 61 34.74 -26.11 3.32
C VAL E 61 34.39 -24.78 2.72
N LEU E 62 33.26 -24.74 2.02
CA LEU E 62 32.86 -23.51 1.39
C LEU E 62 32.58 -22.43 2.41
N LYS E 63 31.90 -22.80 3.49
CA LYS E 63 31.59 -21.80 4.51
C LYS E 63 32.84 -21.18 5.08
N VAL E 64 33.84 -22.00 5.34
CA VAL E 64 35.07 -21.45 5.89
C VAL E 64 35.70 -20.48 4.93
N PHE E 65 35.80 -20.93 3.68
CA PHE E 65 36.40 -20.11 2.63
C PHE E 65 35.64 -18.81 2.52
N LEU E 66 34.33 -18.95 2.43
CA LEU E 66 33.46 -17.80 2.25
C LEU E 66 33.58 -16.83 3.40
N GLU E 67 33.48 -17.35 4.62
CA GLU E 67 33.57 -16.52 5.81
C GLU E 67 34.79 -15.61 5.76
N ASN E 68 35.95 -16.20 5.46
CA ASN E 68 37.17 -15.41 5.46
C ASN E 68 37.12 -14.32 4.42
N VAL E 69 36.62 -14.67 3.23
CA VAL E 69 36.56 -13.68 2.18
C VAL E 69 35.60 -12.59 2.54
N ILE E 70 34.40 -12.98 2.94
CA ILE E 70 33.41 -11.98 3.24
C ILE E 70 33.85 -11.15 4.41
N ARG E 71 34.51 -11.79 5.39
CA ARG E 71 34.97 -11.07 6.55
C ARG E 71 35.88 -9.93 6.14
N ASP E 72 36.80 -10.24 5.25
CA ASP E 72 37.73 -9.23 4.81
C ASP E 72 37.03 -8.22 3.96
N ALA E 73 36.11 -8.68 3.13
CA ALA E 73 35.36 -7.75 2.31
C ALA E 73 34.66 -6.72 3.17
N VAL E 74 34.05 -7.18 4.26
CA VAL E 74 33.35 -6.24 5.10
C VAL E 74 34.32 -5.33 5.80
N THR E 75 35.50 -5.82 6.11
CA THR E 75 36.48 -4.96 6.72
C THR E 75 36.84 -3.82 5.79
N TYR E 76 37.00 -4.14 4.52
CA TYR E 76 37.28 -3.09 3.56
C TYR E 76 36.09 -2.17 3.47
N THR E 77 34.91 -2.78 3.53
CA THR E 77 33.68 -2.02 3.47
C THR E 77 33.63 -1.06 4.64
N GLU E 78 33.92 -1.58 5.82
CA GLU E 78 33.85 -0.76 7.00
C GLU E 78 34.85 0.38 6.92
N HIS E 79 36.03 0.12 6.37
CA HIS E 79 37.02 1.17 6.27
C HIS E 79 36.54 2.33 5.42
N ALA E 80 35.79 2.05 4.37
CA ALA E 80 35.30 3.09 3.46
C ALA E 80 34.07 3.80 4.00
N LYS E 81 33.52 3.36 5.13
CA LYS E 81 32.33 3.98 5.71
C LYS E 81 31.16 3.84 4.76
N ARG E 82 31.06 2.66 4.15
CA ARG E 82 30.03 2.34 3.18
C ARG E 82 29.17 1.22 3.75
N LYS E 83 27.91 1.21 3.32
CA LYS E 83 26.96 0.16 3.70
C LYS E 83 26.64 -0.78 2.56
N THR E 84 27.35 -0.66 1.45
CA THR E 84 27.13 -1.48 0.26
C THR E 84 28.46 -2.17 -0.06
N VAL E 85 28.42 -3.49 -0.12
CA VAL E 85 29.60 -4.27 -0.46
C VAL E 85 29.84 -4.20 -1.96
N THR E 86 31.02 -3.73 -2.36
CA THR E 86 31.36 -3.61 -3.77
C THR E 86 32.18 -4.80 -4.24
N ALA E 87 32.26 -4.92 -5.56
CA ALA E 87 33.12 -5.92 -6.19
C ALA E 87 34.58 -5.73 -5.83
N MET E 88 34.99 -4.47 -5.68
CA MET E 88 36.39 -4.19 -5.36
C MET E 88 36.75 -4.73 -4.00
N ASP E 89 35.82 -4.66 -3.07
CA ASP E 89 36.04 -5.21 -1.74
C ASP E 89 36.34 -6.69 -1.85
N VAL E 90 35.58 -7.37 -2.71
CA VAL E 90 35.77 -8.79 -2.93
C VAL E 90 37.12 -9.06 -3.54
N VAL E 91 37.44 -8.29 -4.56
CA VAL E 91 38.71 -8.43 -5.25
C VAL E 91 39.89 -8.29 -4.30
N TYR E 92 39.86 -7.29 -3.44
CA TYR E 92 40.96 -7.10 -2.50
C TYR E 92 41.03 -8.24 -1.49
N ALA E 93 39.86 -8.65 -1.00
CA ALA E 93 39.81 -9.78 -0.07
C ALA E 93 40.40 -11.02 -0.70
N LEU E 94 40.10 -11.24 -1.97
CA LEU E 94 40.58 -12.40 -2.67
C LEU E 94 42.08 -12.32 -2.90
N LYS E 95 42.56 -11.15 -3.27
CA LYS E 95 43.98 -10.95 -3.49
C LYS E 95 44.77 -11.25 -2.23
N ARG E 96 44.31 -10.73 -1.09
CA ARG E 96 45.08 -10.96 0.12
C ARG E 96 45.05 -12.41 0.54
N GLN E 97 44.09 -13.19 0.05
CA GLN E 97 44.10 -14.62 0.28
C GLN E 97 44.81 -15.37 -0.82
N GLY E 98 45.53 -14.66 -1.70
CA GLY E 98 46.23 -15.35 -2.76
C GLY E 98 45.31 -16.00 -3.76
N ARG E 99 44.13 -15.44 -3.97
CA ARG E 99 43.18 -16.01 -4.92
C ARG E 99 42.70 -14.95 -5.90
N THR E 100 43.68 -14.28 -6.53
CA THR E 100 43.42 -13.23 -7.51
C THR E 100 42.37 -13.60 -8.54
N LEU E 101 41.41 -12.70 -8.73
CA LEU E 101 40.34 -12.87 -9.70
C LEU E 101 40.40 -11.78 -10.76
N TYR E 102 40.34 -12.19 -12.00
CA TYR E 102 40.32 -11.31 -13.15
C TYR E 102 38.91 -11.20 -13.72
N GLY E 103 38.60 -10.01 -14.25
CA GLY E 103 37.36 -9.78 -14.97
C GLY E 103 36.33 -8.85 -14.38
N PHE E 104 36.54 -8.33 -13.18
CA PHE E 104 35.54 -7.50 -12.52
C PHE E 104 36.04 -6.12 -12.19
N GLY E 105 37.09 -5.68 -12.86
CA GLY E 105 37.61 -4.35 -12.66
C GLY E 105 38.75 -4.37 -11.68
N GLY E 106 39.77 -3.58 -11.95
CA GLY E 106 40.96 -3.54 -11.11
C GLY E 106 41.87 -4.72 -11.36
N LYS F 13 62.75 32.62 25.54
CA LYS F 13 62.23 31.27 25.35
C LYS F 13 62.54 30.40 26.56
N ALA F 14 61.69 29.41 26.81
CA ALA F 14 61.79 28.55 27.98
C ALA F 14 62.55 27.27 27.69
N ARG F 15 62.24 26.61 26.57
CA ARG F 15 62.85 25.34 26.21
C ARG F 15 62.59 24.29 27.29
N ALA F 16 61.32 23.91 27.38
CA ALA F 16 60.91 22.87 28.31
C ALA F 16 61.73 21.60 28.10
N LYS F 17 61.88 20.84 29.18
CA LYS F 17 62.75 19.67 29.14
C LYS F 17 62.16 18.59 28.24
N ALA F 18 63.04 17.81 27.64
CA ALA F 18 62.67 16.84 26.62
C ALA F 18 61.92 15.68 27.25
N LYS F 19 60.91 15.19 26.54
CA LYS F 19 60.28 13.91 26.86
C LYS F 19 59.93 13.17 25.57
N THR F 20 60.29 11.90 25.52
CA THR F 20 60.03 11.08 24.36
C THR F 20 58.55 10.71 24.30
N ARG F 21 58.11 10.42 23.08
CA ARG F 21 56.74 10.02 22.83
C ARG F 21 56.37 8.65 23.38
N SER F 22 57.30 7.70 23.40
CA SER F 22 57.01 6.40 24.01
C SER F 22 56.63 6.56 25.47
N SER F 23 57.42 7.34 26.20
CA SER F 23 57.17 7.61 27.60
C SER F 23 55.86 8.32 27.77
N ARG F 24 55.56 9.23 26.86
CA ARG F 24 54.27 9.90 26.89
C ARG F 24 53.16 8.88 26.67
N ALA F 25 53.43 7.89 25.85
CA ALA F 25 52.50 6.81 25.56
C ALA F 25 52.60 5.68 26.57
N GLY F 26 53.59 5.72 27.44
CA GLY F 26 53.77 4.68 28.41
C GLY F 26 54.32 3.43 27.78
N LEU F 27 55.08 3.60 26.71
CA LEU F 27 55.60 2.49 25.93
C LEU F 27 57.11 2.41 26.04
N GLN F 28 57.61 1.24 25.68
CA GLN F 28 59.03 0.97 25.56
C GLN F 28 59.57 1.06 24.15
N PHE F 29 58.78 0.68 23.14
CA PHE F 29 59.24 0.75 21.76
C PHE F 29 59.40 2.17 21.25
N PRO F 30 60.31 2.39 20.30
CA PRO F 30 60.63 3.74 19.85
C PRO F 30 59.61 4.23 18.84
N VAL F 31 58.75 5.13 19.28
CA VAL F 31 57.72 5.67 18.40
C VAL F 31 58.36 6.47 17.28
N GLY F 32 59.31 7.33 17.66
CA GLY F 32 60.01 8.17 16.71
C GLY F 32 60.67 7.41 15.57
N ARG F 33 61.38 6.34 15.92
CA ARG F 33 62.02 5.55 14.87
C ARG F 33 60.98 4.91 13.97
N VAL F 34 59.90 4.42 14.53
CA VAL F 34 58.85 3.82 13.71
C VAL F 34 58.33 4.86 12.74
N HIS F 35 58.17 6.09 13.22
CA HIS F 35 57.74 7.19 12.36
C HIS F 35 58.73 7.41 11.24
N ARG F 36 60.01 7.43 11.58
CA ARG F 36 61.06 7.60 10.60
C ARG F 36 61.02 6.48 9.57
N LEU F 37 60.81 5.26 10.03
CA LEU F 37 60.75 4.10 9.15
C LEU F 37 59.55 4.16 8.24
N LEU F 38 58.46 4.72 8.74
CA LEU F 38 57.29 4.90 7.91
C LEU F 38 57.56 5.95 6.86
N ARG F 39 58.18 7.05 7.26
CA ARG F 39 58.49 8.11 6.33
C ARG F 39 59.39 7.59 5.22
N LYS F 40 60.39 6.80 5.58
CA LYS F 40 61.36 6.26 4.63
C LYS F 40 60.88 4.88 4.23
N GLY F 41 60.45 4.75 3.00
CA GLY F 41 59.99 3.46 2.50
C GLY F 41 58.86 3.53 1.51
N ASN F 42 58.48 4.75 1.13
CA ASN F 42 57.42 5.00 0.18
C ASN F 42 56.10 4.29 0.52
N TYR F 43 55.63 4.51 1.75
CA TYR F 43 54.38 3.92 2.18
C TYR F 43 53.21 4.88 1.99
N SER F 44 53.41 6.17 2.28
CA SER F 44 52.41 7.20 2.06
C SER F 44 53.18 8.49 2.02
N GLU F 45 52.57 9.54 1.46
CA GLU F 45 53.28 10.79 1.47
C GLU F 45 53.39 11.37 2.87
N ARG F 46 52.32 11.22 3.66
CA ARG F 46 52.26 11.73 5.01
C ARG F 46 51.75 10.63 5.93
N VAL F 47 52.14 10.74 7.20
CA VAL F 47 51.80 9.75 8.22
C VAL F 47 51.26 10.43 9.46
N GLY F 48 50.06 10.04 9.90
CA GLY F 48 49.50 10.62 11.11
C GLY F 48 50.27 10.22 12.37
N ALA F 49 50.12 11.08 13.39
CA ALA F 49 50.82 10.92 14.66
C ALA F 49 50.45 9.65 15.44
N GLY F 50 49.19 9.21 15.39
CA GLY F 50 48.82 8.02 16.14
C GLY F 50 49.21 6.71 15.50
N ALA F 51 49.36 6.69 14.20
CA ALA F 51 49.69 5.45 13.50
C ALA F 51 50.95 4.78 14.04
N PRO F 52 52.09 5.46 14.17
CA PRO F 52 53.28 4.78 14.70
C PRO F 52 53.10 4.37 16.13
N VAL F 53 52.26 5.09 16.84
CA VAL F 53 52.00 4.75 18.23
C VAL F 53 51.26 3.43 18.29
N TYR F 54 50.22 3.33 17.48
CA TYR F 54 49.40 2.14 17.44
C TYR F 54 50.22 0.94 17.02
N LEU F 55 50.98 1.11 15.96
CA LEU F 55 51.81 0.03 15.47
C LEU F 55 52.85 -0.39 16.49
N ALA F 56 53.51 0.57 17.12
CA ALA F 56 54.51 0.28 18.12
C ALA F 56 53.89 -0.52 19.25
N ALA F 57 52.67 -0.16 19.62
CA ALA F 57 51.98 -0.86 20.68
C ALA F 57 51.73 -2.30 20.27
N VAL F 58 51.38 -2.50 19.00
CA VAL F 58 51.10 -3.84 18.52
C VAL F 58 52.36 -4.67 18.54
N LEU F 59 53.45 -4.08 18.10
CA LEU F 59 54.72 -4.77 18.10
C LEU F 59 55.16 -5.11 19.51
N GLU F 60 54.87 -4.23 20.45
CA GLU F 60 55.24 -4.47 21.82
C GLU F 60 54.44 -5.62 22.40
N TYR F 61 53.13 -5.64 22.13
CA TYR F 61 52.28 -6.71 22.62
C TYR F 61 52.72 -8.06 22.08
N LEU F 62 52.94 -8.13 20.78
CA LEU F 62 53.30 -9.38 20.16
C LEU F 62 54.65 -9.88 20.64
N THR F 63 55.59 -8.95 20.84
CA THR F 63 56.87 -9.32 21.40
C THR F 63 56.72 -9.89 22.79
N ALA F 64 55.86 -9.26 23.61
CA ALA F 64 55.67 -9.76 24.97
C ALA F 64 55.04 -11.15 24.95
N GLU F 65 54.17 -11.40 23.98
CA GLU F 65 53.50 -12.69 23.90
C GLU F 65 54.48 -13.79 23.54
N ILE F 66 55.31 -13.52 22.56
CA ILE F 66 56.30 -14.48 22.13
C ILE F 66 57.32 -14.74 23.24
N LEU F 67 57.84 -13.67 23.84
CA LEU F 67 58.84 -13.86 24.89
C LEU F 67 58.27 -14.61 26.08
N GLU F 68 57.00 -14.36 26.42
CA GLU F 68 56.33 -15.05 27.50
C GLU F 68 56.27 -16.55 27.24
N LEU F 69 55.79 -16.91 26.06
CA LEU F 69 55.64 -18.31 25.72
C LEU F 69 56.99 -18.99 25.62
N ALA F 70 57.99 -18.26 25.13
CA ALA F 70 59.31 -18.84 25.00
C ALA F 70 59.93 -19.08 26.36
N GLY F 71 59.70 -18.15 27.30
CA GLY F 71 60.17 -18.37 28.65
C GLY F 71 59.45 -19.52 29.33
N ASN F 72 58.19 -19.72 28.98
CA ASN F 72 57.48 -20.87 29.52
C ASN F 72 58.11 -22.16 29.03
N ALA F 73 58.46 -22.19 27.74
CA ALA F 73 59.11 -23.38 27.20
C ALA F 73 60.49 -23.58 27.81
N ALA F 74 61.17 -22.48 28.12
CA ALA F 74 62.48 -22.57 28.74
C ALA F 74 62.36 -23.21 30.11
N ARG F 75 61.44 -22.71 30.93
CA ARG F 75 61.27 -23.29 32.25
C ARG F 75 60.90 -24.75 32.11
N ASP F 76 60.10 -25.06 31.08
CA ASP F 76 59.76 -26.45 30.84
C ASP F 76 61.03 -27.26 30.61
N ASN F 77 62.03 -26.65 29.95
CA ASN F 77 63.29 -27.33 29.71
C ASN F 77 64.34 -27.02 30.76
N LYS F 78 63.94 -26.39 31.88
CA LYS F 78 64.85 -26.07 32.97
C LYS F 78 65.97 -25.17 32.49
N LYS F 79 65.68 -24.31 31.52
CA LYS F 79 66.67 -23.41 30.96
C LYS F 79 66.35 -21.96 31.33
N THR F 80 67.39 -21.22 31.69
CA THR F 80 67.28 -19.80 32.01
C THR F 80 67.47 -18.86 30.84
N ARG F 81 67.98 -19.34 29.72
CA ARG F 81 68.21 -18.50 28.54
C ARG F 81 67.25 -18.91 27.44
N ILE F 82 66.60 -17.92 26.84
CA ILE F 82 65.73 -18.15 25.71
C ILE F 82 66.55 -18.49 24.48
N ILE F 83 66.22 -19.61 23.81
CA ILE F 83 66.87 -19.97 22.55
C ILE F 83 65.87 -20.08 21.41
N PRO F 84 66.34 -20.11 20.16
CA PRO F 84 65.43 -20.25 19.01
C PRO F 84 64.48 -21.42 19.11
N ARG F 85 64.96 -22.53 19.69
CA ARG F 85 64.14 -23.72 19.86
C ARG F 85 62.86 -23.38 20.57
N HIS F 86 62.96 -22.63 21.65
CA HIS F 86 61.78 -22.23 22.39
C HIS F 86 60.87 -21.35 21.55
N LEU F 87 61.44 -20.49 20.71
CA LEU F 87 60.60 -19.65 19.86
C LEU F 87 59.84 -20.45 18.84
N GLN F 88 60.50 -21.46 18.29
CA GLN F 88 59.84 -22.29 17.30
C GLN F 88 58.74 -23.11 17.96
N LEU F 89 59.05 -23.68 19.12
CA LEU F 89 58.08 -24.45 19.87
C LEU F 89 56.87 -23.60 20.22
N ALA F 90 57.13 -22.40 20.68
CA ALA F 90 56.09 -21.44 21.03
C ALA F 90 55.19 -21.15 19.86
N ILE F 91 55.80 -20.87 18.71
CA ILE F 91 55.05 -20.51 17.52
C ILE F 91 54.19 -21.67 17.08
N ARG F 92 54.79 -22.83 16.94
CA ARG F 92 54.07 -23.98 16.41
C ARG F 92 53.04 -24.50 17.41
N ASN F 93 53.23 -24.25 18.69
CA ASN F 93 52.25 -24.67 19.68
C ASN F 93 51.10 -23.69 19.86
N ASP F 94 51.15 -22.53 19.20
CA ASP F 94 50.08 -21.53 19.28
C ASP F 94 49.36 -21.44 17.95
N GLU F 95 48.07 -21.77 17.99
CA GLU F 95 47.24 -21.81 16.80
C GLU F 95 47.27 -20.49 16.03
N GLU F 96 47.20 -19.38 16.74
CA GLU F 96 47.15 -18.09 16.06
C GLU F 96 48.48 -17.68 15.50
N LEU F 97 49.55 -17.93 16.24
CA LEU F 97 50.87 -17.61 15.73
C LEU F 97 51.22 -18.57 14.60
N ASN F 98 50.78 -19.83 14.72
CA ASN F 98 51.04 -20.81 13.68
C ASN F 98 50.38 -20.38 12.39
N LYS F 99 49.17 -19.85 12.50
CA LYS F 99 48.53 -19.33 11.30
C LYS F 99 49.32 -18.16 10.76
N LEU F 100 49.64 -17.20 11.62
CA LEU F 100 50.43 -16.06 11.19
C LEU F 100 51.75 -16.46 10.57
N LEU F 101 52.45 -17.40 11.18
CA LEU F 101 53.77 -17.80 10.71
C LEU F 101 53.77 -19.20 10.09
N GLY F 102 52.67 -19.58 9.43
CA GLY F 102 52.59 -20.90 8.86
C GLY F 102 53.56 -21.13 7.71
N ARG F 103 53.88 -20.06 6.98
CA ARG F 103 54.79 -20.12 5.84
C ARG F 103 56.11 -19.42 6.12
N VAL F 104 56.54 -19.45 7.38
CA VAL F 104 57.75 -18.74 7.81
C VAL F 104 58.70 -19.80 8.33
N THR F 105 59.98 -19.65 8.00
CA THR F 105 61.01 -20.55 8.49
C THR F 105 61.84 -19.88 9.57
N ILE F 106 61.88 -20.52 10.72
CA ILE F 106 62.69 -20.10 11.85
C ILE F 106 64.02 -20.83 11.80
N ALA F 107 65.09 -20.12 11.49
CA ALA F 107 66.40 -20.72 11.42
C ALA F 107 66.76 -21.37 12.76
N GLN F 108 67.36 -22.57 12.70
CA GLN F 108 67.70 -23.33 13.89
C GLN F 108 66.47 -23.63 14.74
N GLY F 109 65.30 -23.70 14.11
CA GLY F 109 64.10 -23.98 14.87
C GLY F 109 63.79 -25.45 15.02
N GLY F 110 64.17 -26.25 14.03
CA GLY F 110 63.78 -27.64 14.08
C GLY F 110 62.29 -27.81 13.86
N VAL F 111 61.78 -28.95 14.33
CA VAL F 111 60.38 -29.32 14.19
C VAL F 111 59.80 -29.79 15.51
N LEU F 112 58.46 -29.89 15.52
CA LEU F 112 57.71 -30.38 16.65
C LEU F 112 57.82 -31.89 16.82
N PRO F 113 57.91 -32.38 18.05
CA PRO F 113 57.84 -33.83 18.24
C PRO F 113 56.50 -34.45 17.83
N ASN F 114 56.08 -34.31 16.57
CA ASN F 114 54.79 -34.85 16.14
C ASN F 114 55.01 -36.10 15.31
N ILE F 115 54.57 -37.22 15.86
CA ILE F 115 54.65 -38.52 15.22
C ILE F 115 53.24 -39.01 14.97
N GLN F 116 52.97 -39.46 13.76
CA GLN F 116 51.65 -40.00 13.46
C GLN F 116 51.37 -41.26 14.27
N ALA F 117 50.23 -41.27 14.93
CA ALA F 117 49.85 -42.40 15.77
C ALA F 117 50.06 -43.78 15.12
N VAL F 118 49.74 -43.94 13.83
CA VAL F 118 49.90 -45.26 13.21
C VAL F 118 51.33 -45.76 13.01
N LEU F 119 52.35 -44.92 13.11
CA LEU F 119 53.70 -45.48 12.91
C LEU F 119 54.32 -46.03 14.19
N LEU F 120 53.77 -45.72 15.35
CA LEU F 120 54.31 -46.19 16.60
C LEU F 120 54.03 -47.67 16.84
N PRO F 121 54.87 -48.35 17.62
CA PRO F 121 54.66 -49.78 17.86
C PRO F 121 53.34 -50.08 18.53
N LYS F 122 52.96 -51.33 18.38
CA LYS F 122 51.68 -51.85 18.81
C LYS F 122 51.54 -51.85 20.32
N LYS F 123 50.28 -51.92 20.74
CA LYS F 123 49.94 -52.23 22.12
C LYS F 123 50.53 -53.56 22.56
N THR F 124 50.86 -54.43 21.60
CA THR F 124 51.70 -55.60 21.85
C THR F 124 53.14 -55.13 22.07
N GLU F 125 53.34 -54.44 23.19
CA GLU F 125 54.63 -53.84 23.48
C GLU F 125 55.51 -54.65 24.45
N SER F 126 54.90 -55.67 25.09
CA SER F 126 55.54 -56.63 26.01
C SER F 126 55.78 -56.32 27.47
N HIS F 127 55.19 -55.22 27.98
CA HIS F 127 55.35 -54.82 29.39
C HIS F 127 54.01 -54.33 29.92
N HIS F 128 53.24 -55.26 30.48
CA HIS F 128 52.04 -54.88 31.20
C HIS F 128 52.37 -54.42 32.61
N LYS F 129 53.00 -55.30 33.39
CA LYS F 129 53.53 -55.02 34.73
C LYS F 129 53.09 -55.70 36.03
N ARG G 35 83.25 4.82 11.09
CA ARG G 35 82.48 3.69 11.60
C ARG G 35 81.01 3.83 11.27
N SER G 36 80.40 2.73 10.84
CA SER G 36 79.02 2.74 10.42
C SER G 36 78.11 2.58 11.64
N ARG G 37 76.84 2.30 11.39
CA ARG G 37 75.81 2.44 12.42
C ARG G 37 74.63 1.54 12.05
N LYS G 38 74.44 0.47 12.82
CA LYS G 38 73.41 -0.50 12.52
C LYS G 38 72.36 -0.50 13.63
N GLU G 39 71.14 -0.12 13.26
CA GLU G 39 70.01 -0.06 14.18
C GLU G 39 69.33 -1.42 14.36
N SER G 40 68.81 -1.65 15.57
CA SER G 40 68.02 -2.84 15.83
C SER G 40 67.06 -2.54 16.96
N TYR G 41 66.13 -3.47 17.16
CA TYR G 41 65.14 -3.45 18.23
C TYR G 41 65.60 -4.18 19.50
N SER G 42 66.86 -4.59 19.55
CA SER G 42 67.41 -5.38 20.66
C SER G 42 67.07 -4.85 22.04
N ILE G 43 67.32 -3.57 22.26
CA ILE G 43 67.13 -2.98 23.58
C ILE G 43 65.67 -3.02 24.00
N TYR G 44 64.76 -2.92 23.05
CA TYR G 44 63.35 -2.91 23.43
C TYR G 44 62.88 -4.29 23.78
N VAL G 45 63.37 -5.28 23.04
CA VAL G 45 63.05 -6.65 23.35
C VAL G 45 63.60 -7.01 24.71
N TYR G 46 64.80 -6.54 25.02
CA TYR G 46 65.41 -6.86 26.31
C TYR G 46 64.64 -6.22 27.45
N LYS G 47 64.17 -5.00 27.24
CA LYS G 47 63.36 -4.37 28.27
C LYS G 47 62.07 -5.14 28.47
N VAL G 48 61.44 -5.55 27.39
CA VAL G 48 60.21 -6.30 27.49
C VAL G 48 60.43 -7.64 28.17
N LEU G 49 61.52 -8.32 27.82
CA LEU G 49 61.83 -9.58 28.48
C LEU G 49 61.92 -9.38 29.99
N LYS G 50 62.61 -8.32 30.42
CA LYS G 50 62.66 -8.03 31.85
C LYS G 50 61.32 -7.61 32.41
N GLN G 51 60.45 -7.06 31.57
CA GLN G 51 59.14 -6.72 32.09
C GLN G 51 58.34 -7.97 32.34
N VAL G 52 58.36 -8.92 31.41
CA VAL G 52 57.56 -10.13 31.57
C VAL G 52 58.23 -11.23 32.41
N HIS G 53 59.55 -11.41 32.27
CA HIS G 53 60.28 -12.45 32.99
C HIS G 53 61.64 -11.97 33.48
N PRO G 54 61.70 -11.33 34.64
CA PRO G 54 62.99 -10.77 35.08
C PRO G 54 64.13 -11.77 35.14
N ASP G 55 63.83 -13.03 35.46
CA ASP G 55 64.84 -14.05 35.62
C ASP G 55 64.88 -14.98 34.40
N THR G 56 65.46 -14.47 33.32
CA THR G 56 65.55 -15.23 32.07
C THR G 56 66.39 -14.46 31.08
N GLY G 57 67.24 -15.16 30.32
CA GLY G 57 68.02 -14.53 29.29
C GLY G 57 67.51 -14.87 27.90
N ILE G 58 68.31 -14.53 26.92
CA ILE G 58 67.97 -14.78 25.53
C ILE G 58 69.23 -14.78 24.68
N SER G 59 69.33 -15.71 23.74
CA SER G 59 70.50 -15.73 22.88
C SER G 59 70.44 -14.61 21.85
N SER G 60 71.59 -14.32 21.25
CA SER G 60 71.69 -13.28 20.24
C SER G 60 70.97 -13.71 18.99
N LYS G 61 71.09 -14.99 18.65
CA LYS G 61 70.38 -15.56 17.52
C LYS G 61 68.88 -15.40 17.70
N ALA G 62 68.40 -15.69 18.90
CA ALA G 62 66.98 -15.53 19.19
C ALA G 62 66.56 -14.08 19.08
N MET G 63 67.41 -13.18 19.56
CA MET G 63 67.09 -11.77 19.45
C MET G 63 67.00 -11.36 17.99
N GLY G 64 67.89 -11.91 17.17
CA GLY G 64 67.83 -11.68 15.75
C GLY G 64 66.55 -12.19 15.13
N ILE G 65 66.07 -13.32 15.62
CA ILE G 65 64.81 -13.88 15.15
C ILE G 65 63.66 -12.95 15.51
N MET G 66 63.72 -12.39 16.71
CA MET G 66 62.68 -11.47 17.12
C MET G 66 62.73 -10.22 16.28
N ASN G 67 63.94 -9.79 15.94
CA ASN G 67 64.12 -8.62 15.10
C ASN G 67 63.58 -8.85 13.70
N SER G 68 63.86 -10.03 13.14
CA SER G 68 63.31 -10.42 11.85
C SER G 68 61.80 -10.41 11.87
N PHE G 69 61.23 -10.93 12.95
CA PHE G 69 59.79 -10.99 13.10
C PHE G 69 59.21 -9.59 13.06
N VAL G 70 59.79 -8.72 13.86
CA VAL G 70 59.33 -7.35 13.95
C VAL G 70 59.39 -6.69 12.59
N ASN G 71 60.50 -6.86 11.88
CA ASN G 71 60.64 -6.28 10.55
C ASN G 71 59.57 -6.80 9.60
N ASP G 72 59.28 -8.09 9.67
CA ASP G 72 58.29 -8.68 8.77
C ASP G 72 56.90 -8.12 9.02
N ILE G 73 56.49 -8.06 10.28
CA ILE G 73 55.16 -7.56 10.55
C ILE G 73 55.06 -6.07 10.26
N PHE G 74 56.15 -5.33 10.49
CA PHE G 74 56.15 -3.91 10.16
C PHE G 74 55.85 -3.73 8.68
N GLU G 75 56.62 -4.41 7.83
CA GLU G 75 56.45 -4.27 6.39
C GLU G 75 55.05 -4.72 5.96
N ARG G 76 54.57 -5.83 6.51
CA ARG G 76 53.25 -6.32 6.16
C ARG G 76 52.16 -5.30 6.46
N ILE G 77 52.22 -4.72 7.65
CA ILE G 77 51.20 -3.77 8.05
C ILE G 77 51.28 -2.51 7.22
N ALA G 78 52.48 -1.95 7.06
CA ALA G 78 52.57 -0.70 6.32
C ALA G 78 52.14 -0.87 4.88
N GLY G 79 52.53 -1.98 4.27
CA GLY G 79 52.11 -2.25 2.90
C GLY G 79 50.62 -2.40 2.75
N GLU G 80 49.99 -3.11 3.67
CA GLU G 80 48.55 -3.25 3.59
C GLU G 80 47.86 -1.91 3.79
N ALA G 81 48.32 -1.14 4.75
CA ALA G 81 47.76 0.17 5.00
C ALA G 81 47.88 1.05 3.76
N SER G 82 49.03 0.96 3.12
CA SER G 82 49.27 1.68 1.90
C SER G 82 48.27 1.31 0.83
N ARG G 83 48.08 0.01 0.62
CA ARG G 83 47.11 -0.41 -0.38
C ARG G 83 45.70 0.07 -0.06
N LEU G 84 45.25 -0.05 1.19
CA LEU G 84 43.91 0.46 1.54
C LEU G 84 43.77 1.92 1.23
N ALA G 85 44.73 2.73 1.67
CA ALA G 85 44.67 4.15 1.41
C ALA G 85 44.58 4.41 -0.08
N HIS G 86 45.34 3.65 -0.85
CA HIS G 86 45.27 3.81 -2.29
C HIS G 86 43.88 3.46 -2.78
N TYR G 87 43.32 2.37 -2.25
CA TYR G 87 41.99 1.96 -2.65
C TYR G 87 40.93 2.98 -2.31
N ASN G 88 41.14 3.74 -1.24
CA ASN G 88 40.16 4.73 -0.82
C ASN G 88 40.51 6.11 -1.28
N LYS G 89 41.44 6.24 -2.22
CA LYS G 89 41.86 7.52 -2.78
C LYS G 89 42.20 8.47 -1.64
N ARG G 90 42.91 7.94 -0.66
CA ARG G 90 43.29 8.66 0.54
C ARG G 90 44.80 8.80 0.52
N SER G 91 45.27 10.02 0.76
CA SER G 91 46.68 10.31 0.77
C SER G 91 47.33 10.20 2.14
N THR G 92 46.55 9.94 3.17
CA THR G 92 47.04 9.87 4.54
C THR G 92 46.88 8.49 5.13
N ILE G 93 47.92 8.03 5.82
CA ILE G 93 47.85 6.82 6.61
C ILE G 93 47.57 7.23 8.05
N THR G 94 46.43 6.82 8.56
CA THR G 94 46.06 7.10 9.93
C THR G 94 46.02 5.82 10.74
N SER G 95 45.71 5.99 12.01
CA SER G 95 45.51 4.85 12.90
C SER G 95 44.33 4.00 12.45
N ARG G 96 43.43 4.56 11.66
CA ARG G 96 42.28 3.83 11.16
C ARG G 96 42.75 2.75 10.21
N GLU G 97 43.67 3.11 9.33
CA GLU G 97 44.21 2.16 8.37
C GLU G 97 45.00 1.09 9.09
N ILE G 98 45.71 1.48 10.14
CA ILE G 98 46.47 0.51 10.91
C ILE G 98 45.52 -0.49 11.53
N GLN G 99 44.47 0.02 12.16
CA GLN G 99 43.49 -0.83 12.82
C GLN G 99 42.87 -1.80 11.85
N THR G 100 42.45 -1.27 10.70
CA THR G 100 41.83 -2.10 9.69
C THR G 100 42.78 -3.16 9.19
N ALA G 101 44.01 -2.77 8.90
CA ALA G 101 45.01 -3.71 8.45
C ALA G 101 45.21 -4.83 9.46
N VAL G 102 45.25 -4.47 10.73
CA VAL G 102 45.39 -5.44 11.79
C VAL G 102 44.23 -6.40 11.81
N ARG G 103 43.02 -5.86 11.66
CA ARG G 103 41.85 -6.72 11.66
C ARG G 103 41.88 -7.66 10.48
N LEU G 104 42.45 -7.21 9.38
CA LEU G 104 42.53 -8.11 8.25
C LEU G 104 43.57 -9.18 8.49
N LEU G 105 44.69 -8.80 9.08
CA LEU G 105 45.79 -9.73 9.13
C LEU G 105 45.77 -10.64 10.34
N LEU G 106 45.39 -10.12 11.48
CA LEU G 106 45.46 -10.97 12.66
C LEU G 106 44.14 -11.69 12.95
N PRO G 107 44.19 -12.92 13.46
CA PRO G 107 42.96 -13.61 13.83
C PRO G 107 42.44 -13.27 15.22
N GLY G 108 41.15 -13.50 15.38
CA GLY G 108 40.38 -13.33 16.60
C GLY G 108 40.86 -12.53 17.79
N GLU G 109 41.18 -13.27 18.86
CA GLU G 109 41.55 -12.62 20.10
C GLU G 109 42.88 -11.89 20.03
N LEU G 110 43.79 -12.34 19.16
CA LEU G 110 45.07 -11.65 19.10
C LEU G 110 44.88 -10.26 18.55
N ALA G 111 44.06 -10.17 17.51
CA ALA G 111 43.75 -8.90 16.90
C ALA G 111 42.98 -8.02 17.86
N LYS G 112 42.02 -8.59 18.55
CA LYS G 112 41.23 -7.82 19.50
C LYS G 112 42.09 -7.23 20.62
N HIS G 113 43.02 -8.01 21.14
CA HIS G 113 43.85 -7.49 22.22
C HIS G 113 44.84 -6.46 21.71
N ALA G 114 45.42 -6.72 20.55
CA ALA G 114 46.33 -5.77 19.96
C ALA G 114 45.64 -4.45 19.66
N VAL G 115 44.44 -4.53 19.10
CA VAL G 115 43.66 -3.35 18.78
C VAL G 115 43.33 -2.55 20.02
N SER G 116 42.93 -3.24 21.07
CA SER G 116 42.60 -2.60 22.33
C SER G 116 43.80 -1.88 22.91
N GLU G 117 44.96 -2.49 22.78
CA GLU G 117 46.19 -1.89 23.29
C GLU G 117 46.57 -0.67 22.48
N GLY G 118 46.46 -0.77 21.17
CA GLY G 118 46.79 0.37 20.34
C GLY G 118 45.86 1.53 20.63
N THR G 119 44.58 1.23 20.77
CA THR G 119 43.60 2.26 21.07
C THR G 119 43.94 2.93 22.39
N LYS G 120 44.21 2.14 23.41
CA LYS G 120 44.57 2.68 24.71
C LYS G 120 45.81 3.55 24.63
N ALA G 121 46.77 3.12 23.82
CA ALA G 121 48.01 3.88 23.67
C ALA G 121 47.79 5.21 23.00
N VAL G 122 46.98 5.22 21.94
CA VAL G 122 46.72 6.48 21.23
C VAL G 122 45.98 7.42 22.14
N THR G 123 45.02 6.90 22.90
CA THR G 123 44.28 7.76 23.80
C THR G 123 45.19 8.29 24.89
N LYS G 124 46.14 7.49 25.35
CA LYS G 124 47.07 7.99 26.34
C LYS G 124 47.97 9.06 25.76
N TYR G 125 48.39 8.87 24.52
CA TYR G 125 49.23 9.86 23.87
C TYR G 125 48.49 11.17 23.71
N THR G 126 47.24 11.07 23.27
CA THR G 126 46.41 12.24 23.05
C THR G 126 46.05 12.94 24.34
N SER G 127 46.00 12.19 25.45
CA SER G 127 45.69 12.78 26.74
C SER G 127 46.82 13.62 27.31
N ALA G 128 48.05 13.10 27.28
CA ALA G 128 49.12 13.65 28.11
C ALA G 128 49.92 14.74 27.40
N LYS G 129 49.31 15.48 26.48
CA LYS G 129 49.99 16.60 25.86
C LYS G 129 50.30 17.68 26.90
N PRO H 42 74.05 -63.26 19.09
CA PRO H 42 74.05 -61.80 19.24
C PRO H 42 72.67 -61.18 19.45
N HIS H 43 72.63 -60.13 20.25
CA HIS H 43 71.39 -59.43 20.55
C HIS H 43 70.91 -58.75 19.27
N ARG H 44 69.60 -58.74 19.04
CA ARG H 44 69.08 -58.16 17.82
C ARG H 44 67.74 -57.48 18.02
N TYR H 45 67.70 -56.18 17.67
CA TYR H 45 66.51 -55.33 17.69
C TYR H 45 65.62 -55.57 16.47
N ARG H 46 64.30 -55.47 16.66
CA ARG H 46 63.39 -55.63 15.52
C ARG H 46 63.40 -54.41 14.59
N PRO H 47 63.08 -54.59 13.31
CA PRO H 47 63.04 -53.46 12.36
C PRO H 47 62.04 -52.38 12.76
N GLY H 48 62.51 -51.13 12.85
CA GLY H 48 61.68 -50.01 13.23
C GLY H 48 62.01 -49.36 14.55
N THR H 49 62.48 -50.14 15.50
CA THR H 49 62.79 -49.61 16.83
C THR H 49 63.88 -48.55 16.76
N VAL H 50 64.95 -48.84 16.01
CA VAL H 50 66.05 -47.89 15.93
C VAL H 50 65.64 -46.70 15.07
N ALA H 51 64.87 -46.94 14.02
CA ALA H 51 64.36 -45.85 13.22
C ALA H 51 63.58 -44.88 14.07
N LEU H 52 62.68 -45.41 14.90
CA LEU H 52 61.90 -44.58 15.80
C LEU H 52 62.77 -43.84 16.78
N ARG H 53 63.82 -44.49 17.27
CA ARG H 53 64.73 -43.79 18.18
C ARG H 53 65.41 -42.64 17.47
N GLU H 54 65.74 -42.86 16.21
CA GLU H 54 66.41 -41.83 15.44
C GLU H 54 65.47 -40.68 15.16
N ILE H 55 64.20 -41.00 14.92
CA ILE H 55 63.21 -39.97 14.71
C ILE H 55 63.12 -39.10 15.94
N ARG H 56 62.98 -39.74 17.09
CA ARG H 56 62.88 -38.99 18.34
C ARG H 56 64.12 -38.15 18.58
N ARG H 57 65.29 -38.70 18.27
CA ARG H 57 66.52 -37.97 18.48
C ARG H 57 66.59 -36.72 17.61
N TYR H 58 66.36 -36.88 16.33
CA TYR H 58 66.54 -35.73 15.46
C TYR H 58 65.38 -34.77 15.56
N GLN H 59 64.22 -35.24 15.98
CA GLN H 59 63.12 -34.32 16.17
C GLN H 59 63.24 -33.58 17.49
N LYS H 60 64.10 -34.06 18.38
CA LYS H 60 64.31 -33.34 19.62
C LYS H 60 65.35 -32.25 19.41
N SER H 61 66.25 -32.44 18.46
CA SER H 61 67.36 -31.54 18.21
C SER H 61 67.09 -30.72 16.96
N THR H 62 67.94 -29.72 16.73
CA THR H 62 67.81 -28.79 15.62
C THR H 62 69.04 -28.68 14.76
N GLU H 63 70.12 -29.39 15.07
CA GLU H 63 71.35 -29.26 14.32
C GLU H 63 71.15 -29.70 12.86
N LEU H 64 71.92 -29.09 11.98
CA LEU H 64 71.88 -29.42 10.57
C LEU H 64 72.38 -30.82 10.26
N LEU H 65 71.66 -31.49 9.38
CA LEU H 65 71.94 -32.87 9.07
C LEU H 65 72.73 -33.05 7.79
N ILE H 66 72.84 -32.03 6.96
CA ILE H 66 73.66 -32.11 5.76
C ILE H 66 75.05 -31.56 6.02
N ARG H 67 76.03 -32.19 5.39
CA ARG H 67 77.42 -31.78 5.49
C ARG H 67 77.65 -30.43 4.84
N LYS H 68 78.43 -29.60 5.52
CA LYS H 68 78.64 -28.23 5.08
C LYS H 68 79.35 -28.15 3.74
N LEU H 69 80.48 -28.86 3.62
CA LEU H 69 81.32 -28.77 2.43
C LEU H 69 80.67 -29.23 1.14
N PRO H 70 80.07 -30.42 1.05
CA PRO H 70 79.40 -30.78 -0.21
C PRO H 70 78.28 -29.84 -0.57
N PHE H 71 77.62 -29.27 0.42
CA PHE H 71 76.58 -28.31 0.13
C PHE H 71 77.19 -27.07 -0.49
N GLN H 72 78.29 -26.58 0.08
CA GLN H 72 78.97 -25.42 -0.49
C GLN H 72 79.40 -25.70 -1.91
N ARG H 73 79.94 -26.88 -2.15
CA ARG H 73 80.40 -27.24 -3.48
C ARG H 73 79.25 -27.32 -4.48
N LEU H 74 78.11 -27.86 -4.06
CA LEU H 74 76.96 -27.92 -4.95
C LEU H 74 76.49 -26.53 -5.31
N VAL H 75 76.37 -25.68 -4.30
CA VAL H 75 75.93 -24.31 -4.49
C VAL H 75 76.86 -23.58 -5.43
N ARG H 76 78.16 -23.73 -5.20
CA ARG H 76 79.13 -23.04 -6.01
C ARG H 76 79.08 -23.52 -7.45
N GLU H 77 78.87 -24.81 -7.65
CA GLU H 77 78.79 -25.34 -9.00
C GLU H 77 77.58 -24.79 -9.74
N ILE H 78 76.44 -24.82 -9.07
CA ILE H 78 75.22 -24.35 -9.70
C ILE H 78 75.33 -22.86 -10.01
N ALA H 79 75.76 -22.08 -9.02
CA ALA H 79 75.89 -20.65 -9.23
C ALA H 79 76.88 -20.36 -10.34
N GLN H 80 77.95 -21.15 -10.42
CA GLN H 80 78.94 -21.02 -11.45
C GLN H 80 78.29 -21.17 -12.82
N ASP H 81 77.27 -22.03 -12.90
CA ASP H 81 76.61 -22.22 -14.19
C ASP H 81 75.80 -21.01 -14.63
N PHE H 82 75.50 -20.10 -13.72
CA PHE H 82 74.83 -18.86 -14.08
C PHE H 82 75.80 -17.71 -14.29
N LYS H 83 76.71 -17.50 -13.35
CA LYS H 83 77.72 -16.46 -13.46
C LYS H 83 79.02 -16.98 -12.89
N THR H 84 80.11 -16.64 -13.55
CA THR H 84 81.43 -17.13 -13.20
C THR H 84 82.09 -16.38 -12.06
N ASP H 85 82.97 -17.11 -11.37
CA ASP H 85 83.85 -16.64 -10.29
C ASP H 85 83.08 -15.93 -9.17
N LEU H 86 81.87 -16.38 -8.91
CA LEU H 86 81.09 -15.79 -7.83
C LEU H 86 81.59 -16.27 -6.48
N ARG H 87 81.41 -15.42 -5.47
CA ARG H 87 81.67 -15.79 -4.09
C ARG H 87 80.38 -15.83 -3.29
N PHE H 88 80.48 -16.42 -2.11
CA PHE H 88 79.35 -16.58 -1.21
C PHE H 88 79.75 -16.28 0.23
N GLN H 89 78.91 -15.57 0.98
CA GLN H 89 79.14 -15.44 2.41
C GLN H 89 78.80 -16.76 3.08
N SER H 90 79.56 -17.10 4.13
CA SER H 90 79.32 -18.37 4.82
C SER H 90 77.92 -18.44 5.41
N SER H 91 77.44 -17.33 5.95
CA SER H 91 76.10 -17.32 6.51
C SER H 91 75.04 -17.43 5.44
N ALA H 92 75.38 -17.06 4.21
CA ALA H 92 74.44 -17.21 3.11
C ALA H 92 74.25 -18.70 2.83
N VAL H 93 75.34 -19.44 2.94
CA VAL H 93 75.30 -20.87 2.71
C VAL H 93 74.54 -21.53 3.83
N MET H 94 74.73 -21.04 5.04
CA MET H 94 74.01 -21.60 6.16
C MET H 94 72.52 -21.34 6.02
N ALA H 95 72.17 -20.16 5.53
CA ALA H 95 70.78 -19.82 5.29
C ALA H 95 70.18 -20.71 4.23
N LEU H 96 70.92 -20.95 3.16
CA LEU H 96 70.44 -21.80 2.10
C LEU H 96 70.23 -23.20 2.60
N GLN H 97 71.10 -23.63 3.49
CA GLN H 97 70.97 -24.97 4.03
C GLN H 97 69.75 -25.07 4.89
N GLU H 98 69.51 -24.06 5.71
CA GLU H 98 68.32 -24.04 6.55
C GLU H 98 67.06 -24.12 5.73
N ALA H 99 67.01 -23.31 4.67
CA ALA H 99 65.84 -23.31 3.80
C ALA H 99 65.65 -24.64 3.13
N CYS H 100 66.74 -25.20 2.62
CA CYS H 100 66.68 -26.46 1.92
C CYS H 100 66.19 -27.56 2.83
N GLU H 101 66.75 -27.66 4.02
CA GLU H 101 66.36 -28.75 4.88
C GLU H 101 64.93 -28.60 5.37
N ALA H 102 64.49 -27.38 5.69
CA ALA H 102 63.11 -27.23 6.12
C ALA H 102 62.13 -27.58 5.00
N TYR H 103 62.52 -27.27 3.78
CA TYR H 103 61.68 -27.56 2.63
C TYR H 103 61.58 -29.06 2.45
N LEU H 104 62.72 -29.75 2.53
CA LEU H 104 62.75 -31.19 2.36
C LEU H 104 61.97 -31.94 3.44
N VAL H 105 62.12 -31.58 4.72
CA VAL H 105 61.32 -32.27 5.75
C VAL H 105 59.84 -32.04 5.48
N GLY H 106 59.43 -30.81 5.15
CA GLY H 106 58.01 -30.58 4.86
C GLY H 106 57.52 -31.43 3.71
N LEU H 107 58.36 -31.60 2.67
CA LEU H 107 57.93 -32.44 1.56
C LEU H 107 57.84 -33.88 1.97
N PHE H 108 58.76 -34.33 2.80
CA PHE H 108 58.71 -35.70 3.27
C PHE H 108 57.53 -35.93 4.19
N GLU H 109 57.12 -34.90 4.92
CA GLU H 109 55.93 -35.00 5.78
C GLU H 109 54.69 -35.21 4.93
N ASP H 110 54.56 -34.42 3.88
CA ASP H 110 53.41 -34.56 3.01
C ASP H 110 53.46 -35.91 2.32
N THR H 111 54.65 -36.31 1.90
CA THR H 111 54.86 -37.61 1.30
C THR H 111 54.40 -38.71 2.25
N ASN H 112 54.75 -38.59 3.52
CA ASN H 112 54.38 -39.58 4.51
C ASN H 112 52.87 -39.66 4.67
N LEU H 113 52.21 -38.50 4.63
CA LEU H 113 50.76 -38.51 4.74
C LEU H 113 50.12 -39.16 3.53
N CYS H 114 50.71 -38.95 2.37
CA CYS H 114 50.18 -39.57 1.18
C CYS H 114 50.36 -41.07 1.23
N ALA H 115 51.49 -41.51 1.74
CA ALA H 115 51.74 -42.94 1.86
C ALA H 115 50.75 -43.57 2.82
N ILE H 116 50.57 -42.95 3.97
CA ILE H 116 49.64 -43.47 4.96
C ILE H 116 48.24 -43.48 4.38
N HIS H 117 47.93 -42.45 3.61
CA HIS H 117 46.65 -42.37 2.96
C HIS H 117 46.46 -43.55 2.02
N ALA H 118 47.53 -43.95 1.35
CA ALA H 118 47.55 -45.09 0.46
C ALA H 118 47.74 -46.41 1.19
N LYS H 119 47.51 -46.43 2.49
CA LYS H 119 47.66 -47.62 3.32
C LYS H 119 49.07 -48.18 3.29
N ARG H 120 50.07 -47.33 3.09
CA ARG H 120 51.46 -47.76 3.11
C ARG H 120 52.23 -47.05 4.21
N VAL H 121 53.40 -47.62 4.47
CA VAL H 121 54.38 -47.04 5.37
C VAL H 121 55.66 -46.74 4.64
N THR H 122 55.72 -47.06 3.35
CA THR H 122 56.89 -46.87 2.51
C THR H 122 56.59 -45.72 1.57
N ILE H 123 57.46 -44.76 1.55
CA ILE H 123 57.33 -43.62 0.67
C ILE H 123 57.84 -43.97 -0.72
N MET H 124 57.17 -43.43 -1.75
CA MET H 124 57.51 -43.72 -3.12
C MET H 124 57.61 -42.42 -3.90
N PRO H 125 58.30 -42.43 -5.05
CA PRO H 125 58.40 -41.22 -5.87
C PRO H 125 57.07 -40.57 -6.21
N LYS H 126 56.09 -41.40 -6.47
CA LYS H 126 54.75 -40.95 -6.79
C LYS H 126 54.11 -40.18 -5.65
N ASP H 127 54.49 -40.50 -4.41
CA ASP H 127 53.97 -39.75 -3.29
C ASP H 127 54.54 -38.34 -3.26
N ILE H 128 55.84 -38.23 -3.50
CA ILE H 128 56.50 -36.94 -3.57
C ILE H 128 55.93 -36.14 -4.70
N GLN H 129 55.75 -36.79 -5.83
CA GLN H 129 55.26 -36.12 -7.01
C GLN H 129 53.87 -35.58 -6.76
N LEU H 130 53.07 -36.33 -6.02
CA LEU H 130 51.74 -35.86 -5.72
C LEU H 130 51.77 -34.67 -4.80
N ALA H 131 52.56 -34.76 -3.73
CA ALA H 131 52.65 -33.66 -2.78
C ALA H 131 53.13 -32.38 -3.45
N ARG H 132 54.14 -32.49 -4.31
CA ARG H 132 54.67 -31.32 -4.99
C ARG H 132 53.69 -30.77 -6.00
N ARG H 133 52.96 -31.67 -6.65
CA ARG H 133 51.94 -31.23 -7.59
C ARG H 133 50.85 -30.47 -6.86
N ILE H 134 50.46 -30.93 -5.69
CA ILE H 134 49.40 -30.25 -4.97
C ILE H 134 49.87 -28.91 -4.46
N ARG H 135 51.13 -28.79 -4.04
CA ARG H 135 51.56 -27.44 -3.67
C ARG H 135 51.71 -26.53 -4.86
N GLY H 136 51.77 -27.08 -6.07
CA GLY H 136 51.99 -26.29 -7.25
C GLY H 136 53.45 -26.13 -7.58
N GLU H 137 54.30 -26.99 -7.04
CA GLU H 137 55.74 -26.97 -7.31
C GLU H 137 55.97 -27.79 -8.57
N ARG H 138 55.42 -27.27 -9.67
CA ARG H 138 55.27 -28.05 -10.89
C ARG H 138 56.61 -28.53 -11.42
N ALA H 139 57.54 -27.62 -11.64
CA ALA H 139 58.88 -27.96 -12.12
C ALA H 139 58.84 -28.71 -13.45
N VAL I 25 87.19 -40.42 -6.93
CA VAL I 25 86.69 -39.59 -8.02
C VAL I 25 85.33 -39.01 -7.65
N LEU I 26 85.07 -37.80 -8.12
CA LEU I 26 83.82 -37.11 -7.83
C LEU I 26 82.79 -37.38 -8.92
N ARG I 27 81.53 -37.10 -8.61
CA ARG I 27 80.38 -37.55 -9.40
C ARG I 27 79.39 -36.42 -9.61
N ASP I 28 79.86 -35.24 -10.01
CA ASP I 28 79.06 -34.02 -10.22
C ASP I 28 78.64 -33.37 -8.92
N ASN I 29 79.02 -33.95 -7.77
CA ASN I 29 78.98 -33.35 -6.44
C ASN I 29 77.58 -33.33 -5.83
N ILE I 30 76.57 -33.59 -6.64
CA ILE I 30 75.21 -33.69 -6.14
C ILE I 30 75.07 -34.88 -5.20
N GLN I 31 75.93 -35.86 -5.38
CA GLN I 31 76.00 -37.07 -4.58
C GLN I 31 76.50 -36.82 -3.18
N GLY I 32 77.02 -35.63 -2.89
CA GLY I 32 77.38 -35.34 -1.52
C GLY I 32 76.19 -35.15 -0.63
N ILE I 33 74.99 -35.02 -1.20
CA ILE I 33 73.79 -35.00 -0.39
C ILE I 33 73.49 -36.48 -0.31
N THR I 34 74.12 -37.12 0.65
CA THR I 34 74.13 -38.57 0.71
C THR I 34 72.80 -39.14 1.19
N LYS I 35 72.66 -40.44 0.92
CA LYS I 35 71.52 -41.22 1.39
C LYS I 35 71.29 -41.12 2.89
N PRO I 36 72.28 -41.34 3.76
CA PRO I 36 72.03 -41.20 5.20
C PRO I 36 71.60 -39.81 5.62
N ALA I 37 72.07 -38.76 4.96
CA ALA I 37 71.60 -37.43 5.34
C ALA I 37 70.14 -37.26 5.00
N ILE I 38 69.75 -37.80 3.85
CA ILE I 38 68.37 -37.75 3.42
C ILE I 38 67.54 -38.59 4.36
N ARG I 39 68.09 -39.71 4.79
CA ARG I 39 67.43 -40.58 5.74
C ARG I 39 67.17 -39.83 7.03
N ARG I 40 68.19 -39.12 7.51
CA ARG I 40 68.05 -38.36 8.74
C ARG I 40 66.96 -37.31 8.61
N LEU I 41 66.96 -36.61 7.49
CA LEU I 41 65.96 -35.59 7.23
C LEU I 41 64.56 -36.19 7.20
N ALA I 42 64.41 -37.34 6.56
CA ALA I 42 63.12 -38.01 6.50
C ALA I 42 62.68 -38.46 7.87
N ARG I 43 63.62 -38.90 8.67
CA ARG I 43 63.33 -39.26 10.05
C ARG I 43 62.82 -38.05 10.78
N ARG I 44 63.45 -36.89 10.58
CA ARG I 44 62.91 -35.68 11.18
C ARG I 44 61.56 -35.40 10.59
N GLY I 45 61.36 -35.77 9.33
CA GLY I 45 60.06 -35.70 8.72
C GLY I 45 59.10 -36.76 9.20
N GLY I 46 59.55 -37.65 10.07
CA GLY I 46 58.70 -38.67 10.62
C GLY I 46 58.56 -39.89 9.75
N VAL I 47 59.45 -40.08 8.80
CA VAL I 47 59.36 -41.22 7.89
C VAL I 47 60.02 -42.43 8.50
N LYS I 48 59.28 -43.53 8.50
CA LYS I 48 59.76 -44.77 9.05
C LYS I 48 60.37 -45.68 8.00
N ARG I 49 59.82 -45.68 6.79
CA ARG I 49 60.32 -46.59 5.76
C ARG I 49 60.41 -45.83 4.44
N ILE I 50 61.50 -46.09 3.71
CA ILE I 50 61.85 -45.30 2.53
C ILE I 50 62.28 -46.15 1.34
N SER I 51 61.62 -45.96 0.20
CA SER I 51 62.07 -46.65 -1.01
C SER I 51 63.45 -46.16 -1.43
N GLY I 52 64.21 -47.05 -2.03
CA GLY I 52 65.54 -46.71 -2.51
C GLY I 52 65.56 -45.67 -3.62
N LEU I 53 64.48 -45.56 -4.39
CA LEU I 53 64.42 -44.61 -5.48
C LEU I 53 64.11 -43.19 -5.05
N ILE I 54 63.72 -43.00 -3.78
CA ILE I 54 63.38 -41.69 -3.27
C ILE I 54 64.55 -40.73 -3.31
N TYR I 55 65.74 -41.24 -3.05
CA TYR I 55 66.91 -40.39 -2.86
C TYR I 55 67.24 -39.56 -4.09
N GLU I 56 67.27 -40.19 -5.25
CA GLU I 56 67.57 -39.43 -6.45
C GLU I 56 66.48 -38.43 -6.74
N GLU I 57 65.24 -38.78 -6.45
CA GLU I 57 64.15 -37.85 -6.69
C GLU I 57 64.33 -36.65 -5.80
N THR I 58 64.69 -36.89 -4.55
CA THR I 58 64.89 -35.80 -3.63
C THR I 58 65.99 -34.89 -4.11
N ARG I 59 67.05 -35.50 -4.64
CA ARG I 59 68.16 -34.69 -5.12
C ARG I 59 67.70 -33.81 -6.26
N GLY I 60 66.91 -34.38 -7.16
CA GLY I 60 66.40 -33.60 -8.27
C GLY I 60 65.52 -32.48 -7.79
N VAL I 61 64.68 -32.79 -6.81
CA VAL I 61 63.79 -31.79 -6.26
C VAL I 61 64.61 -30.66 -5.66
N LEU I 62 65.67 -31.04 -4.95
CA LEU I 62 66.50 -30.03 -4.32
C LEU I 62 67.16 -29.15 -5.35
N LYS I 63 67.65 -29.75 -6.43
CA LYS I 63 68.31 -28.95 -7.45
C LYS I 63 67.39 -27.92 -8.04
N VAL I 64 66.14 -28.31 -8.29
CA VAL I 64 65.22 -27.35 -8.86
C VAL I 64 64.98 -26.21 -7.90
N PHE I 65 64.71 -26.57 -6.66
CA PHE I 65 64.46 -25.60 -5.61
C PHE I 65 65.64 -24.66 -5.50
N LEU I 66 66.81 -25.27 -5.40
CA LEU I 66 68.03 -24.51 -5.23
C LEU I 66 68.28 -23.58 -6.39
N GLU I 67 68.19 -24.12 -7.61
CA GLU I 67 68.41 -23.31 -8.80
C GLU I 67 67.61 -22.03 -8.76
N ASN I 68 66.32 -22.14 -8.47
CA ASN I 68 65.48 -20.96 -8.48
C ASN I 68 65.92 -19.95 -7.45
N VAL I 69 66.25 -20.45 -6.26
CA VAL I 69 66.66 -19.55 -5.21
C VAL I 69 67.96 -18.88 -5.57
N ILE I 70 68.94 -19.69 -5.96
CA ILE I 70 70.23 -19.13 -6.25
C ILE I 70 70.12 -18.21 -7.45
N ARG I 71 69.28 -18.57 -8.42
CA ARG I 71 69.12 -17.74 -9.60
C ARG I 71 68.70 -16.34 -9.20
N ASP I 72 67.71 -16.29 -8.31
CA ASP I 72 67.21 -15.00 -7.89
C ASP I 72 68.25 -14.30 -7.04
N ALA I 73 68.93 -15.06 -6.19
CA ALA I 73 69.96 -14.47 -5.37
C ALA I 73 70.99 -13.78 -6.24
N VAL I 74 71.39 -14.44 -7.32
CA VAL I 74 72.39 -13.84 -8.17
C VAL I 74 71.84 -12.64 -8.88
N THR I 75 70.56 -12.66 -9.19
CA THR I 75 69.96 -11.50 -9.81
C THR I 75 70.04 -10.31 -8.91
N TYR I 76 69.77 -10.53 -7.62
CA TYR I 76 69.90 -9.44 -6.67
C TYR I 76 71.33 -9.02 -6.58
N THR I 77 72.21 -10.02 -6.63
CA THR I 77 73.64 -9.77 -6.57
C THR I 77 74.04 -8.92 -7.74
N GLU I 78 73.58 -9.30 -8.92
CA GLU I 78 73.94 -8.56 -10.11
C GLU I 78 73.44 -7.14 -10.04
N HIS I 79 72.25 -6.95 -9.50
CA HIS I 79 71.71 -5.60 -9.41
C HIS I 79 72.59 -4.69 -8.57
N ALA I 80 73.17 -5.22 -7.51
CA ALA I 80 74.00 -4.43 -6.61
C ALA I 80 75.41 -4.22 -7.14
N LYS I 81 75.77 -4.83 -8.26
CA LYS I 81 77.10 -4.71 -8.85
C LYS I 81 78.13 -5.27 -7.89
N ARG I 82 77.79 -6.38 -7.26
CA ARG I 82 78.63 -7.06 -6.29
C ARG I 82 79.02 -8.42 -6.84
N LYS I 83 80.19 -8.89 -6.40
CA LYS I 83 80.69 -10.21 -6.76
C LYS I 83 80.63 -11.19 -5.61
N THR I 84 80.01 -10.82 -4.50
CA THR I 84 79.90 -11.65 -3.31
C THR I 84 78.43 -11.79 -3.00
N VAL I 85 77.97 -13.03 -2.93
CA VAL I 85 76.59 -13.33 -2.58
C VAL I 85 76.39 -13.15 -1.08
N THR I 86 75.45 -12.28 -0.71
CA THR I 86 75.18 -12.03 0.71
C THR I 86 73.97 -12.83 1.18
N ALA I 87 73.85 -12.91 2.49
CA ALA I 87 72.69 -13.51 3.13
C ALA I 87 71.40 -12.80 2.76
N MET I 88 71.47 -11.48 2.59
CA MET I 88 70.28 -10.72 2.27
C MET I 88 69.75 -11.09 0.90
N ASP I 89 70.65 -11.39 -0.02
CA ASP I 89 70.24 -11.82 -1.34
C ASP I 89 69.43 -13.10 -1.23
N VAL I 90 69.87 -13.99 -0.36
CA VAL I 90 69.18 -15.24 -0.14
C VAL I 90 67.83 -14.98 0.47
N VAL I 91 67.80 -14.13 1.49
CA VAL I 91 66.56 -13.81 2.17
C VAL I 91 65.53 -13.25 1.20
N TYR I 92 65.93 -12.34 0.34
CA TYR I 92 64.97 -11.77 -0.61
C TYR I 92 64.51 -12.81 -1.61
N ALA I 93 65.43 -13.63 -2.09
CA ALA I 93 65.07 -14.70 -3.01
C ALA I 93 64.07 -15.64 -2.38
N LEU I 94 64.26 -15.93 -1.10
CA LEU I 94 63.38 -16.84 -0.40
C LEU I 94 62.01 -16.22 -0.18
N LYS I 95 62.00 -14.94 0.18
CA LYS I 95 60.74 -14.23 0.39
C LYS I 95 59.91 -14.23 -0.88
N ARG I 96 60.53 -13.93 -2.02
CA ARG I 96 59.74 -13.87 -3.23
C ARG I 96 59.23 -15.24 -3.64
N GLN I 97 59.83 -16.30 -3.14
CA GLN I 97 59.29 -17.63 -3.36
C GLN I 97 58.36 -18.06 -2.25
N GLY I 98 57.95 -17.12 -1.39
CA GLY I 98 57.04 -17.50 -0.33
C GLY I 98 57.65 -18.44 0.68
N ARG I 99 58.96 -18.34 0.91
CA ARG I 99 59.63 -19.21 1.85
C ARG I 99 60.45 -18.39 2.83
N THR I 100 59.80 -17.42 3.45
CA THR I 100 60.40 -16.52 4.43
C THR I 100 61.24 -17.25 5.47
N LEU I 101 62.46 -16.76 5.65
CA LEU I 101 63.40 -17.29 6.63
C LEU I 101 63.74 -16.25 7.68
N TYR I 102 63.64 -16.65 8.93
CA TYR I 102 63.98 -15.82 10.07
C TYR I 102 65.33 -16.22 10.65
N GLY I 103 66.05 -15.23 11.18
CA GLY I 103 67.28 -15.47 11.90
C GLY I 103 68.58 -14.99 11.31
N PHE I 104 68.59 -14.44 10.10
CA PHE I 104 69.83 -14.05 9.46
C PHE I 104 69.87 -12.57 9.11
N GLY I 105 69.05 -11.77 9.77
CA GLY I 105 69.06 -10.34 9.55
C GLY I 105 68.00 -9.95 8.56
N GLY I 106 67.33 -8.84 8.82
CA GLY I 106 66.25 -8.38 7.98
C GLY I 106 64.96 -9.14 8.23
N LYS J 13 60.45 32.04 -29.97
CA LYS J 13 60.37 30.61 -29.74
C LYS J 13 59.69 29.91 -30.92
N ALA J 14 60.03 28.63 -31.12
CA ALA J 14 59.49 27.82 -32.21
C ALA J 14 58.33 26.95 -31.76
N ARG J 15 58.48 26.25 -30.63
CA ARG J 15 57.45 25.38 -30.09
C ARG J 15 57.05 24.33 -31.13
N ALA J 16 57.99 23.43 -31.37
CA ALA J 16 57.87 22.45 -32.43
C ALA J 16 56.65 21.56 -32.23
N LYS J 17 56.33 20.80 -33.26
CA LYS J 17 55.13 19.97 -33.25
C LYS J 17 55.21 18.92 -32.14
N ALA J 18 54.05 18.64 -31.57
CA ALA J 18 53.98 17.83 -30.37
C ALA J 18 54.10 16.36 -30.72
N LYS J 19 55.29 15.81 -30.52
CA LYS J 19 55.55 14.39 -30.63
C LYS J 19 55.38 13.75 -29.26
N THR J 20 55.12 12.45 -29.25
CA THR J 20 54.97 11.71 -28.02
C THR J 20 56.02 10.61 -27.89
N ARG J 21 56.22 10.22 -26.63
CA ARG J 21 57.21 9.22 -26.29
C ARG J 21 56.89 7.83 -26.83
N SER J 22 55.62 7.45 -26.91
CA SER J 22 55.30 6.15 -27.46
C SER J 22 55.66 6.08 -28.93
N SER J 23 55.38 7.16 -29.65
CA SER J 23 55.71 7.26 -31.06
C SER J 23 57.21 7.25 -31.27
N ARG J 24 57.92 7.95 -30.41
CA ARG J 24 59.37 7.99 -30.50
C ARG J 24 59.92 6.60 -30.24
N ALA J 25 59.36 5.90 -29.26
CA ALA J 25 59.79 4.56 -28.99
C ALA J 25 59.28 3.57 -30.02
N GLY J 26 58.38 3.99 -30.89
CA GLY J 26 57.86 3.07 -31.86
C GLY J 26 56.91 2.11 -31.21
N LEU J 27 56.26 2.56 -30.16
CA LEU J 27 55.39 1.73 -29.36
C LEU J 27 53.95 2.16 -29.48
N GLN J 28 53.10 1.23 -29.10
CA GLN J 28 51.67 1.48 -29.00
C GLN J 28 51.18 1.82 -27.60
N PHE J 29 51.77 1.26 -26.56
CA PHE J 29 51.33 1.56 -25.22
C PHE J 29 51.67 3.00 -24.80
N PRO J 30 50.85 3.59 -23.92
CA PRO J 30 50.99 5.01 -23.56
C PRO J 30 52.09 5.23 -22.55
N VAL J 31 53.19 5.80 -23.00
CA VAL J 31 54.32 6.09 -22.14
C VAL J 31 53.92 7.08 -21.06
N GLY J 32 53.23 8.14 -21.47
CA GLY J 32 52.83 9.18 -20.54
C GLY J 32 51.97 8.69 -19.40
N ARG J 33 50.96 7.88 -19.69
CA ARG J 33 50.11 7.37 -18.64
C ARG J 33 50.90 6.48 -17.68
N VAL J 34 51.77 5.63 -18.21
CA VAL J 34 52.57 4.75 -17.36
C VAL J 34 53.45 5.58 -16.44
N HIS J 35 54.03 6.65 -16.96
CA HIS J 35 54.84 7.54 -16.14
C HIS J 35 54.02 8.13 -15.00
N ARG J 36 52.83 8.59 -15.32
CA ARG J 36 51.97 9.15 -14.27
C ARG J 36 51.60 8.09 -13.24
N LEU J 37 51.31 6.89 -13.71
CA LEU J 37 50.95 5.80 -12.82
C LEU J 37 52.11 5.41 -11.93
N LEU J 38 53.32 5.49 -12.46
CA LEU J 38 54.50 5.23 -11.66
C LEU J 38 54.69 6.31 -10.62
N ARG J 39 54.53 7.56 -11.03
CA ARG J 39 54.70 8.68 -10.11
C ARG J 39 53.72 8.57 -8.95
N LYS J 40 52.48 8.23 -9.25
CA LYS J 40 51.43 8.16 -8.26
C LYS J 40 51.33 6.72 -7.76
N GLY J 41 51.61 6.52 -6.50
CA GLY J 41 51.54 5.19 -5.92
C GLY J 41 52.60 4.88 -4.91
N ASN J 42 53.42 5.87 -4.55
CA ASN J 42 54.48 5.69 -3.58
C ASN J 42 55.42 4.53 -3.92
N TYR J 43 55.93 4.55 -5.15
CA TYR J 43 56.85 3.52 -5.60
C TYR J 43 58.32 3.89 -5.42
N SER J 44 58.69 5.13 -5.73
CA SER J 44 60.05 5.60 -5.55
C SER J 44 59.94 7.11 -5.50
N GLU J 45 60.97 7.77 -4.97
CA GLU J 45 60.89 9.21 -4.97
C GLU J 45 60.95 9.79 -6.37
N ARG J 46 61.80 9.23 -7.21
CA ARG J 46 62.00 9.69 -8.57
C ARG J 46 61.95 8.50 -9.52
N VAL J 47 61.64 8.78 -10.78
CA VAL J 47 61.51 7.75 -11.81
C VAL J 47 62.26 8.12 -13.08
N GLY J 48 63.16 7.22 -13.53
CA GLY J 48 63.89 7.46 -14.74
C GLY J 48 63.02 7.39 -15.98
N ALA J 49 63.51 8.05 -17.03
CA ALA J 49 62.79 8.13 -18.30
C ALA J 49 62.62 6.79 -19.01
N GLY J 50 63.61 5.90 -18.92
CA GLY J 50 63.49 4.63 -19.61
C GLY J 50 62.64 3.60 -18.92
N ALA J 51 62.51 3.68 -17.62
CA ALA J 51 61.74 2.69 -16.88
C ALA J 51 60.33 2.56 -17.42
N PRO J 52 59.55 3.63 -17.57
CA PRO J 52 58.19 3.45 -18.10
C PRO J 52 58.20 2.98 -19.52
N VAL J 53 59.26 3.30 -20.24
CA VAL J 53 59.37 2.85 -21.62
C VAL J 53 59.58 1.35 -21.65
N TYR J 54 60.51 0.90 -20.83
CA TYR J 54 60.83 -0.51 -20.75
C TYR J 54 59.62 -1.32 -20.32
N LEU J 55 58.99 -0.87 -19.26
CA LEU J 55 57.82 -1.55 -18.74
C LEU J 55 56.71 -1.60 -19.76
N ALA J 56 56.44 -0.48 -20.42
CA ALA J 56 55.41 -0.44 -21.43
C ALA J 56 55.72 -1.41 -22.55
N ALA J 57 56.99 -1.52 -22.91
CA ALA J 57 57.40 -2.41 -23.97
C ALA J 57 57.14 -3.85 -23.56
N VAL J 58 57.42 -4.16 -22.31
CA VAL J 58 57.20 -5.50 -21.81
C VAL J 58 55.73 -5.84 -21.81
N LEU J 59 54.92 -4.91 -21.36
CA LEU J 59 53.48 -5.12 -21.31
C LEU J 59 52.91 -5.29 -22.71
N GLU J 60 53.45 -4.57 -23.67
CA GLU J 60 52.96 -4.68 -25.03
C GLU J 60 53.33 -6.04 -25.59
N TYR J 61 54.57 -6.48 -25.36
CA TYR J 61 54.99 -7.79 -25.83
C TYR J 61 54.12 -8.89 -25.28
N LEU J 62 53.89 -8.85 -23.99
CA LEU J 62 53.12 -9.90 -23.35
C LEU J 62 51.69 -9.90 -23.86
N THR J 63 51.13 -8.73 -24.10
CA THR J 63 49.80 -8.66 -24.65
C THR J 63 49.76 -9.27 -26.01
N ALA J 64 50.77 -8.97 -26.82
CA ALA J 64 50.78 -9.50 -28.18
C ALA J 64 50.83 -11.01 -28.15
N GLU J 65 51.63 -11.57 -27.25
CA GLU J 65 51.77 -13.02 -27.19
C GLU J 65 50.44 -13.66 -26.80
N ILE J 66 49.79 -13.08 -25.79
CA ILE J 66 48.51 -13.58 -25.34
C ILE J 66 47.47 -13.48 -26.44
N LEU J 67 47.33 -12.29 -27.02
CA LEU J 67 46.34 -12.10 -28.05
C LEU J 67 46.57 -13.00 -29.25
N GLU J 68 47.83 -13.24 -29.59
CA GLU J 68 48.18 -14.15 -30.67
C GLU J 68 47.64 -15.55 -30.41
N LEU J 69 47.92 -16.07 -29.23
CA LEU J 69 47.48 -17.41 -28.90
C LEU J 69 45.97 -17.48 -28.80
N ALA J 70 45.35 -16.46 -28.24
CA ALA J 70 43.91 -16.48 -28.16
C ALA J 70 43.31 -16.44 -29.56
N GLY J 71 43.94 -15.73 -30.47
CA GLY J 71 43.46 -15.70 -31.83
C GLY J 71 43.57 -17.07 -32.46
N ASN J 72 44.62 -17.81 -32.07
CA ASN J 72 44.80 -19.16 -32.58
C ASN J 72 43.71 -20.08 -32.06
N ALA J 73 43.41 -19.95 -30.78
CA ALA J 73 42.36 -20.76 -30.18
C ALA J 73 41.01 -20.41 -30.78
N ALA J 74 40.81 -19.12 -31.09
CA ALA J 74 39.58 -18.67 -31.71
C ALA J 74 39.42 -19.30 -33.08
N ARG J 75 40.50 -19.35 -33.84
CA ARG J 75 40.41 -19.98 -35.15
C ARG J 75 40.15 -21.47 -34.98
N ASP J 76 40.74 -22.09 -33.96
CA ASP J 76 40.48 -23.50 -33.74
C ASP J 76 39.00 -23.77 -33.47
N ASN J 77 38.30 -22.85 -32.81
CA ASN J 77 36.88 -22.99 -32.55
C ASN J 77 36.01 -22.41 -33.66
N LYS J 78 36.62 -21.99 -34.77
CA LYS J 78 35.92 -21.36 -35.89
C LYS J 78 35.17 -20.12 -35.45
N LYS J 79 35.73 -19.41 -34.49
CA LYS J 79 35.14 -18.19 -33.97
C LYS J 79 36.04 -17.03 -34.38
N THR J 80 35.42 -15.95 -34.83
CA THR J 80 36.15 -14.75 -35.19
C THR J 80 36.37 -13.80 -34.05
N ARG J 81 35.66 -13.95 -32.94
CA ARG J 81 35.83 -13.10 -31.78
C ARG J 81 36.44 -13.87 -30.61
N ILE J 82 37.44 -13.28 -30.01
CA ILE J 82 38.08 -13.82 -28.80
C ILE J 82 37.18 -13.66 -27.58
N ILE J 83 37.02 -14.75 -26.84
CA ILE J 83 36.25 -14.74 -25.60
C ILE J 83 37.15 -15.16 -24.45
N PRO J 84 36.72 -14.96 -23.20
CA PRO J 84 37.54 -15.36 -22.05
C PRO J 84 38.00 -16.80 -22.08
N ARG J 85 37.16 -17.67 -22.66
CA ARG J 85 37.47 -19.08 -22.78
C ARG J 85 38.76 -19.25 -23.54
N HIS J 86 38.91 -18.46 -24.60
CA HIS J 86 40.11 -18.57 -25.41
C HIS J 86 41.34 -18.13 -24.64
N LEU J 87 41.17 -17.17 -23.73
CA LEU J 87 42.31 -16.78 -22.92
C LEU J 87 42.68 -17.85 -21.92
N GLN J 88 41.69 -18.48 -21.31
CA GLN J 88 41.98 -19.55 -20.37
C GLN J 88 42.68 -20.70 -21.09
N LEU J 89 42.11 -21.12 -22.22
CA LEU J 89 42.71 -22.21 -22.99
C LEU J 89 44.14 -21.87 -23.39
N ALA J 90 44.35 -20.65 -23.84
CA ALA J 90 45.68 -20.19 -24.21
C ALA J 90 46.65 -20.24 -23.05
N ILE J 91 46.22 -19.70 -21.91
CA ILE J 91 47.07 -19.59 -20.74
C ILE J 91 47.43 -20.95 -20.20
N ARG J 92 46.43 -21.81 -20.03
CA ARG J 92 46.71 -23.13 -19.47
C ARG J 92 47.48 -23.98 -20.46
N ASN J 93 47.41 -23.69 -21.75
CA ASN J 93 48.18 -24.42 -22.73
C ASN J 93 49.60 -23.89 -22.93
N ASP J 94 49.98 -22.80 -22.26
CA ASP J 94 51.33 -22.25 -22.33
C ASP J 94 52.02 -22.44 -20.99
N GLU J 95 53.09 -23.23 -21.00
CA GLU J 95 53.81 -23.58 -19.79
C GLU J 95 54.23 -22.34 -18.98
N GLU J 96 54.75 -21.33 -19.67
CA GLU J 96 55.26 -20.16 -18.95
C GLU J 96 54.14 -19.28 -18.44
N LEU J 97 53.10 -19.09 -19.24
CA LEU J 97 52.00 -18.27 -18.75
C LEU J 97 51.24 -18.97 -17.65
N ASN J 98 51.10 -20.29 -17.75
CA ASN J 98 50.42 -21.05 -16.70
C ASN J 98 51.19 -20.93 -15.41
N LYS J 99 52.52 -20.99 -15.50
CA LYS J 99 53.32 -20.78 -14.31
C LYS J 99 53.09 -19.38 -13.76
N LEU J 100 53.19 -18.37 -14.63
CA LEU J 100 52.96 -17.00 -14.19
C LEU J 100 51.60 -16.82 -13.55
N LEU J 101 50.59 -17.43 -14.13
CA LEU J 101 49.22 -17.29 -13.67
C LEU J 101 48.73 -18.57 -13.02
N GLY J 102 49.63 -19.28 -12.33
CA GLY J 102 49.26 -20.55 -11.73
C GLY J 102 48.26 -20.45 -10.60
N ARG J 103 48.22 -19.31 -9.92
CA ARG J 103 47.32 -19.07 -8.80
C ARG J 103 46.41 -17.90 -9.14
N VAL J 104 46.07 -17.78 -10.42
CA VAL J 104 45.24 -16.69 -10.92
C VAL J 104 43.94 -17.30 -11.41
N THR J 105 42.84 -16.62 -11.12
CA THR J 105 41.53 -17.05 -11.59
C THR J 105 41.02 -16.17 -12.71
N ILE J 106 40.74 -16.80 -13.83
CA ILE J 106 40.17 -16.16 -15.01
C ILE J 106 38.66 -16.29 -14.96
N ALA J 107 37.97 -15.18 -14.71
CA ALA J 107 36.50 -15.22 -14.66
C ALA J 107 35.92 -15.76 -15.95
N GLN J 108 34.92 -16.61 -15.81
CA GLN J 108 34.26 -17.27 -16.93
C GLN J 108 35.25 -18.09 -17.76
N GLY J 109 36.34 -18.55 -17.14
CA GLY J 109 37.33 -19.33 -17.87
C GLY J 109 37.13 -20.83 -17.90
N GLY J 110 36.55 -21.40 -16.86
CA GLY J 110 36.47 -22.84 -16.79
C GLY J 110 37.82 -23.50 -16.58
N VAL J 111 37.89 -24.78 -16.97
CA VAL J 111 39.09 -25.59 -16.85
C VAL J 111 39.39 -26.29 -18.16
N LEU J 112 40.61 -26.83 -18.26
CA LEU J 112 41.00 -27.59 -19.43
C LEU J 112 40.36 -28.98 -19.49
N PRO J 113 39.94 -29.44 -20.67
CA PRO J 113 39.49 -30.83 -20.80
C PRO J 113 40.57 -31.86 -20.48
N ASN J 114 40.92 -32.04 -19.21
CA ASN J 114 41.96 -32.99 -18.84
C ASN J 114 41.35 -34.02 -17.90
N ILE J 115 41.29 -35.26 -18.39
CA ILE J 115 40.77 -36.39 -17.64
C ILE J 115 41.88 -37.37 -17.38
N GLN J 116 42.01 -37.80 -16.13
CA GLN J 116 43.03 -38.79 -15.84
C GLN J 116 42.68 -40.09 -16.55
N ALA J 117 43.65 -40.60 -17.32
CA ALA J 117 43.48 -41.82 -18.11
C ALA J 117 42.86 -43.00 -17.36
N VAL J 118 43.25 -43.21 -16.10
CA VAL J 118 42.74 -44.38 -15.36
C VAL J 118 41.22 -44.41 -15.19
N LEU J 119 40.55 -43.28 -15.16
CA LEU J 119 39.11 -43.29 -14.94
C LEU J 119 38.30 -43.52 -16.20
N LEU J 120 38.91 -43.39 -17.38
CA LEU J 120 38.13 -43.57 -18.59
C LEU J 120 37.89 -45.07 -18.78
N PRO J 121 36.82 -45.45 -19.48
CA PRO J 121 36.51 -46.87 -19.64
C PRO J 121 37.51 -47.68 -20.44
N LYS J 122 37.32 -48.98 -20.27
CA LYS J 122 38.11 -50.06 -20.81
C LYS J 122 38.46 -49.95 -22.28
N LYS J 123 39.62 -50.50 -22.62
CA LYS J 123 40.10 -50.65 -23.98
C LYS J 123 39.58 -51.94 -24.61
N THR J 124 39.68 -53.06 -23.90
CA THR J 124 39.21 -54.35 -24.39
C THR J 124 37.74 -54.50 -23.99
N GLU J 125 36.93 -53.55 -24.46
CA GLU J 125 35.49 -53.53 -24.23
C GLU J 125 34.85 -53.41 -25.60
N SER J 126 34.62 -54.56 -26.23
CA SER J 126 34.07 -54.64 -27.56
C SER J 126 33.29 -55.96 -27.65
N HIS J 127 33.04 -56.42 -28.88
CA HIS J 127 32.48 -57.75 -29.09
C HIS J 127 33.33 -58.77 -28.34
N HIS J 128 32.75 -59.34 -27.28
CA HIS J 128 33.50 -60.07 -26.28
C HIS J 128 32.87 -61.42 -25.92
N LYS J 129 31.78 -61.80 -26.56
CA LYS J 129 31.13 -63.10 -26.33
C LYS J 129 30.62 -63.19 -24.89
N ARG K 33 25.44 18.96 -15.67
CA ARG K 33 26.82 19.19 -16.09
C ARG K 33 27.78 18.16 -15.50
N LYS K 34 27.39 17.55 -14.38
CA LYS K 34 28.25 16.63 -13.65
C LYS K 34 28.73 15.51 -14.56
N ARG K 35 29.95 15.02 -14.30
CA ARG K 35 30.53 13.96 -15.11
C ARG K 35 31.82 13.51 -14.45
N SER K 36 32.21 12.26 -14.70
CA SER K 36 33.47 11.71 -14.22
C SER K 36 34.29 11.23 -15.42
N ARG K 37 35.39 10.52 -15.17
CA ARG K 37 36.32 10.16 -16.24
C ARG K 37 37.08 8.90 -15.81
N LYS K 38 36.66 7.74 -16.35
CA LYS K 38 37.31 6.47 -16.08
C LYS K 38 38.27 6.03 -17.19
N GLU K 39 39.55 5.98 -16.86
CA GLU K 39 40.61 5.58 -17.80
C GLU K 39 40.76 4.05 -17.85
N SER K 40 41.16 3.55 -19.01
CA SER K 40 41.48 2.13 -19.20
C SER K 40 42.51 1.97 -20.32
N TYR K 41 43.07 0.77 -20.41
CA TYR K 41 44.01 0.39 -21.45
C TYR K 41 43.33 -0.22 -22.68
N SER K 42 42.00 -0.20 -22.71
CA SER K 42 41.21 -0.83 -23.77
C SER K 42 41.66 -0.52 -25.19
N ILE K 43 41.82 0.76 -25.51
CA ILE K 43 42.14 1.15 -26.88
C ILE K 43 43.50 0.62 -27.32
N TYR K 44 44.43 0.49 -26.40
CA TYR K 44 45.74 0.02 -26.80
C TYR K 44 45.72 -1.47 -27.05
N VAL K 45 44.97 -2.20 -26.24
CA VAL K 45 44.84 -3.63 -26.48
C VAL K 45 44.18 -3.86 -27.82
N TYR K 46 43.15 -3.06 -28.12
CA TYR K 46 42.46 -3.21 -29.40
C TYR K 46 43.37 -2.87 -30.56
N LYS K 47 44.21 -1.85 -30.40
CA LYS K 47 45.16 -1.54 -31.46
C LYS K 47 46.12 -2.68 -31.69
N VAL K 48 46.63 -3.25 -30.60
CA VAL K 48 47.54 -4.38 -30.74
C VAL K 48 46.83 -5.55 -31.37
N LEU K 49 45.60 -5.81 -30.93
CA LEU K 49 44.79 -6.87 -31.50
C LEU K 49 44.65 -6.69 -33.00
N LYS K 50 44.40 -5.47 -33.42
CA LYS K 50 44.28 -5.15 -34.84
C LYS K 50 45.61 -5.28 -35.56
N GLN K 51 46.71 -5.08 -34.84
CA GLN K 51 48.01 -5.23 -35.43
C GLN K 51 48.36 -6.69 -35.67
N VAL K 52 48.09 -7.55 -34.71
CA VAL K 52 48.44 -8.95 -34.85
C VAL K 52 47.43 -9.78 -35.64
N HIS K 53 46.13 -9.51 -35.47
CA HIS K 53 45.08 -10.26 -36.15
C HIS K 53 44.02 -9.24 -36.57
N PRO K 54 44.20 -8.60 -37.73
CA PRO K 54 43.27 -7.53 -38.13
C PRO K 54 41.81 -7.93 -38.14
N ASP K 55 41.48 -9.18 -38.46
CA ASP K 55 40.09 -9.61 -38.55
C ASP K 55 39.69 -10.42 -37.32
N THR K 56 39.46 -9.69 -36.23
CA THR K 56 39.07 -10.28 -34.96
C THR K 56 38.74 -9.18 -33.97
N GLY K 57 37.68 -9.40 -33.20
CA GLY K 57 37.27 -8.48 -32.17
C GLY K 57 37.59 -9.03 -30.79
N ILE K 58 36.99 -8.38 -29.80
CA ILE K 58 37.18 -8.76 -28.41
C ILE K 58 35.99 -8.26 -27.61
N SER K 59 35.52 -9.10 -26.69
CA SER K 59 34.38 -8.69 -25.88
C SER K 59 34.83 -7.70 -24.82
N SER K 60 33.85 -7.02 -24.25
CA SER K 60 34.15 -6.04 -23.23
C SER K 60 34.65 -6.73 -21.97
N LYS K 61 34.05 -7.88 -21.64
CA LYS K 61 34.50 -8.66 -20.51
C LYS K 61 35.95 -9.12 -20.69
N ALA K 62 36.27 -9.61 -21.87
CA ALA K 62 37.64 -10.03 -22.13
C ALA K 62 38.60 -8.86 -22.07
N MET K 63 38.18 -7.72 -22.59
CA MET K 63 39.03 -6.56 -22.53
C MET K 63 39.27 -6.15 -21.08
N GLY K 64 38.23 -6.26 -20.27
CA GLY K 64 38.36 -6.01 -18.86
C GLY K 64 39.35 -6.94 -18.19
N ILE K 65 39.36 -8.19 -18.63
CA ILE K 65 40.33 -9.15 -18.11
C ILE K 65 41.74 -8.73 -18.49
N MET K 66 41.90 -8.26 -19.71
CA MET K 66 43.21 -7.82 -20.16
C MET K 66 43.67 -6.59 -19.38
N ASN K 67 42.75 -5.68 -19.11
CA ASN K 67 43.08 -4.49 -18.33
C ASN K 67 43.47 -4.87 -16.90
N SER K 68 42.72 -5.80 -16.29
CA SER K 68 43.07 -6.30 -14.96
C SER K 68 44.47 -6.91 -14.97
N PHE K 69 44.78 -7.67 -16.01
CA PHE K 69 46.07 -8.30 -16.16
C PHE K 69 47.17 -7.23 -16.17
N VAL K 70 46.99 -6.23 -17.04
CA VAL K 70 47.97 -5.16 -17.17
C VAL K 70 48.21 -4.47 -15.85
N ASN K 71 47.14 -4.11 -15.16
CA ASN K 71 47.25 -3.46 -13.86
C ASN K 71 48.00 -4.32 -12.85
N ASP K 72 47.71 -5.62 -12.85
CA ASP K 72 48.38 -6.53 -11.92
C ASP K 72 49.88 -6.60 -12.17
N ILE K 73 50.27 -6.81 -13.42
CA ILE K 73 51.70 -6.93 -13.70
C ILE K 73 52.41 -5.60 -13.47
N PHE K 74 51.73 -4.48 -13.74
CA PHE K 74 52.31 -3.17 -13.47
C PHE K 74 52.66 -3.07 -11.99
N GLU K 75 51.66 -3.33 -11.15
CA GLU K 75 51.84 -3.22 -9.71
C GLU K 75 52.94 -4.16 -9.21
N ARG K 76 52.96 -5.39 -9.73
CA ARG K 76 53.99 -6.36 -9.35
C ARG K 76 55.38 -5.83 -9.65
N ILE K 77 55.56 -5.30 -10.85
CA ILE K 77 56.87 -4.85 -11.26
C ILE K 77 57.30 -3.62 -10.47
N ALA K 78 56.43 -2.64 -10.33
CA ALA K 78 56.81 -1.44 -9.62
C ALA K 78 57.15 -1.75 -8.18
N GLY K 79 56.34 -2.60 -7.54
CA GLY K 79 56.61 -2.98 -6.17
C GLY K 79 57.93 -3.69 -5.98
N GLU K 80 58.24 -4.62 -6.88
CA GLU K 80 59.51 -5.32 -6.78
C GLU K 80 60.68 -4.39 -7.02
N ALA K 81 60.58 -3.54 -8.04
CA ALA K 81 61.64 -2.58 -8.31
C ALA K 81 61.87 -1.66 -7.13
N SER K 82 60.78 -1.24 -6.51
CA SER K 82 60.86 -0.41 -5.32
C SER K 82 61.62 -1.13 -4.20
N ARG K 83 61.27 -2.38 -3.95
CA ARG K 83 61.97 -3.12 -2.90
C ARG K 83 63.46 -3.25 -3.19
N LEU K 84 63.84 -3.61 -4.42
CA LEU K 84 65.26 -3.68 -4.76
C LEU K 84 65.95 -2.35 -4.51
N ALA K 85 65.33 -1.26 -4.95
CA ALA K 85 65.93 0.06 -4.75
C ALA K 85 66.13 0.32 -3.28
N HIS K 86 65.14 0.02 -2.46
CA HIS K 86 65.29 0.22 -1.02
C HIS K 86 66.43 -0.63 -0.49
N TYR K 87 66.54 -1.88 -0.95
CA TYR K 87 67.62 -2.74 -0.46
C TYR K 87 68.98 -2.17 -0.79
N ASN K 88 69.09 -1.48 -1.92
CA ASN K 88 70.35 -0.93 -2.37
C ASN K 88 70.51 0.55 -2.05
N LYS K 89 69.67 1.09 -1.18
CA LYS K 89 69.75 2.49 -0.74
C LYS K 89 69.81 3.42 -1.95
N ARG K 90 68.97 3.11 -2.94
CA ARG K 90 68.92 3.88 -4.16
C ARG K 90 67.58 4.60 -4.19
N SER K 91 67.61 5.89 -4.51
CA SER K 91 66.41 6.69 -4.59
C SER K 91 65.82 6.75 -5.99
N THR K 92 66.50 6.18 -6.97
CA THR K 92 66.06 6.20 -8.36
C THR K 92 65.72 4.81 -8.84
N ILE K 93 64.58 4.72 -9.53
CA ILE K 93 64.18 3.51 -10.23
C ILE K 93 64.56 3.71 -11.70
N THR K 94 65.44 2.86 -12.21
CA THR K 94 65.89 2.94 -13.60
C THR K 94 65.41 1.77 -14.43
N SER K 95 65.79 1.83 -15.71
CA SER K 95 65.50 0.72 -16.61
C SER K 95 66.18 -0.55 -16.12
N ARG K 96 67.23 -0.39 -15.31
CA ARG K 96 67.89 -1.57 -14.77
C ARG K 96 66.94 -2.23 -13.78
N GLU K 97 66.24 -1.44 -12.99
CA GLU K 97 65.33 -2.02 -12.03
C GLU K 97 64.17 -2.71 -12.73
N ILE K 98 63.68 -2.13 -13.81
CA ILE K 98 62.61 -2.80 -14.56
C ILE K 98 63.11 -4.13 -15.08
N GLN K 99 64.29 -4.11 -15.67
CA GLN K 99 64.86 -5.32 -16.24
C GLN K 99 65.04 -6.39 -15.19
N THR K 100 65.62 -6.02 -14.07
CA THR K 100 65.85 -6.95 -12.99
C THR K 100 64.55 -7.52 -12.47
N ALA K 101 63.58 -6.65 -12.23
CA ALA K 101 62.28 -7.11 -11.76
C ALA K 101 61.70 -8.12 -12.71
N VAL K 102 61.81 -7.84 -14.00
CA VAL K 102 61.32 -8.75 -15.02
C VAL K 102 62.04 -10.06 -14.93
N ARG K 103 63.36 -9.99 -14.75
CA ARG K 103 64.14 -11.21 -14.67
C ARG K 103 63.75 -12.01 -13.47
N LEU K 104 63.37 -11.35 -12.39
CA LEU K 104 62.93 -12.10 -11.24
C LEU K 104 61.56 -12.68 -11.48
N LEU K 105 60.67 -11.90 -12.06
CA LEU K 105 59.29 -12.36 -12.15
C LEU K 105 59.00 -13.20 -13.37
N LEU K 106 59.63 -12.88 -14.51
CA LEU K 106 59.22 -13.62 -15.70
C LEU K 106 60.13 -14.82 -15.97
N PRO K 107 59.62 -15.90 -16.55
CA PRO K 107 60.47 -17.05 -16.85
C PRO K 107 61.17 -16.98 -18.20
N GLY K 108 62.27 -17.73 -18.25
CA GLY K 108 63.10 -17.97 -19.41
C GLY K 108 63.04 -17.11 -20.66
N GLU K 109 62.50 -17.74 -21.69
CA GLU K 109 62.45 -17.12 -23.00
C GLU K 109 61.46 -15.98 -23.02
N LEU K 110 60.44 -16.03 -22.18
CA LEU K 110 59.51 -14.93 -22.13
C LEU K 110 60.21 -13.69 -21.65
N ALA K 111 61.04 -13.89 -20.64
CA ALA K 111 61.82 -12.81 -20.06
C ALA K 111 62.83 -12.29 -21.05
N LYS K 112 63.50 -13.20 -21.75
CA LYS K 112 64.51 -12.81 -22.71
C LYS K 112 63.93 -11.99 -23.85
N HIS K 113 62.77 -12.38 -24.36
CA HIS K 113 62.20 -11.63 -25.46
C HIS K 113 61.67 -10.29 -24.99
N ALA K 114 61.05 -10.26 -23.82
CA ALA K 114 60.58 -8.99 -23.27
C ALA K 114 61.73 -8.04 -23.02
N VAL K 115 62.81 -8.58 -22.48
CA VAL K 115 64.01 -7.78 -22.20
C VAL K 115 64.59 -7.21 -23.47
N SER K 116 64.66 -8.03 -24.51
CA SER K 116 65.19 -7.57 -25.77
C SER K 116 64.34 -6.45 -26.34
N GLU K 117 63.03 -6.60 -26.25
CA GLU K 117 62.14 -5.57 -26.76
C GLU K 117 62.28 -4.28 -25.97
N GLY K 118 62.37 -4.39 -24.65
CA GLY K 118 62.54 -3.21 -23.83
C GLY K 118 63.82 -2.50 -24.17
N THR K 119 64.89 -3.27 -24.35
CA THR K 119 66.16 -2.69 -24.70
C THR K 119 66.07 -1.99 -26.04
N LYS K 120 65.42 -2.65 -27.00
CA LYS K 120 65.20 -2.06 -28.30
C LYS K 120 64.48 -0.74 -28.20
N ALA K 121 63.48 -0.68 -27.32
CA ALA K 121 62.67 0.52 -27.20
C ALA K 121 63.47 1.66 -26.58
N VAL K 122 64.25 1.38 -25.55
CA VAL K 122 65.04 2.44 -24.92
C VAL K 122 66.06 2.94 -25.90
N THR K 123 66.62 2.05 -26.68
CA THR K 123 67.63 2.44 -27.64
C THR K 123 67.02 3.28 -28.73
N LYS K 124 65.80 2.95 -29.14
CA LYS K 124 65.13 3.73 -30.15
C LYS K 124 64.74 5.10 -29.62
N TYR K 125 64.31 5.15 -28.37
CA TYR K 125 63.94 6.40 -27.74
C TYR K 125 65.13 7.34 -27.63
N THR K 126 66.23 6.81 -27.09
CA THR K 126 67.44 7.58 -26.86
C THR K 126 68.02 8.17 -28.13
N SER K 127 67.86 7.50 -29.26
CA SER K 127 68.36 8.05 -30.52
C SER K 127 67.40 9.04 -31.15
N ALA K 128 66.10 8.85 -30.94
CA ALA K 128 65.09 9.61 -31.67
C ALA K 128 64.80 10.97 -31.07
N LYS K 129 65.68 11.47 -30.22
CA LYS K 129 65.50 12.81 -29.66
C LYS K 129 65.63 13.87 -30.74
N MET L 24 -41.82 10.20 -25.59
CA MET L 24 -43.02 9.46 -26.07
C MET L 24 -44.03 9.28 -24.94
N SER L 25 -43.54 9.32 -23.70
CA SER L 25 -44.40 9.43 -22.52
C SER L 25 -44.43 10.89 -22.13
N TYR L 26 -45.62 11.47 -22.18
CA TYR L 26 -45.86 12.82 -21.73
C TYR L 26 -46.92 12.81 -20.65
N ASN L 27 -46.60 13.42 -19.52
CA ASN L 27 -47.46 13.37 -18.35
C ASN L 27 -47.75 14.75 -17.77
N TYR L 28 -48.84 14.78 -17.02
CA TYR L 28 -49.41 15.95 -16.39
C TYR L 28 -49.67 15.67 -14.92
N VAL L 29 -49.15 16.54 -14.06
CA VAL L 29 -49.25 16.39 -12.61
C VAL L 29 -49.94 17.61 -12.04
N VAL L 30 -50.92 17.38 -11.16
CA VAL L 30 -51.71 18.47 -10.60
C VAL L 30 -52.09 18.17 -9.15
N THR L 31 -52.21 19.25 -8.36
CA THR L 31 -52.66 19.15 -6.98
C THR L 31 -54.17 18.99 -6.89
N ALA L 32 -54.61 17.94 -6.18
CA ALA L 32 -56.01 17.75 -5.87
C ALA L 32 -56.36 18.29 -4.49
N GLN L 33 -55.43 18.11 -3.55
CA GLN L 33 -55.51 18.65 -2.21
C GLN L 33 -54.12 19.14 -1.85
N LYS L 34 -54.00 20.43 -1.56
CA LYS L 34 -52.72 20.97 -1.14
C LYS L 34 -52.26 20.32 0.16
N PRO L 35 -50.96 20.35 0.44
CA PRO L 35 -50.47 19.79 1.71
C PRO L 35 -51.13 20.44 2.90
N THR L 36 -51.46 19.63 3.89
CA THR L 36 -52.18 20.10 5.05
C THR L 36 -51.35 20.08 6.31
N ALA L 37 -50.28 19.29 6.35
CA ALA L 37 -49.43 19.26 7.53
C ALA L 37 -48.72 20.60 7.71
N VAL L 38 -48.55 20.98 8.96
CA VAL L 38 -47.85 22.21 9.31
C VAL L 38 -46.44 21.85 9.73
N ASN L 39 -45.47 22.43 9.03
CA ASN L 39 -44.07 22.20 9.35
C ASN L 39 -43.49 23.28 10.25
N GLY L 40 -44.09 24.46 10.29
CA GLY L 40 -43.56 25.54 11.11
C GLY L 40 -44.56 26.65 11.25
N CYS L 41 -44.43 27.40 12.35
CA CYS L 41 -45.32 28.52 12.60
C CYS L 41 -44.61 29.54 13.46
N VAL L 42 -44.76 30.80 13.09
CA VAL L 42 -44.20 31.91 13.86
C VAL L 42 -45.19 33.07 13.87
N THR L 43 -45.06 33.91 14.89
CA THR L 43 -45.83 35.15 15.01
C THR L 43 -44.91 36.35 15.05
N GLY L 44 -45.47 37.49 14.68
CA GLY L 44 -44.73 38.74 14.72
C GLY L 44 -45.54 39.83 14.08
N HIS L 45 -44.86 40.87 13.60
CA HIS L 45 -45.55 42.06 13.08
C HIS L 45 -45.03 42.26 11.67
N PHE L 46 -45.57 41.46 10.75
CA PHE L 46 -45.10 41.38 9.37
C PHE L 46 -45.92 42.21 8.41
N THR L 47 -47.24 42.20 8.54
CA THR L 47 -48.11 42.91 7.63
C THR L 47 -48.23 44.38 7.97
N SER L 48 -48.02 44.74 9.23
CA SER L 48 -47.93 46.13 9.64
C SER L 48 -47.28 46.16 11.02
N ALA L 49 -46.78 47.33 11.38
CA ALA L 49 -46.14 47.45 12.69
C ALA L 49 -47.14 47.23 13.82
N GLU L 50 -48.41 47.51 13.58
CA GLU L 50 -49.44 47.38 14.61
C GLU L 50 -50.07 46.01 14.65
N ASP L 51 -50.02 45.27 13.55
CA ASP L 51 -50.63 43.95 13.49
C ASP L 51 -49.78 42.90 14.17
N LEU L 52 -50.45 41.98 14.84
CA LEU L 52 -49.85 40.71 15.23
C LEU L 52 -50.26 39.72 14.15
N ASN L 53 -49.28 39.19 13.44
CA ASN L 53 -49.46 38.24 12.37
C ASN L 53 -49.08 36.85 12.87
N LEU L 54 -49.73 35.84 12.27
CA LEU L 54 -49.30 34.45 12.29
C LEU L 54 -48.91 34.00 10.89
N LEU L 55 -47.70 33.48 10.76
CA LEU L 55 -47.22 32.88 9.53
C LEU L 55 -47.09 31.37 9.74
N ILE L 56 -47.61 30.60 8.79
CA ILE L 56 -47.65 29.13 8.86
C ILE L 56 -47.03 28.58 7.58
N ALA L 57 -46.11 27.64 7.73
CA ALA L 57 -45.46 26.97 6.62
C ALA L 57 -46.07 25.57 6.44
N LYS L 58 -46.60 25.31 5.24
CA LYS L 58 -47.07 23.97 4.85
C LYS L 58 -46.30 23.56 3.59
N ASN L 59 -45.03 23.22 3.79
CA ASN L 59 -44.13 22.77 2.73
C ASN L 59 -43.86 23.87 1.72
N THR L 60 -44.65 23.92 0.65
CA THR L 60 -44.49 24.88 -0.42
C THR L 60 -45.32 26.13 -0.17
N ARG L 61 -46.20 26.09 0.83
CA ARG L 61 -47.14 27.16 1.09
C ARG L 61 -46.79 27.97 2.33
N LEU L 62 -47.05 29.26 2.23
CA LEU L 62 -46.91 30.20 3.32
C LEU L 62 -48.28 30.84 3.49
N GLU L 63 -48.84 30.71 4.69
CA GLU L 63 -50.12 31.27 5.04
C GLU L 63 -49.91 32.40 6.03
N ILE L 64 -50.57 33.53 5.79
CA ILE L 64 -50.47 34.70 6.65
C ILE L 64 -51.87 35.00 7.16
N TYR L 65 -51.98 35.11 8.49
CA TYR L 65 -53.19 35.44 9.22
C TYR L 65 -52.92 36.65 10.11
N VAL L 66 -53.99 37.36 10.44
CA VAL L 66 -54.00 38.30 11.55
C VAL L 66 -54.70 37.66 12.74
N VAL L 67 -54.10 37.81 13.91
CA VAL L 67 -54.62 37.24 15.14
C VAL L 67 -55.66 38.19 15.70
N THR L 68 -56.84 37.68 15.96
CA THR L 68 -57.94 38.46 16.48
C THR L 68 -58.34 37.94 17.86
N ALA L 69 -59.31 38.63 18.47
CA ALA L 69 -59.78 38.20 19.77
C ALA L 69 -60.44 36.83 19.70
N GLU L 70 -61.08 36.52 18.57
CA GLU L 70 -61.79 35.27 18.41
C GLU L 70 -60.90 34.20 17.78
N GLY L 71 -59.93 34.61 16.98
CA GLY L 71 -59.07 33.66 16.32
C GLY L 71 -58.11 34.22 15.31
N LEU L 72 -58.26 33.81 14.06
CA LEU L 72 -57.38 34.17 12.97
C LEU L 72 -58.16 34.66 11.76
N ARG L 73 -57.74 35.77 11.20
CA ARG L 73 -58.30 36.29 9.96
C ARG L 73 -57.31 36.02 8.83
N PRO L 74 -57.63 35.21 7.82
CA PRO L 74 -56.65 35.01 6.74
C PRO L 74 -56.51 36.31 5.97
N VAL L 75 -55.27 36.67 5.68
CA VAL L 75 -54.96 37.85 4.89
C VAL L 75 -54.27 37.50 3.59
N LYS L 76 -53.40 36.49 3.59
CA LYS L 76 -52.74 36.23 2.32
C LYS L 76 -52.17 34.83 2.33
N GLU L 77 -52.29 34.15 1.19
CA GLU L 77 -51.70 32.83 1.01
C GLU L 77 -50.87 32.76 -0.26
N VAL L 78 -49.61 32.32 -0.13
CA VAL L 78 -48.74 32.20 -1.30
C VAL L 78 -48.19 30.79 -1.38
N GLY L 79 -47.91 30.38 -2.62
CA GLY L 79 -47.12 29.20 -2.88
C GLY L 79 -45.72 29.68 -3.16
N MET L 80 -44.74 28.88 -2.77
CA MET L 80 -43.37 29.10 -3.19
C MET L 80 -42.90 27.97 -4.09
N TYR L 81 -41.96 28.28 -4.98
CA TYR L 81 -41.29 27.26 -5.78
C TYR L 81 -40.18 26.61 -4.95
N GLY L 82 -40.57 26.04 -3.83
CA GLY L 82 -39.61 25.45 -2.93
C GLY L 82 -40.29 24.99 -1.66
N LYS L 83 -39.64 24.05 -1.00
CA LYS L 83 -40.06 23.60 0.32
C LYS L 83 -39.55 24.58 1.35
N ILE L 84 -40.46 25.27 2.06
CA ILE L 84 -40.00 26.25 3.03
C ILE L 84 -39.35 25.44 4.15
N ALA L 85 -38.09 25.70 4.40
CA ALA L 85 -37.29 25.00 5.38
C ALA L 85 -36.96 25.83 6.60
N VAL L 86 -36.90 27.15 6.43
CA VAL L 86 -36.63 28.07 7.52
C VAL L 86 -37.58 29.23 7.35
N MET L 87 -38.18 29.68 8.44
CA MET L 87 -39.10 30.80 8.40
C MET L 87 -39.01 31.57 9.72
N GLU L 88 -38.44 32.77 9.68
CA GLU L 88 -38.25 33.57 10.89
C GLU L 88 -38.44 35.06 10.58
N LEU L 89 -39.15 35.76 11.47
CA LEU L 89 -39.32 37.19 11.33
C LEU L 89 -38.22 37.94 12.07
N PHE L 90 -37.84 39.08 11.51
CA PHE L 90 -36.81 39.92 12.08
C PHE L 90 -37.02 41.32 11.53
N ARG L 91 -36.44 42.32 12.21
CA ARG L 91 -36.62 43.72 11.83
C ARG L 91 -35.31 44.48 11.89
N PRO L 92 -34.59 44.63 10.79
CA PRO L 92 -33.40 45.47 10.83
C PRO L 92 -33.80 46.90 11.11
N LYS L 93 -32.85 47.67 11.59
CA LYS L 93 -33.03 49.11 11.75
C LYS L 93 -33.41 49.78 10.44
N GLY L 94 -34.36 50.71 10.55
CA GLY L 94 -34.86 51.46 9.43
C GLY L 94 -36.06 50.80 8.78
N GLU L 95 -36.38 49.57 9.16
CA GLU L 95 -37.59 48.90 8.71
C GLU L 95 -38.69 49.26 9.70
N SER L 96 -39.87 49.57 9.18
CA SER L 96 -40.99 49.95 10.04
C SER L 96 -41.73 48.74 10.58
N LYS L 97 -41.48 47.56 10.03
CA LYS L 97 -42.06 46.31 10.53
C LYS L 97 -41.08 45.20 10.19
N ASP L 98 -41.38 44.00 10.69
CA ASP L 98 -40.46 42.88 10.54
C ASP L 98 -40.32 42.49 9.07
N LEU L 99 -39.12 42.03 8.73
CA LEU L 99 -38.85 41.31 7.50
C LEU L 99 -38.85 39.81 7.74
N LEU L 100 -38.90 39.04 6.65
CA LEU L 100 -39.00 37.59 6.71
C LEU L 100 -37.86 36.94 5.96
N PHE L 101 -37.15 36.04 6.62
CA PHE L 101 -36.15 35.22 5.97
C PHE L 101 -36.70 33.83 5.71
N ILE L 102 -36.56 33.38 4.47
CA ILE L 102 -36.89 32.01 4.14
C ILE L 102 -35.70 31.36 3.46
N LEU L 103 -35.44 30.11 3.84
CA LEU L 103 -34.50 29.23 3.16
C LEU L 103 -35.26 28.01 2.71
N THR L 104 -35.03 27.61 1.47
CA THR L 104 -35.62 26.41 0.92
C THR L 104 -34.71 25.19 1.09
N ALA L 105 -35.28 24.04 0.80
CA ALA L 105 -34.52 22.80 0.88
C ALA L 105 -33.43 22.74 -0.16
N LYS L 106 -33.63 23.40 -1.30
CA LYS L 106 -32.60 23.52 -2.31
C LYS L 106 -31.68 24.69 -2.04
N TYR L 107 -31.76 25.28 -0.83
CA TYR L 107 -30.80 26.26 -0.36
C TYR L 107 -31.02 27.62 -1.01
N ASN L 108 -32.22 27.86 -1.54
CA ASN L 108 -32.55 29.19 -1.98
C ASN L 108 -32.86 30.01 -0.74
N ALA L 109 -32.10 31.07 -0.53
CA ALA L 109 -32.28 32.01 0.56
C ALA L 109 -32.92 33.27 0.03
N CYS L 110 -33.82 33.85 0.82
CA CYS L 110 -34.44 35.10 0.42
C CYS L 110 -34.86 35.89 1.65
N ILE L 111 -34.87 37.21 1.48
CA ILE L 111 -35.47 38.13 2.42
C ILE L 111 -36.66 38.77 1.73
N LEU L 112 -37.83 38.68 2.38
CA LEU L 112 -39.13 39.07 1.87
C LEU L 112 -39.76 40.15 2.72
N GLU L 113 -40.56 40.99 2.05
CA GLU L 113 -41.27 42.08 2.66
C GLU L 113 -42.74 42.07 2.24
N TYR L 114 -43.64 42.33 3.21
CA TYR L 114 -45.07 42.39 2.95
C TYR L 114 -45.46 43.79 2.49
N LYS L 115 -46.20 43.87 1.38
CA LYS L 115 -46.65 45.14 0.82
C LYS L 115 -48.13 45.06 0.47
N GLN L 116 -48.91 45.99 1.02
CA GLN L 116 -50.33 46.10 0.75
C GLN L 116 -50.66 47.53 0.35
N SER L 117 -51.50 47.66 -0.67
CA SER L 117 -52.00 48.95 -1.12
C SER L 117 -53.35 48.69 -1.76
N GLY L 118 -54.40 49.18 -1.13
CA GLY L 118 -55.75 48.89 -1.59
C GLY L 118 -56.08 47.43 -1.31
N GLU L 119 -56.67 46.76 -2.31
CA GLU L 119 -56.97 45.34 -2.21
C GLU L 119 -55.86 44.47 -2.78
N SER L 120 -54.80 45.09 -3.31
CA SER L 120 -53.70 44.35 -3.89
C SER L 120 -52.66 44.07 -2.81
N ILE L 121 -52.33 42.80 -2.62
CA ILE L 121 -51.31 42.37 -1.68
C ILE L 121 -50.21 41.68 -2.47
N ASP L 122 -48.98 42.17 -2.31
CA ASP L 122 -47.81 41.61 -2.97
C ASP L 122 -46.75 41.38 -1.92
N ILE L 123 -46.03 40.27 -2.08
CA ILE L 123 -44.84 39.96 -1.29
C ILE L 123 -43.62 40.38 -2.11
N ILE L 124 -42.90 41.35 -1.60
CA ILE L 124 -41.76 41.91 -2.33
C ILE L 124 -40.53 41.12 -1.89
N THR L 125 -39.66 40.86 -2.85
CA THR L 125 -38.40 40.20 -2.58
C THR L 125 -37.34 41.27 -2.39
N ARG L 126 -36.86 41.39 -1.15
CA ARG L 126 -35.81 42.35 -0.87
C ARG L 126 -34.44 41.80 -1.19
N ALA L 127 -34.28 40.48 -1.13
CA ALA L 127 -32.97 39.89 -1.35
C ALA L 127 -33.15 38.42 -1.67
N HIS L 128 -32.25 37.89 -2.50
CA HIS L 128 -32.36 36.47 -2.82
C HIS L 128 -31.03 35.99 -3.36
N GLY L 129 -30.74 34.74 -3.09
CA GLY L 129 -29.55 34.09 -3.60
C GLY L 129 -29.53 32.66 -3.15
N ASN L 130 -28.75 31.85 -3.86
CA ASN L 130 -28.62 30.45 -3.53
C ASN L 130 -27.36 30.24 -2.71
N VAL L 131 -27.50 29.61 -1.56
CA VAL L 131 -26.41 29.48 -0.61
C VAL L 131 -25.87 28.06 -0.59
N GLN L 132 -26.24 27.26 -1.60
CA GLN L 132 -25.72 25.91 -1.69
C GLN L 132 -24.22 25.96 -1.88
N ASP L 133 -23.54 24.99 -1.31
CA ASP L 133 -22.13 24.80 -1.57
C ASP L 133 -21.99 23.81 -2.71
N ARG L 134 -20.81 23.78 -3.29
CA ARG L 134 -20.54 22.88 -4.39
C ARG L 134 -20.49 21.46 -3.89
N ILE L 135 -19.99 21.31 -2.68
CA ILE L 135 -19.91 20.05 -1.96
C ILE L 135 -20.35 20.24 -0.51
N GLY L 136 -20.69 19.12 0.11
CA GLY L 136 -21.18 19.07 1.47
C GLY L 136 -22.18 17.95 1.65
N ARG L 137 -22.16 17.37 2.85
CA ARG L 137 -23.05 16.29 3.21
C ARG L 137 -24.16 16.88 4.09
N PRO L 138 -25.42 16.82 3.70
CA PRO L 138 -26.49 17.35 4.55
C PRO L 138 -26.48 16.72 5.94
N SER L 139 -26.73 17.55 6.94
CA SER L 139 -26.60 17.14 8.32
C SER L 139 -27.75 16.26 8.76
N GLU L 140 -27.52 15.53 9.85
CA GLU L 140 -28.50 14.56 10.32
C GLU L 140 -29.73 15.24 10.88
N THR L 141 -29.54 16.20 11.78
CA THR L 141 -30.67 16.98 12.29
C THR L 141 -31.12 18.08 11.33
N GLY L 142 -30.65 18.04 10.09
CA GLY L 142 -31.18 18.86 9.03
C GLY L 142 -30.65 20.28 9.05
N ILE L 143 -31.25 21.10 8.18
CA ILE L 143 -30.90 22.50 8.10
C ILE L 143 -31.37 23.19 9.37
N ILE L 144 -30.48 23.98 9.96
CA ILE L 144 -30.85 24.87 11.05
C ILE L 144 -30.49 26.27 10.63
N GLY L 145 -31.41 27.21 10.82
CA GLY L 145 -31.15 28.61 10.55
C GLY L 145 -31.58 29.54 11.66
N ILE L 146 -30.71 30.46 12.04
CA ILE L 146 -30.92 31.35 13.18
C ILE L 146 -30.48 32.75 12.82
N ILE L 147 -31.12 33.73 13.46
CA ILE L 147 -30.85 35.13 13.25
C ILE L 147 -30.57 35.82 14.58
N ASP L 148 -29.50 36.60 14.61
CA ASP L 148 -29.11 37.33 15.81
C ASP L 148 -30.24 38.28 16.24
N PRO L 149 -30.50 38.44 17.55
CA PRO L 149 -31.59 39.33 17.98
C PRO L 149 -31.47 40.77 17.51
N GLU L 150 -30.28 41.24 17.23
CA GLU L 150 -30.08 42.59 16.72
C GLU L 150 -29.99 42.65 15.20
N CYS L 151 -30.31 41.56 14.52
CA CYS L 151 -30.41 41.52 13.06
C CYS L 151 -29.09 41.91 12.41
N ARG L 152 -27.97 41.53 13.04
CA ARG L 152 -26.67 41.77 12.43
C ARG L 152 -26.30 40.73 11.38
N MET L 153 -26.85 39.53 11.45
CA MET L 153 -26.39 38.44 10.60
C MET L 153 -27.33 37.25 10.72
N ILE L 154 -27.31 36.40 9.70
CA ILE L 154 -27.91 35.07 9.74
C ILE L 154 -26.85 33.98 9.84
N GLY L 155 -27.14 32.97 10.66
CA GLY L 155 -26.28 31.80 10.80
C GLY L 155 -27.01 30.55 10.35
N LEU L 156 -26.34 29.70 9.58
CA LEU L 156 -26.89 28.47 9.05
C LEU L 156 -26.01 27.26 9.32
N ARG L 157 -26.64 26.20 9.83
CA ARG L 157 -26.02 24.90 10.01
C ARG L 157 -26.59 24.05 8.90
N LEU L 158 -25.85 23.94 7.80
CA LEU L 158 -26.24 23.17 6.64
C LEU L 158 -25.53 21.83 6.59
N TYR L 159 -24.24 21.83 6.90
CA TYR L 159 -23.40 20.65 6.79
C TYR L 159 -22.62 20.46 8.08
N ASP L 160 -22.32 19.20 8.40
CA ASP L 160 -21.48 18.93 9.55
C ASP L 160 -20.12 19.58 9.37
N GLY L 161 -19.64 20.21 10.43
CA GLY L 161 -18.32 20.75 10.42
C GLY L 161 -18.22 22.15 9.87
N LEU L 162 -19.35 22.75 9.48
CA LEU L 162 -19.32 24.07 8.85
C LEU L 162 -20.46 24.92 9.39
N PHE L 163 -20.18 26.20 9.63
CA PHE L 163 -21.19 27.18 9.98
C PHE L 163 -21.18 28.31 8.95
N LYS L 164 -22.28 28.48 8.23
CA LYS L 164 -22.36 29.51 7.20
C LYS L 164 -22.96 30.78 7.79
N VAL L 165 -22.34 31.92 7.47
CA VAL L 165 -22.77 33.22 7.96
C VAL L 165 -23.13 34.12 6.80
N ILE L 166 -24.34 34.67 6.84
CA ILE L 166 -24.80 35.69 5.91
C ILE L 166 -24.83 37.03 6.63
N PRO L 167 -23.87 37.92 6.44
CA PRO L 167 -23.94 39.22 7.12
C PRO L 167 -25.13 40.00 6.59
N LEU L 168 -25.84 40.67 7.50
CA LEU L 168 -27.03 41.42 7.12
C LEU L 168 -26.68 42.88 6.89
N ASP L 169 -25.91 43.08 5.84
CA ASP L 169 -25.62 44.40 5.30
C ASP L 169 -26.73 44.79 4.33
N ARG L 170 -27.05 46.09 4.32
CA ARG L 170 -28.08 46.59 3.41
C ARG L 170 -27.76 46.23 1.97
N ASP L 171 -26.48 46.14 1.64
CA ASP L 171 -26.04 45.89 0.29
C ASP L 171 -26.07 44.40 -0.07
N ASN L 172 -26.38 43.51 0.87
CA ASN L 172 -26.22 42.08 0.61
C ASN L 172 -27.50 41.52 0.03
N LYS L 173 -27.92 42.15 -1.06
CA LYS L 173 -29.16 41.77 -1.69
C LYS L 173 -29.00 40.43 -2.39
N GLU L 174 -27.76 40.01 -2.66
CA GLU L 174 -27.46 38.70 -3.19
C GLU L 174 -27.22 37.67 -2.10
N LEU L 175 -27.31 38.07 -0.83
CA LEU L 175 -27.14 37.17 0.30
C LEU L 175 -25.81 36.41 0.26
N LYS L 176 -24.74 37.11 -0.10
CA LYS L 176 -23.42 36.49 -0.01
C LYS L 176 -23.06 36.08 1.42
N ALA L 177 -22.35 34.97 1.53
CA ALA L 177 -22.08 34.31 2.80
C ALA L 177 -20.63 33.81 2.86
N PHE L 178 -20.17 33.48 4.08
CA PHE L 178 -18.89 32.79 4.27
C PHE L 178 -19.03 31.62 5.26
N ASN L 179 -18.13 30.64 5.14
CA ASN L 179 -18.11 29.48 6.04
C ASN L 179 -17.04 29.59 7.11
N ILE L 180 -17.38 29.10 8.30
CA ILE L 180 -16.48 28.92 9.43
C ILE L 180 -16.38 27.44 9.76
N ARG L 181 -15.16 26.94 9.91
CA ARG L 181 -14.98 25.57 10.37
C ARG L 181 -15.59 25.40 11.75
N LEU L 182 -16.24 24.26 11.94
CA LEU L 182 -16.74 23.82 13.24
C LEU L 182 -15.96 22.58 13.61
N GLU L 183 -15.22 22.64 14.72
CA GLU L 183 -14.58 21.44 15.23
C GLU L 183 -15.61 20.38 15.58
N GLU L 184 -16.76 20.80 16.08
CA GLU L 184 -17.82 19.91 16.50
C GLU L 184 -18.67 19.46 15.32
N LEU L 185 -18.53 18.21 14.94
CA LEU L 185 -19.12 17.70 13.71
C LEU L 185 -20.59 17.32 13.85
N HIS L 186 -21.07 17.09 15.07
CA HIS L 186 -22.41 16.56 15.29
C HIS L 186 -23.15 17.49 16.23
N VAL L 187 -23.67 18.56 15.65
CA VAL L 187 -24.42 19.58 16.39
C VAL L 187 -25.87 19.14 16.45
N ILE L 188 -26.45 19.26 17.64
CA ILE L 188 -27.83 18.85 17.85
C ILE L 188 -28.77 20.02 17.64
N ASP L 189 -28.49 21.14 18.29
CA ASP L 189 -29.25 22.37 18.10
C ASP L 189 -28.37 23.55 18.44
N VAL L 190 -28.76 24.72 17.94
CA VAL L 190 -27.98 25.95 18.12
C VAL L 190 -28.93 27.14 18.09
N LYS L 191 -28.62 28.15 18.91
CA LYS L 191 -29.32 29.43 18.91
C LYS L 191 -28.32 30.59 19.09
N PHE L 192 -28.72 31.78 18.63
CA PHE L 192 -28.04 33.01 19.03
C PHE L 192 -28.51 33.48 20.40
N LEU L 193 -27.57 34.01 21.20
CA LEU L 193 -27.91 34.49 22.53
C LEU L 193 -28.33 35.95 22.49
N TYR L 194 -29.14 36.32 23.48
CA TYR L 194 -29.53 37.70 23.70
C TYR L 194 -28.55 38.40 24.62
N GLY L 195 -28.49 39.72 24.52
CA GLY L 195 -27.73 40.51 25.46
C GLY L 195 -26.22 40.44 25.30
N CYS L 196 -25.74 40.14 24.11
CA CYS L 196 -24.31 40.04 23.85
C CYS L 196 -23.87 41.17 22.94
N GLN L 197 -22.75 41.79 23.30
CA GLN L 197 -22.21 42.88 22.50
C GLN L 197 -21.62 42.39 21.19
N ALA L 198 -21.23 41.12 21.12
CA ALA L 198 -20.85 40.45 19.90
C ALA L 198 -21.78 39.29 19.63
N PRO L 199 -22.09 38.99 18.36
CA PRO L 199 -22.95 37.84 18.07
C PRO L 199 -22.39 36.57 18.67
N THR L 200 -23.25 35.80 19.34
CA THR L 200 -22.83 34.63 20.08
C THR L 200 -23.81 33.50 19.88
N ILE L 201 -23.29 32.35 19.50
CA ILE L 201 -24.05 31.13 19.37
C ILE L 201 -23.83 30.25 20.58
N CYS L 202 -24.87 29.50 20.91
CA CYS L 202 -24.87 28.47 21.93
C CYS L 202 -25.42 27.22 21.27
N PHE L 203 -24.71 26.10 21.38
CA PHE L 203 -25.13 24.89 20.70
C PHE L 203 -24.79 23.65 21.50
N VAL L 204 -25.58 22.61 21.26
CA VAL L 204 -25.36 21.28 21.80
C VAL L 204 -24.76 20.40 20.71
N TYR L 205 -23.74 19.62 21.07
CA TYR L 205 -23.13 18.71 20.11
C TYR L 205 -22.80 17.39 20.77
N GLN L 206 -22.54 16.40 19.94
CA GLN L 206 -22.27 15.01 20.32
C GLN L 206 -20.88 14.60 19.86
N ASP L 207 -20.15 13.93 20.75
CA ASP L 207 -18.86 13.36 20.42
C ASP L 207 -18.69 12.04 21.17
N PRO L 208 -17.56 11.33 21.04
CA PRO L 208 -17.42 10.04 21.74
C PRO L 208 -17.50 10.15 23.24
N GLN L 209 -17.26 11.33 23.79
CA GLN L 209 -17.33 11.55 25.22
C GLN L 209 -18.73 11.81 25.73
N GLY L 210 -19.70 12.05 24.84
CA GLY L 210 -21.08 12.27 25.25
C GLY L 210 -21.61 13.50 24.55
N ARG L 211 -22.63 14.11 25.15
CA ARG L 211 -23.15 15.37 24.66
C ARG L 211 -22.66 16.51 25.54
N HIS L 212 -22.45 17.67 24.91
CA HIS L 212 -21.89 18.83 25.58
C HIS L 212 -22.58 20.05 25.02
N VAL L 213 -22.53 21.14 25.78
CA VAL L 213 -22.99 22.44 25.33
C VAL L 213 -21.82 23.39 25.28
N LYS L 214 -21.74 24.17 24.20
CA LYS L 214 -20.62 25.07 23.97
C LYS L 214 -21.15 26.35 23.32
N THR L 215 -20.36 27.41 23.42
CA THR L 215 -20.64 28.68 22.77
C THR L 215 -19.47 29.19 21.95
N TYR L 216 -19.80 30.02 20.96
CA TYR L 216 -18.80 30.77 20.22
C TYR L 216 -19.32 32.19 19.98
N GLU L 217 -18.43 33.17 20.08
CA GLU L 217 -18.68 34.49 19.51
C GLU L 217 -18.39 34.47 18.02
N VAL L 218 -19.08 35.31 17.27
CA VAL L 218 -18.90 35.36 15.83
C VAL L 218 -18.26 36.68 15.45
N SER L 219 -17.04 36.62 14.94
CA SER L 219 -16.28 37.78 14.52
C SER L 219 -16.47 38.00 13.02
N LEU L 220 -17.11 39.11 12.66
CA LEU L 220 -17.22 39.54 11.27
C LEU L 220 -15.90 40.00 10.69
N ARG L 221 -15.09 40.66 11.50
CA ARG L 221 -13.80 41.13 11.02
C ARG L 221 -12.94 39.96 10.58
N GLU L 222 -12.96 38.90 11.36
CA GLU L 222 -12.09 37.76 11.11
C GLU L 222 -12.81 36.70 10.31
N LYS L 223 -14.13 36.83 10.15
CA LYS L 223 -14.92 35.80 9.51
C LYS L 223 -14.65 34.47 10.18
N GLU L 224 -14.64 34.50 11.52
CA GLU L 224 -14.29 33.32 12.32
C GLU L 224 -14.99 33.37 13.66
N PHE L 225 -15.02 32.21 14.32
CA PHE L 225 -15.43 32.17 15.71
C PHE L 225 -14.34 32.71 16.62
N ASN L 226 -14.77 33.26 17.75
CA ASN L 226 -13.93 33.58 18.89
C ASN L 226 -14.46 32.86 20.12
N LYS L 227 -13.61 32.80 21.13
CA LYS L 227 -13.97 32.15 22.39
C LYS L 227 -15.23 32.75 22.98
N GLY L 228 -16.14 31.88 23.42
CA GLY L 228 -17.39 32.32 23.97
C GLY L 228 -17.24 32.80 25.39
N PRO L 229 -18.29 33.48 25.88
CA PRO L 229 -18.19 34.09 27.21
C PRO L 229 -18.19 33.10 28.34
N TRP L 230 -18.64 31.86 28.11
CA TRP L 230 -18.68 30.88 29.17
C TRP L 230 -18.34 29.49 28.66
N LYS L 231 -17.71 28.75 29.55
CA LYS L 231 -17.06 27.48 29.25
C LYS L 231 -18.06 26.36 28.97
N GLN L 232 -17.56 25.35 28.24
CA GLN L 232 -18.36 24.19 27.87
C GLN L 232 -18.83 23.44 29.10
N GLU L 233 -20.01 22.84 29.00
CA GLU L 233 -20.52 21.97 30.03
C GLU L 233 -21.00 20.67 29.39
N ASN L 234 -20.89 19.60 30.16
CA ASN L 234 -21.51 18.34 29.78
C ASN L 234 -23.00 18.44 30.05
N VAL L 235 -23.78 17.83 29.16
CA VAL L 235 -25.23 17.83 29.26
C VAL L 235 -25.71 16.39 29.20
N GLU L 236 -27.01 16.21 29.40
CA GLU L 236 -27.61 14.89 29.36
C GLU L 236 -27.32 14.21 28.03
N ALA L 237 -27.19 12.88 28.08
CA ALA L 237 -26.86 12.10 26.90
C ALA L 237 -27.84 12.34 25.76
N GLU L 238 -29.09 12.67 26.09
CA GLU L 238 -30.14 12.96 25.12
C GLU L 238 -30.59 14.42 25.17
N ALA L 239 -29.70 15.32 25.60
CA ALA L 239 -29.97 16.76 25.47
C ALA L 239 -30.24 17.06 24.01
N SER L 240 -31.37 17.71 23.73
CA SER L 240 -31.84 17.80 22.36
C SER L 240 -32.27 19.17 21.86
N MET L 241 -32.58 20.14 22.73
CA MET L 241 -33.03 21.43 22.22
C MET L 241 -32.39 22.57 22.99
N VAL L 242 -32.10 23.65 22.27
CA VAL L 242 -31.55 24.88 22.83
C VAL L 242 -32.57 26.01 22.69
N ILE L 243 -32.82 26.70 23.80
CA ILE L 243 -33.61 27.91 23.84
C ILE L 243 -32.71 29.06 24.24
N ALA L 244 -32.75 30.14 23.47
CA ALA L 244 -32.00 31.35 23.79
C ALA L 244 -32.92 32.22 24.61
N VAL L 245 -32.56 32.46 25.86
CA VAL L 245 -33.44 33.18 26.75
C VAL L 245 -33.24 34.69 26.61
N PRO L 246 -34.29 35.50 26.47
CA PRO L 246 -34.09 36.95 26.33
C PRO L 246 -33.67 37.59 27.63
N GLU L 247 -33.26 38.85 27.52
CA GLU L 247 -33.07 39.68 28.69
C GLU L 247 -34.40 39.83 29.44
N PRO L 248 -34.38 39.95 30.76
CA PRO L 248 -33.24 40.22 31.64
C PRO L 248 -32.49 38.97 32.06
N PHE L 249 -33.03 37.79 31.76
CA PHE L 249 -32.33 36.57 32.14
C PHE L 249 -31.07 36.39 31.30
N GLY L 250 -31.21 36.50 29.98
CA GLY L 250 -30.18 36.01 29.09
C GLY L 250 -29.90 34.54 29.32
N GLY L 251 -28.83 34.09 28.71
CA GLY L 251 -28.41 32.72 28.86
C GLY L 251 -29.23 31.79 28.00
N ALA L 252 -29.11 30.50 28.31
CA ALA L 252 -29.67 29.46 27.47
C ALA L 252 -30.28 28.36 28.32
N ILE L 253 -31.39 27.81 27.83
CA ILE L 253 -32.00 26.61 28.39
C ILE L 253 -31.74 25.43 27.47
N ILE L 254 -31.32 24.31 28.05
CA ILE L 254 -31.06 23.07 27.34
C ILE L 254 -32.10 22.05 27.79
N ILE L 255 -32.85 21.53 26.83
CA ILE L 255 -33.91 20.56 27.08
C ILE L 255 -33.42 19.18 26.66
N GLY L 256 -33.55 18.23 27.59
CA GLY L 256 -33.25 16.82 27.36
C GLY L 256 -34.46 15.94 27.59
N GLN L 257 -34.25 14.62 27.66
CA GLN L 257 -35.37 13.71 27.87
C GLN L 257 -35.81 13.59 29.32
N GLU L 258 -34.89 13.80 30.27
CA GLU L 258 -35.19 13.64 31.69
C GLU L 258 -34.89 14.88 32.50
N SER L 259 -34.31 15.92 31.89
CA SER L 259 -33.81 17.06 32.65
C SER L 259 -33.94 18.30 31.80
N ILE L 260 -33.98 19.44 32.47
CA ILE L 260 -33.93 20.75 31.83
C ILE L 260 -32.93 21.58 32.62
N THR L 261 -31.96 22.16 31.92
CA THR L 261 -30.92 22.93 32.57
C THR L 261 -30.81 24.31 31.95
N TYR L 262 -30.40 25.28 32.77
CA TYR L 262 -30.17 26.65 32.35
C TYR L 262 -28.72 27.00 32.65
N HIS L 263 -28.07 27.65 31.69
CA HIS L 263 -26.68 28.02 31.76
C HIS L 263 -26.57 29.50 31.42
N ASN L 264 -25.79 30.22 32.22
CA ASN L 264 -25.47 31.61 31.89
C ASN L 264 -24.25 32.00 32.74
N GLY L 265 -23.08 31.90 32.15
CA GLY L 265 -21.88 32.33 32.83
C GLY L 265 -21.61 31.38 33.97
N ASP L 266 -21.42 31.92 35.17
CA ASP L 266 -21.25 31.09 36.35
C ASP L 266 -22.56 30.52 36.86
N LYS L 267 -23.69 30.87 36.24
CA LYS L 267 -24.97 30.35 36.65
C LYS L 267 -25.24 29.01 35.99
N TYR L 268 -25.69 28.05 36.80
CA TYR L 268 -26.00 26.70 36.37
C TYR L 268 -27.17 26.26 37.24
N LEU L 269 -28.26 25.84 36.60
CA LEU L 269 -29.43 25.36 37.33
C LEU L 269 -30.07 24.22 36.56
N ALA L 270 -30.20 23.05 37.18
CA ALA L 270 -30.79 21.91 36.49
C ALA L 270 -31.92 21.34 37.33
N ILE L 271 -32.97 20.88 36.66
CA ILE L 271 -34.04 20.14 37.29
C ILE L 271 -34.23 18.85 36.51
N ALA L 272 -34.76 17.83 37.20
CA ALA L 272 -35.03 16.53 36.59
C ALA L 272 -36.44 16.12 37.00
N PRO L 273 -37.46 16.79 36.47
CA PRO L 273 -38.82 16.50 36.88
C PRO L 273 -39.28 15.18 36.29
N PRO L 274 -39.71 14.21 37.10
CA PRO L 274 -40.08 12.91 36.53
C PRO L 274 -41.17 12.99 35.48
N ILE L 275 -42.04 14.00 35.57
CA ILE L 275 -43.21 14.11 34.69
C ILE L 275 -42.81 14.13 33.23
N ILE L 276 -41.66 14.72 32.90
CA ILE L 276 -41.31 14.89 31.50
C ILE L 276 -40.72 13.61 30.92
N LYS L 277 -40.33 12.66 31.77
CA LYS L 277 -39.63 11.49 31.28
C LYS L 277 -40.50 10.57 30.44
N GLN L 278 -41.83 10.61 30.61
CA GLN L 278 -42.68 9.63 29.94
C GLN L 278 -42.71 9.82 28.42
N SER L 279 -42.49 11.04 27.95
CA SER L 279 -42.60 11.33 26.53
C SER L 279 -41.67 12.48 26.19
N THR L 280 -40.96 12.35 25.07
CA THR L 280 -39.99 13.35 24.68
C THR L 280 -40.63 14.68 24.34
N ILE L 281 -40.12 15.74 24.94
CA ILE L 281 -40.49 17.09 24.52
C ILE L 281 -39.78 17.36 23.21
N VAL L 282 -40.53 17.85 22.24
CA VAL L 282 -40.03 18.01 20.87
C VAL L 282 -40.20 19.41 20.31
N CYS L 283 -40.91 20.29 21.04
CA CYS L 283 -41.04 21.67 20.61
C CYS L 283 -41.22 22.57 21.82
N HIS L 284 -40.93 23.85 21.60
CA HIS L 284 -40.99 24.84 22.66
C HIS L 284 -41.41 26.17 22.06
N ASN L 285 -41.97 27.03 22.90
CA ASN L 285 -42.35 28.37 22.48
C ASN L 285 -42.40 29.32 23.67
N ARG L 286 -41.89 30.52 23.46
CA ARG L 286 -41.86 31.53 24.50
C ARG L 286 -43.27 32.08 24.66
N VAL L 287 -43.72 32.12 25.92
CA VAL L 287 -45.04 32.63 26.25
C VAL L 287 -45.01 34.12 26.54
N ASP L 288 -44.15 34.52 27.47
CA ASP L 288 -43.99 35.91 27.88
C ASP L 288 -42.87 36.55 27.08
N PRO L 289 -43.02 37.79 26.57
CA PRO L 289 -41.91 38.42 25.83
C PRO L 289 -40.61 38.44 26.59
N ASN L 290 -40.68 38.50 27.92
CA ASN L 290 -39.50 38.55 28.77
C ASN L 290 -38.96 37.17 29.12
N GLY L 291 -39.54 36.10 28.58
CA GLY L 291 -39.01 34.78 28.81
C GLY L 291 -39.44 34.15 30.10
N SER L 292 -40.41 34.75 30.80
CA SER L 292 -40.78 34.26 32.11
C SER L 292 -41.53 32.93 32.04
N ARG L 293 -42.10 32.59 30.89
CA ARG L 293 -42.83 31.34 30.75
C ARG L 293 -42.68 30.78 29.35
N TYR L 294 -42.57 29.45 29.27
CA TYR L 294 -42.50 28.73 28.02
C TYR L 294 -43.49 27.58 28.07
N LEU L 295 -44.05 27.22 26.92
CA LEU L 295 -44.74 25.94 26.77
C LEU L 295 -43.82 24.89 26.22
N LEU L 296 -44.05 23.65 26.65
CA LEU L 296 -43.34 22.49 26.12
C LEU L 296 -44.35 21.44 25.75
N GLY L 297 -44.18 20.87 24.57
CA GLY L 297 -45.05 19.82 24.07
C GLY L 297 -44.27 18.56 23.78
N ASP L 298 -44.89 17.41 24.10
CA ASP L 298 -44.26 16.12 23.90
C ASP L 298 -44.99 15.28 22.86
N MET L 299 -44.40 14.13 22.56
CA MET L 299 -44.85 13.21 21.53
C MET L 299 -46.19 12.55 21.84
N GLU L 300 -46.69 12.69 23.07
CA GLU L 300 -48.01 12.17 23.42
C GLU L 300 -49.05 13.28 23.40
N GLY L 301 -48.69 14.46 22.92
CA GLY L 301 -49.58 15.60 22.88
C GLY L 301 -49.75 16.30 24.21
N ARG L 302 -49.00 15.89 25.24
CA ARG L 302 -49.07 16.60 26.50
C ARG L 302 -48.43 17.97 26.33
N LEU L 303 -49.01 18.95 27.03
CA LEU L 303 -48.58 20.34 27.04
C LEU L 303 -48.30 20.73 28.48
N PHE L 304 -47.08 21.23 28.70
CA PHE L 304 -46.55 21.68 29.98
C PHE L 304 -46.27 23.17 29.91
N MET L 305 -46.33 23.82 31.07
CA MET L 305 -45.73 25.14 31.27
C MET L 305 -44.41 25.03 32.01
N LEU L 306 -43.41 25.74 31.51
CA LEU L 306 -42.12 25.91 32.14
C LEU L 306 -42.03 27.34 32.66
N LEU L 307 -41.81 27.48 33.95
CA LEU L 307 -41.82 28.77 34.64
C LEU L 307 -40.42 29.09 35.15
N LEU L 308 -39.95 30.31 34.85
CA LEU L 308 -38.65 30.80 35.29
C LEU L 308 -38.87 31.76 36.45
N GLU L 309 -38.35 31.40 37.62
CA GLU L 309 -38.47 32.27 38.77
C GLU L 309 -37.28 33.23 38.84
N LYS L 310 -37.58 34.51 39.01
CA LYS L 310 -36.55 35.53 39.07
C LYS L 310 -36.03 35.69 40.49
N GLU L 311 -34.76 36.08 40.60
CA GLU L 311 -34.17 36.57 41.82
C GLU L 311 -33.58 37.94 41.52
N GLU L 312 -33.97 38.92 42.32
CA GLU L 312 -33.46 40.27 42.22
C GLU L 312 -32.04 40.33 42.77
N GLN L 313 -31.33 41.39 42.40
CA GLN L 313 -29.98 41.64 42.84
C GLN L 313 -29.87 43.12 43.14
N MET L 314 -28.95 43.45 44.05
CA MET L 314 -28.80 44.84 44.46
C MET L 314 -28.43 45.73 43.28
N ASP L 315 -27.65 45.21 42.34
CA ASP L 315 -27.21 45.98 41.18
C ASP L 315 -28.28 46.09 40.09
N GLY L 316 -29.49 45.61 40.35
CA GLY L 316 -30.58 45.72 39.40
C GLY L 316 -30.66 44.63 38.36
N THR L 317 -29.67 43.74 38.28
CA THR L 317 -29.79 42.56 37.42
C THR L 317 -30.78 41.55 37.99
N VAL L 318 -31.21 40.63 37.13
CA VAL L 318 -32.13 39.54 37.47
C VAL L 318 -31.45 38.24 37.12
N THR L 319 -31.53 37.28 38.03
CA THR L 319 -31.00 35.94 37.81
C THR L 319 -32.11 34.94 37.95
N LEU L 320 -31.86 33.73 37.48
CA LEU L 320 -32.87 32.69 37.54
C LEU L 320 -32.81 32.09 38.92
N LYS L 321 -33.94 32.08 39.61
CA LYS L 321 -34.00 31.52 40.94
C LYS L 321 -34.37 30.05 40.94
N ASP L 322 -35.25 29.65 40.04
CA ASP L 322 -35.68 28.25 40.00
C ASP L 322 -36.44 28.00 38.72
N LEU L 323 -36.65 26.71 38.44
CA LEU L 323 -37.38 26.25 37.29
C LEU L 323 -38.40 25.25 37.76
N ARG L 324 -39.60 25.32 37.19
CA ARG L 324 -40.63 24.36 37.51
C ARG L 324 -41.35 23.98 36.24
N VAL L 325 -41.83 22.73 36.21
CA VAL L 325 -42.66 22.25 35.13
C VAL L 325 -44.00 21.87 35.71
N GLU L 326 -45.08 22.23 35.03
CA GLU L 326 -46.45 21.93 35.42
C GLU L 326 -47.18 21.36 34.22
N LEU L 327 -47.84 20.22 34.40
CA LEU L 327 -48.64 19.67 33.33
C LEU L 327 -49.91 20.48 33.20
N LEU L 328 -50.15 21.00 32.00
CA LEU L 328 -51.33 21.79 31.69
C LEU L 328 -52.43 20.93 31.10
N GLY L 329 -52.07 19.95 30.29
CA GLY L 329 -53.14 19.20 29.62
C GLY L 329 -52.61 18.54 28.36
N GLU L 330 -53.54 18.30 27.43
CA GLU L 330 -53.27 17.56 26.21
C GLU L 330 -53.67 18.36 24.99
N THR L 331 -52.83 18.29 23.97
CA THR L 331 -53.12 18.84 22.66
C THR L 331 -52.92 17.74 21.63
N SER L 332 -53.16 18.08 20.37
CA SER L 332 -52.62 17.26 19.29
C SER L 332 -51.11 17.17 19.42
N ILE L 333 -50.54 16.06 18.96
CA ILE L 333 -49.07 15.95 18.93
C ILE L 333 -48.56 17.10 18.08
N ALA L 334 -47.75 17.95 18.68
CA ALA L 334 -47.36 19.21 18.08
C ALA L 334 -46.03 19.09 17.35
N GLU L 335 -46.05 19.53 16.10
CA GLU L 335 -44.81 19.81 15.39
C GLU L 335 -44.23 21.15 15.84
N CYS L 336 -45.11 22.10 16.12
CA CYS L 336 -44.71 23.42 16.57
C CYS L 336 -45.83 24.00 17.41
N LEU L 337 -45.46 24.95 18.27
CA LEU L 337 -46.39 25.65 19.14
C LEU L 337 -46.11 27.12 19.00
N THR L 338 -47.17 27.94 18.99
CA THR L 338 -46.98 29.38 19.06
C THR L 338 -48.01 30.03 19.97
N TYR L 339 -47.53 30.65 21.04
CA TYR L 339 -48.39 31.53 21.82
C TYR L 339 -48.74 32.76 21.01
N LEU L 340 -50.02 33.11 21.01
CA LEU L 340 -50.52 34.23 20.24
C LEU L 340 -50.68 35.39 21.19
N ASP L 341 -51.73 35.33 22.01
CA ASP L 341 -52.04 36.35 22.99
C ASP L 341 -53.17 35.78 23.84
N ASN L 342 -53.38 36.41 25.00
CA ASN L 342 -54.55 36.21 25.83
C ASN L 342 -54.78 34.74 26.15
N GLY L 343 -53.70 34.01 26.43
CA GLY L 343 -53.83 32.62 26.81
C GLY L 343 -54.15 31.68 25.67
N VAL L 344 -54.16 32.17 24.43
CA VAL L 344 -54.55 31.38 23.26
C VAL L 344 -53.29 30.83 22.61
N VAL L 345 -53.31 29.56 22.24
CA VAL L 345 -52.17 28.89 21.61
C VAL L 345 -52.57 28.27 20.28
N PHE L 346 -51.71 28.49 19.28
CA PHE L 346 -51.80 27.72 18.04
C PHE L 346 -50.90 26.51 18.15
N VAL L 347 -51.49 25.35 17.90
CA VAL L 347 -50.81 24.08 17.93
C VAL L 347 -50.70 23.62 16.49
N GLY L 348 -49.51 23.76 15.90
CA GLY L 348 -49.30 23.29 14.55
C GLY L 348 -48.81 21.86 14.53
N SER L 349 -49.58 20.98 13.90
CA SER L 349 -49.35 19.55 13.91
C SER L 349 -49.03 19.11 12.49
N ARG L 350 -48.09 18.18 12.37
CA ARG L 350 -47.85 17.48 11.12
C ARG L 350 -48.40 16.07 11.12
N LEU L 351 -48.62 15.48 12.29
CA LEU L 351 -49.12 14.13 12.40
C LEU L 351 -50.63 14.08 12.64
N GLY L 352 -51.24 15.21 13.00
CA GLY L 352 -52.67 15.25 13.22
C GLY L 352 -53.20 16.63 12.90
N ASP L 353 -54.47 16.90 13.20
CA ASP L 353 -55.04 18.20 12.94
C ASP L 353 -54.33 19.28 13.75
N SER L 354 -54.20 20.47 13.15
CA SER L 354 -53.76 21.63 13.92
C SER L 354 -54.92 22.16 14.74
N GLN L 355 -54.61 23.04 15.69
CA GLN L 355 -55.65 23.50 16.60
C GLN L 355 -55.38 24.93 17.04
N LEU L 356 -56.46 25.63 17.41
CA LEU L 356 -56.41 26.73 18.36
C LEU L 356 -57.01 26.25 19.67
N VAL L 357 -56.27 26.46 20.76
CA VAL L 357 -56.71 26.09 22.10
C VAL L 357 -56.64 27.31 23.01
N LYS L 358 -57.46 27.26 24.06
CA LYS L 358 -57.48 28.29 25.08
C LYS L 358 -56.89 27.70 26.36
N LEU L 359 -56.02 28.47 26.99
CA LEU L 359 -55.44 28.13 28.28
C LEU L 359 -56.14 28.92 29.38
N ASN L 360 -56.72 28.21 30.33
CA ASN L 360 -57.37 28.85 31.47
C ASN L 360 -56.44 28.82 32.65
N VAL L 361 -56.62 29.81 33.54
CA VAL L 361 -55.79 29.87 34.74
C VAL L 361 -56.16 28.75 35.71
N ASP L 362 -57.42 28.34 35.73
CA ASP L 362 -57.91 27.27 36.59
C ASP L 362 -58.28 26.06 35.75
N SER L 363 -58.12 24.89 36.35
CA SER L 363 -58.37 23.65 35.65
C SER L 363 -59.85 23.29 35.70
N ASN L 364 -60.22 22.31 34.87
CA ASN L 364 -61.58 21.79 34.81
C ASN L 364 -61.68 20.57 35.72
N GLU L 365 -62.79 19.84 35.61
CA GLU L 365 -63.04 18.72 36.49
C GLU L 365 -61.94 17.66 36.39
N GLN L 366 -61.41 17.44 35.19
CA GLN L 366 -60.40 16.43 34.98
C GLN L 366 -58.98 16.93 35.23
N GLY L 367 -58.81 18.19 35.62
CA GLY L 367 -57.51 18.73 35.96
C GLY L 367 -56.77 19.38 34.81
N SER L 368 -57.43 19.62 33.68
CA SER L 368 -56.80 20.20 32.50
C SER L 368 -57.11 21.69 32.43
N TYR L 369 -56.10 22.46 32.04
CA TYR L 369 -56.26 23.89 31.79
C TYR L 369 -56.48 24.19 30.31
N VAL L 370 -56.51 23.17 29.45
CA VAL L 370 -56.56 23.35 28.01
C VAL L 370 -57.96 23.04 27.52
N VAL L 371 -58.51 23.93 26.70
CA VAL L 371 -59.79 23.73 26.03
C VAL L 371 -59.60 24.03 24.56
N ALA L 372 -60.02 23.10 23.71
CA ALA L 372 -59.90 23.30 22.28
C ALA L 372 -60.93 24.31 21.82
N MET L 373 -60.49 25.22 20.95
CA MET L 373 -61.36 26.23 20.39
C MET L 373 -61.71 25.94 18.94
N GLU L 374 -60.73 25.50 18.16
CA GLU L 374 -60.95 25.29 16.73
C GLU L 374 -59.97 24.24 16.25
N THR L 375 -60.41 23.46 15.24
CA THR L 375 -59.60 22.41 14.63
C THR L 375 -59.43 22.61 13.13
N PHE L 376 -58.22 22.33 12.63
CA PHE L 376 -57.87 22.45 11.22
C PHE L 376 -57.44 21.09 10.70
N THR L 377 -58.08 20.66 9.61
CA THR L 377 -57.86 19.34 9.05
C THR L 377 -56.41 19.13 8.66
N ASN L 378 -55.87 17.97 9.04
CA ASN L 378 -54.59 17.50 8.54
C ASN L 378 -54.78 16.06 8.08
N LEU L 379 -54.52 15.82 6.80
CA LEU L 379 -54.62 14.49 6.23
C LEU L 379 -53.36 13.66 6.42
N GLY L 380 -52.25 14.27 6.83
CA GLY L 380 -50.97 13.62 6.82
C GLY L 380 -50.65 12.93 8.14
N PRO L 381 -49.72 11.94 8.11
CA PRO L 381 -49.21 11.26 6.92
C PRO L 381 -50.31 10.43 6.32
N ILE L 382 -50.42 10.46 5.00
CA ILE L 382 -51.29 9.55 4.28
C ILE L 382 -50.49 8.28 4.00
N VAL L 383 -50.76 7.22 4.75
CA VAL L 383 -49.98 5.98 4.63
C VAL L 383 -50.52 4.96 3.64
N ASP L 384 -51.83 4.95 3.40
CA ASP L 384 -52.42 4.07 2.40
C ASP L 384 -53.75 4.68 2.00
N MET L 385 -54.31 4.21 0.90
CA MET L 385 -55.63 4.69 0.50
C MET L 385 -56.22 3.81 -0.58
N CYS L 386 -57.53 3.92 -0.74
CA CYS L 386 -58.24 3.21 -1.79
C CYS L 386 -59.39 4.11 -2.24
N VAL L 387 -59.88 3.85 -3.46
CA VAL L 387 -61.01 4.59 -4.02
C VAL L 387 -62.19 3.63 -4.06
N VAL L 388 -63.34 4.08 -3.56
CA VAL L 388 -64.54 3.25 -3.53
C VAL L 388 -65.74 4.10 -3.89
N ASP L 389 -66.69 3.51 -4.61
CA ASP L 389 -67.96 4.16 -4.91
C ASP L 389 -68.94 3.79 -3.79
N LEU L 390 -68.77 4.44 -2.65
CA LEU L 390 -69.49 4.01 -1.45
C LEU L 390 -70.99 4.23 -1.60
N GLU L 391 -71.38 5.40 -2.10
CA GLU L 391 -72.77 5.82 -2.15
C GLU L 391 -73.38 5.73 -3.53
N ARG L 392 -72.70 6.28 -4.55
CA ARG L 392 -73.24 6.33 -5.90
C ARG L 392 -72.25 5.75 -6.90
N GLN L 393 -72.80 5.13 -7.94
CA GLN L 393 -72.01 4.68 -9.07
C GLN L 393 -71.30 5.83 -9.77
N GLY L 394 -70.02 5.65 -10.06
CA GLY L 394 -69.24 6.63 -10.79
C GLY L 394 -68.77 7.80 -9.99
N GLN L 395 -69.19 7.92 -8.72
CA GLN L 395 -68.80 9.02 -7.86
C GLN L 395 -67.80 8.41 -6.88
N GLY L 396 -66.52 8.43 -7.25
CA GLY L 396 -65.50 7.86 -6.40
C GLY L 396 -65.28 8.72 -5.18
N GLN L 397 -65.00 8.05 -4.06
CA GLN L 397 -64.54 8.71 -2.86
C GLN L 397 -63.25 8.06 -2.40
N LEU L 398 -62.34 8.89 -1.87
CA LEU L 398 -61.07 8.40 -1.36
C LEU L 398 -61.15 8.12 0.11
N VAL L 399 -60.68 6.95 0.51
CA VAL L 399 -60.60 6.60 1.92
C VAL L 399 -59.12 6.38 2.19
N THR L 400 -58.56 7.26 3.01
CA THR L 400 -57.15 7.26 3.33
C THR L 400 -56.94 6.76 4.76
N CYS L 401 -55.78 6.15 4.95
CA CYS L 401 -55.17 5.94 6.26
C CYS L 401 -54.32 7.17 6.51
N SER L 402 -54.70 7.96 7.50
CA SER L 402 -54.11 9.24 7.81
C SER L 402 -53.63 9.22 9.24
N GLY L 403 -52.70 10.11 9.54
CA GLY L 403 -52.29 10.24 10.90
C GLY L 403 -51.35 9.15 11.39
N ALA L 404 -51.09 9.28 12.67
CA ALA L 404 -50.21 8.48 13.49
C ALA L 404 -50.80 8.47 14.87
N PHE L 405 -50.29 7.55 15.70
CA PHE L 405 -50.64 7.27 17.12
C PHE L 405 -52.01 7.87 17.45
N LYS L 406 -52.24 8.52 18.60
CA LYS L 406 -53.61 8.92 18.92
C LYS L 406 -54.27 9.81 17.87
N GLU L 407 -53.53 10.42 16.93
CA GLU L 407 -54.18 11.21 15.91
C GLU L 407 -54.58 10.36 14.71
N GLY L 408 -54.21 9.07 14.72
CA GLY L 408 -54.46 8.24 13.56
C GLY L 408 -55.94 8.16 13.27
N SER L 409 -56.27 8.12 11.98
CA SER L 409 -57.66 8.17 11.57
C SER L 409 -57.80 7.57 10.19
N LEU L 410 -59.04 7.32 9.81
CA LEU L 410 -59.37 7.28 8.41
C LEU L 410 -59.96 8.63 8.01
N ARG L 411 -59.70 9.01 6.77
CA ARG L 411 -60.30 10.21 6.21
C ARG L 411 -61.03 9.81 4.94
N ILE L 412 -62.25 10.28 4.80
CA ILE L 412 -63.07 10.01 3.64
C ILE L 412 -63.30 11.32 2.92
N ILE L 413 -62.81 11.39 1.69
CA ILE L 413 -62.73 12.62 0.91
C ILE L 413 -63.61 12.45 -0.32
N ARG L 414 -64.47 13.45 -0.56
CA ARG L 414 -65.32 13.46 -1.74
C ARG L 414 -65.45 14.88 -2.25
N ASN L 415 -65.68 15.02 -3.56
CA ASN L 415 -65.79 16.36 -4.12
C ASN L 415 -67.16 16.92 -3.79
N GLY L 416 -67.21 18.24 -3.64
CA GLY L 416 -68.45 18.95 -3.56
C GLY L 416 -68.90 19.07 -2.12
N LYS L 732 -64.66 22.89 -1.66
CA LYS L 732 -64.46 22.05 -2.83
C LYS L 732 -64.65 20.59 -2.46
N LEU L 733 -64.06 20.19 -1.34
CA LEU L 733 -64.08 18.81 -0.88
C LEU L 733 -64.75 18.71 0.48
N HIS L 734 -65.52 17.65 0.66
CA HIS L 734 -66.10 17.28 1.94
C HIS L 734 -65.24 16.17 2.52
N ILE L 735 -64.86 16.31 3.78
CA ILE L 735 -63.99 15.36 4.47
C ILE L 735 -64.66 14.88 5.75
N ARG L 736 -64.86 13.57 5.86
CA ARG L 736 -65.28 12.89 7.08
C ARG L 736 -64.06 12.30 7.78
N THR L 737 -63.98 12.50 9.10
CA THR L 737 -62.87 11.99 9.92
C THR L 737 -63.37 10.85 10.80
N VAL L 738 -62.63 9.75 10.79
CA VAL L 738 -62.88 8.59 11.62
C VAL L 738 -61.72 8.41 12.57
N PRO L 739 -61.83 8.88 13.82
CA PRO L 739 -60.72 8.69 14.75
C PRO L 739 -60.56 7.22 15.11
N LEU L 740 -59.31 6.77 15.07
CA LEU L 740 -58.94 5.41 15.46
C LEU L 740 -58.14 5.37 16.75
N TYR L 741 -57.46 6.46 17.11
CA TYR L 741 -56.63 6.53 18.31
C TYR L 741 -55.44 5.58 18.24
N GLU L 742 -55.08 5.11 17.05
CA GLU L 742 -53.90 4.29 16.84
C GLU L 742 -53.47 4.45 15.40
N SER L 743 -52.29 3.93 15.10
CA SER L 743 -51.67 4.13 13.80
C SER L 743 -52.21 3.20 12.70
N PRO L 744 -52.92 3.70 11.69
CA PRO L 744 -53.26 2.85 10.54
C PRO L 744 -52.08 2.67 9.61
N ARG L 745 -52.07 1.53 8.91
CA ARG L 745 -50.96 1.17 8.05
C ARG L 745 -51.37 0.81 6.62
N LYS L 746 -52.46 0.05 6.45
CA LYS L 746 -52.96 -0.37 5.15
C LYS L 746 -54.48 -0.42 5.17
N ILE L 747 -55.08 -0.28 3.99
CA ILE L 747 -56.53 -0.34 3.84
C ILE L 747 -56.89 -1.08 2.57
N CYS L 748 -57.94 -1.89 2.66
CA CYS L 748 -58.58 -2.46 1.49
C CYS L 748 -60.09 -2.42 1.68
N TYR L 749 -60.80 -2.51 0.56
CA TYR L 749 -62.25 -2.58 0.53
C TYR L 749 -62.73 -3.97 0.11
N GLN L 750 -63.75 -4.49 0.82
CA GLN L 750 -64.34 -5.80 0.51
C GLN L 750 -65.84 -5.63 0.25
N GLU L 751 -66.18 -5.44 -1.03
CA GLU L 751 -67.56 -5.10 -1.39
C GLU L 751 -68.51 -6.19 -0.95
N VAL L 752 -68.12 -7.46 -1.13
CA VAL L 752 -69.02 -8.56 -0.85
C VAL L 752 -69.38 -8.66 0.62
N SER L 753 -68.53 -8.13 1.49
CA SER L 753 -68.83 -8.11 2.92
C SER L 753 -69.27 -6.72 3.34
N GLN L 754 -69.27 -5.76 2.40
CA GLN L 754 -69.62 -4.38 2.64
C GLN L 754 -68.85 -3.78 3.81
N CYS L 755 -67.54 -4.00 3.84
CA CYS L 755 -66.68 -3.50 4.90
C CYS L 755 -65.28 -3.28 4.35
N PHE L 756 -64.48 -2.55 5.12
CA PHE L 756 -63.06 -2.39 4.88
C PHE L 756 -62.25 -3.22 5.86
N GLY L 757 -61.10 -3.70 5.40
CA GLY L 757 -60.08 -4.22 6.28
C GLY L 757 -58.98 -3.19 6.38
N VAL L 758 -58.53 -2.96 7.62
CA VAL L 758 -57.49 -1.98 7.88
C VAL L 758 -56.47 -2.57 8.84
N LEU L 759 -55.21 -2.57 8.44
CA LEU L 759 -54.15 -2.93 9.37
C LEU L 759 -53.82 -1.72 10.22
N SER L 760 -53.60 -1.94 11.52
CA SER L 760 -53.26 -0.86 12.44
C SER L 760 -52.28 -1.37 13.50
N SER L 761 -51.61 -0.44 14.14
CA SER L 761 -50.72 -0.75 15.26
C SER L 761 -50.92 0.29 16.35
N ARG L 762 -50.76 -0.17 17.60
CA ARG L 762 -50.83 0.69 18.77
C ARG L 762 -49.63 0.47 19.68
N ILE L 763 -49.29 1.49 20.43
CA ILE L 763 -48.18 1.38 21.38
C ILE L 763 -48.76 0.97 22.73
N GLU L 764 -48.13 -0.02 23.34
CA GLU L 764 -48.43 -0.45 24.70
C GLU L 764 -47.13 -0.45 25.48
N VAL L 765 -47.24 -0.30 26.79
CA VAL L 765 -46.07 -0.31 27.66
C VAL L 765 -46.25 -1.39 28.71
N GLN L 766 -45.15 -1.79 29.34
CA GLN L 766 -45.19 -2.89 30.30
C GLN L 766 -46.09 -2.51 31.47
N ASP L 767 -46.83 -3.50 31.96
CA ASP L 767 -47.73 -3.30 33.09
C ASP L 767 -46.99 -3.51 34.41
N THR L 768 -47.72 -3.50 35.52
CA THR L 768 -47.11 -3.70 36.82
C THR L 768 -46.68 -5.14 37.02
N SER L 769 -47.55 -6.10 36.68
CA SER L 769 -47.23 -7.52 36.84
C SER L 769 -48.05 -8.30 35.80
N GLY L 770 -47.43 -8.54 34.65
CA GLY L 770 -48.06 -9.29 33.58
C GLY L 770 -47.38 -9.00 32.27
N GLY L 771 -48.17 -8.54 31.29
CA GLY L 771 -47.65 -8.17 30.00
C GLY L 771 -47.58 -6.66 29.84
N THR L 772 -48.33 -6.16 28.88
CA THR L 772 -48.37 -4.74 28.55
C THR L 772 -49.81 -4.23 28.56
N THR L 773 -49.91 -2.92 28.70
CA THR L 773 -51.16 -2.19 28.81
C THR L 773 -51.13 -1.05 27.82
N ALA L 774 -52.29 -0.76 27.23
CA ALA L 774 -52.42 0.35 26.31
C ALA L 774 -52.51 1.66 27.09
N LEU L 775 -52.08 2.73 26.44
CA LEU L 775 -52.10 4.06 27.02
C LEU L 775 -53.45 4.75 26.91
N ARG L 776 -54.34 4.28 26.06
CA ARG L 776 -55.65 4.85 25.87
C ARG L 776 -56.50 3.84 25.12
N PRO L 777 -57.82 3.98 25.15
CA PRO L 777 -58.64 3.12 24.30
C PRO L 777 -58.45 3.46 22.84
N SER L 778 -58.62 2.46 22.00
CA SER L 778 -58.45 2.65 20.56
C SER L 778 -59.26 1.61 19.82
N ALA L 779 -59.22 1.70 18.49
CA ALA L 779 -60.06 0.87 17.65
C ALA L 779 -59.86 -0.61 17.93
N SER L 780 -58.61 -1.03 18.12
CA SER L 780 -58.33 -2.45 18.30
C SER L 780 -58.75 -2.96 19.67
N THR L 781 -59.00 -2.07 20.62
CA THR L 781 -59.46 -2.44 21.95
C THR L 781 -60.93 -2.14 22.18
N GLN L 782 -61.63 -1.58 21.18
CA GLN L 782 -63.02 -1.18 21.29
C GLN L 782 -63.90 -1.81 20.22
N ALA L 783 -63.46 -2.93 19.65
CA ALA L 783 -64.26 -3.59 18.63
C ALA L 783 -65.52 -4.22 19.20
N LEU L 784 -66.49 -4.41 18.32
CA LEU L 784 -67.73 -5.08 18.69
C LEU L 784 -67.45 -6.50 19.13
N SER L 785 -66.56 -7.17 18.41
CA SER L 785 -66.04 -8.48 18.76
C SER L 785 -64.55 -8.43 18.47
N SER L 786 -63.83 -9.37 19.05
CA SER L 786 -62.38 -9.37 18.93
C SER L 786 -61.87 -10.79 18.82
N SER L 787 -60.72 -10.91 18.17
CA SER L 787 -60.06 -12.19 18.03
C SER L 787 -58.57 -12.01 18.24
N VAL L 788 -57.93 -13.14 18.49
CA VAL L 788 -56.50 -13.24 18.75
C VAL L 788 -56.01 -14.41 17.92
N SER L 789 -54.73 -14.39 17.59
CA SER L 789 -54.15 -15.49 16.83
C SER L 789 -53.87 -16.62 17.80
N SER L 790 -53.74 -17.83 17.28
CA SER L 790 -53.36 -18.98 18.08
C SER L 790 -52.38 -19.90 17.38
N SER L 791 -51.77 -19.46 16.28
CA SER L 791 -50.82 -20.31 15.61
C SER L 791 -49.55 -20.31 16.44
N LYS L 792 -49.01 -21.50 16.68
CA LYS L 792 -47.80 -21.66 17.47
C LYS L 792 -46.56 -21.79 16.60
N LEU L 793 -46.70 -21.71 15.28
CA LEU L 793 -45.58 -21.83 14.36
C LEU L 793 -44.88 -20.51 14.08
N PHE L 794 -45.42 -19.42 14.61
CA PHE L 794 -44.84 -18.10 14.41
C PHE L 794 -43.43 -17.95 14.97
N SER L 795 -43.15 -18.54 16.15
CA SER L 795 -41.83 -18.41 16.76
C SER L 795 -41.15 -19.76 16.91
N SER L 796 -39.93 -19.83 16.41
CA SER L 796 -39.09 -21.02 16.43
C SER L 796 -37.78 -20.72 17.16
N SER L 797 -37.43 -21.59 18.11
CA SER L 797 -36.19 -21.46 18.88
C SER L 797 -36.09 -20.10 19.56
N THR L 798 -37.19 -19.66 20.16
CA THR L 798 -37.23 -18.38 20.85
C THR L 798 -36.29 -18.40 22.03
N ALA L 799 -35.57 -17.30 22.24
CA ALA L 799 -34.64 -17.19 23.35
C ALA L 799 -35.10 -16.10 24.31
N PRO L 800 -35.23 -16.35 25.61
CA PRO L 800 -35.68 -15.29 26.52
C PRO L 800 -34.63 -14.19 26.59
N HIS L 801 -35.08 -12.94 26.57
CA HIS L 801 -34.16 -11.82 26.66
C HIS L 801 -34.61 -10.88 27.77
N GLU L 802 -33.64 -10.44 28.57
CA GLU L 802 -33.92 -9.51 29.67
C GLU L 802 -34.42 -8.21 29.10
N THR L 803 -35.44 -7.66 29.73
CA THR L 803 -36.05 -6.41 29.30
C THR L 803 -35.95 -5.35 30.39
N SER L 804 -35.44 -4.18 30.02
CA SER L 804 -35.31 -3.06 30.94
C SER L 804 -36.70 -2.49 31.21
N PHE L 805 -36.86 -1.85 32.36
CA PHE L 805 -38.17 -1.31 32.66
C PHE L 805 -38.52 -0.15 31.73
N GLY L 806 -39.80 -0.09 31.41
CA GLY L 806 -40.47 0.89 30.58
C GLY L 806 -40.35 0.67 29.09
N GLU L 807 -40.20 -0.56 28.61
CA GLU L 807 -40.09 -0.76 27.18
C GLU L 807 -41.46 -0.63 26.54
N GLU L 808 -41.58 0.22 25.53
CA GLU L 808 -42.82 0.25 24.75
C GLU L 808 -42.77 -0.83 23.68
N VAL L 809 -43.94 -1.30 23.27
CA VAL L 809 -44.11 -2.38 22.32
C VAL L 809 -45.12 -1.94 21.29
N GLU L 810 -45.00 -2.43 20.06
CA GLU L 810 -46.04 -2.19 19.07
C GLU L 810 -46.94 -3.42 19.02
N VAL L 811 -48.25 -3.20 19.11
CA VAL L 811 -49.24 -4.26 19.01
C VAL L 811 -49.99 -4.04 17.71
N HIS L 812 -49.97 -5.03 16.82
CA HIS L 812 -50.62 -4.92 15.51
C HIS L 812 -51.94 -5.68 15.47
N ASN L 813 -52.86 -5.15 14.67
CA ASN L 813 -54.22 -5.68 14.57
C ASN L 813 -54.73 -5.52 13.14
N LEU L 814 -55.62 -6.41 12.76
CA LEU L 814 -56.48 -6.24 11.60
C LEU L 814 -57.87 -5.84 12.06
N LEU L 815 -58.31 -4.66 11.63
CA LEU L 815 -59.61 -4.14 11.96
C LEU L 815 -60.57 -4.35 10.80
N ILE L 816 -61.80 -4.72 11.11
CA ILE L 816 -62.88 -4.82 10.13
C ILE L 816 -63.85 -3.71 10.49
N ILE L 817 -64.08 -2.82 9.52
CA ILE L 817 -64.74 -1.54 9.72
C ILE L 817 -65.89 -1.37 8.75
N ASP L 818 -67.07 -1.02 9.26
CA ASP L 818 -68.23 -0.90 8.40
C ASP L 818 -68.05 0.27 7.43
N GLN L 819 -68.44 0.05 6.17
CA GLN L 819 -68.18 1.09 5.18
C GLN L 819 -69.13 2.27 5.32
N HIS L 820 -70.28 2.07 5.96
CA HIS L 820 -71.28 3.10 6.13
C HIS L 820 -71.12 3.84 7.44
N THR L 821 -71.02 3.10 8.54
CA THR L 821 -70.98 3.71 9.86
C THR L 821 -69.56 3.89 10.35
N PHE L 822 -68.59 3.22 9.74
CA PHE L 822 -67.21 3.25 10.18
C PHE L 822 -67.05 2.77 11.62
N GLU L 823 -68.00 1.99 12.10
CA GLU L 823 -67.89 1.33 13.39
C GLU L 823 -66.85 0.23 13.31
N VAL L 824 -66.20 -0.02 14.45
CA VAL L 824 -65.21 -1.09 14.52
C VAL L 824 -66.00 -2.38 14.73
N LEU L 825 -66.14 -3.13 13.64
CA LEU L 825 -66.91 -4.35 13.69
C LEU L 825 -66.13 -5.50 14.29
N HIS L 826 -64.84 -5.58 13.99
CA HIS L 826 -64.04 -6.68 14.48
C HIS L 826 -62.58 -6.28 14.57
N ALA L 827 -61.88 -6.85 15.55
CA ALA L 827 -60.44 -6.68 15.65
C ALA L 827 -59.75 -8.01 15.89
N HIS L 828 -58.78 -8.33 15.05
CA HIS L 828 -57.97 -9.53 15.17
C HIS L 828 -56.59 -9.09 15.57
N GLN L 829 -56.11 -9.56 16.71
CA GLN L 829 -54.79 -9.17 17.17
C GLN L 829 -53.77 -10.15 16.68
N PHE L 830 -52.67 -9.62 16.14
CA PHE L 830 -51.61 -10.47 15.66
C PHE L 830 -50.71 -10.89 16.81
N LEU L 831 -49.73 -11.70 16.47
CA LEU L 831 -48.85 -12.29 17.46
C LEU L 831 -47.87 -11.26 18.02
N GLN L 832 -47.28 -11.59 19.18
CA GLN L 832 -46.26 -10.74 19.76
C GLN L 832 -45.07 -10.65 18.83
N ASN L 833 -44.57 -9.43 18.63
CA ASN L 833 -43.44 -9.11 17.76
C ASN L 833 -43.76 -9.27 16.28
N GLU L 834 -45.02 -9.53 15.92
CA GLU L 834 -45.42 -9.65 14.53
C GLU L 834 -45.96 -8.33 14.00
N TYR L 835 -45.34 -7.79 12.96
CA TYR L 835 -45.79 -6.57 12.32
C TYR L 835 -46.49 -6.94 11.02
N ALA L 836 -47.68 -6.40 10.81
CA ALA L 836 -48.44 -6.63 9.59
C ALA L 836 -48.07 -5.51 8.62
N LEU L 837 -47.60 -5.90 7.44
CA LEU L 837 -47.00 -4.97 6.50
C LEU L 837 -47.83 -4.76 5.24
N SER L 838 -48.54 -5.78 4.79
CA SER L 838 -49.23 -5.79 3.51
C SER L 838 -50.61 -6.40 3.70
N LEU L 839 -51.54 -6.00 2.84
CA LEU L 839 -52.94 -6.41 2.97
C LEU L 839 -53.56 -6.49 1.59
N VAL L 840 -54.30 -7.57 1.33
CA VAL L 840 -55.11 -7.66 0.13
C VAL L 840 -56.45 -8.29 0.46
N SER L 841 -57.45 -7.92 -0.32
CA SER L 841 -58.78 -8.51 -0.34
C SER L 841 -58.96 -9.04 -1.75
N CYS L 842 -59.23 -10.32 -1.89
CA CYS L 842 -59.30 -10.85 -3.24
C CYS L 842 -59.97 -12.22 -3.25
N LYS L 843 -60.34 -12.64 -4.44
CA LYS L 843 -60.71 -14.00 -4.77
C LYS L 843 -59.49 -14.73 -5.30
N LEU L 844 -59.45 -16.04 -5.07
CA LEU L 844 -58.36 -16.86 -5.58
C LEU L 844 -58.91 -18.12 -6.23
N GLY L 845 -58.20 -18.59 -7.25
CA GLY L 845 -58.51 -19.85 -7.90
C GLY L 845 -59.95 -19.94 -8.33
N LYS L 846 -60.51 -21.14 -8.14
CA LYS L 846 -61.91 -21.43 -8.42
C LYS L 846 -62.78 -21.35 -7.15
N ASP L 847 -62.25 -20.75 -6.08
CA ASP L 847 -62.95 -20.71 -4.80
C ASP L 847 -63.84 -19.47 -4.76
N PRO L 848 -65.15 -19.61 -4.52
CA PRO L 848 -66.01 -18.43 -4.58
C PRO L 848 -65.89 -17.51 -3.38
N ASN L 849 -65.23 -17.93 -2.31
CA ASN L 849 -65.12 -17.07 -1.14
C ASN L 849 -64.13 -15.93 -1.40
N THR L 850 -64.38 -14.80 -0.76
CA THR L 850 -63.47 -13.65 -0.74
C THR L 850 -62.77 -13.58 0.62
N TYR L 851 -61.46 -13.39 0.59
CA TYR L 851 -60.62 -13.44 1.77
C TYR L 851 -59.93 -12.10 2.01
N PHE L 852 -59.63 -11.84 3.28
CA PHE L 852 -58.64 -10.85 3.67
C PHE L 852 -57.30 -11.54 3.83
N ILE L 853 -56.29 -11.05 3.13
CA ILE L 853 -54.97 -11.67 3.15
C ILE L 853 -53.97 -10.67 3.71
N VAL L 854 -53.16 -11.13 4.68
CA VAL L 854 -52.22 -10.27 5.40
C VAL L 854 -50.83 -10.87 5.33
N GLY L 855 -49.84 -10.04 5.04
CA GLY L 855 -48.44 -10.43 5.07
C GLY L 855 -47.75 -9.75 6.25
N THR L 856 -46.93 -10.50 6.99
CA THR L 856 -46.36 -10.00 8.24
C THR L 856 -44.85 -10.27 8.26
N ALA L 857 -44.22 -9.74 9.30
CA ALA L 857 -42.83 -10.04 9.64
C ALA L 857 -42.67 -10.18 11.15
N MET L 858 -41.85 -11.11 11.59
CA MET L 858 -41.49 -11.21 12.99
C MET L 858 -40.27 -10.32 13.23
N VAL L 859 -40.40 -9.37 14.15
CA VAL L 859 -39.41 -8.31 14.33
C VAL L 859 -38.68 -8.50 15.67
N TYR L 860 -37.37 -8.63 15.59
CA TYR L 860 -36.50 -8.72 16.76
C TYR L 860 -35.46 -7.62 16.68
N PRO L 861 -35.07 -7.02 17.81
CA PRO L 861 -34.25 -5.80 17.74
C PRO L 861 -32.88 -5.99 17.12
N GLU L 862 -32.24 -7.15 17.30
CA GLU L 862 -30.87 -7.36 16.85
C GLU L 862 -30.75 -7.79 15.39
N GLU L 863 -31.85 -7.98 14.67
CA GLU L 863 -31.80 -8.46 13.30
C GLU L 863 -31.73 -7.28 12.34
N ALA L 864 -30.72 -7.33 11.47
CA ALA L 864 -30.57 -6.30 10.44
C ALA L 864 -31.72 -6.35 9.44
N GLU L 865 -32.34 -7.51 9.25
CA GLU L 865 -33.49 -7.65 8.38
C GLU L 865 -34.34 -8.80 8.90
N PRO L 866 -35.66 -8.77 8.73
CA PRO L 866 -36.47 -9.84 9.29
C PRO L 866 -36.16 -11.16 8.59
N LYS L 867 -36.19 -12.24 9.38
CA LYS L 867 -35.92 -13.57 8.89
C LYS L 867 -37.14 -14.47 8.91
N GLN L 868 -38.31 -13.97 9.31
CA GLN L 868 -39.49 -14.81 9.50
C GLN L 868 -40.74 -14.00 9.21
N GLY L 869 -41.73 -14.66 8.61
CA GLY L 869 -42.99 -14.01 8.32
C GLY L 869 -44.05 -15.02 7.96
N ARG L 870 -45.27 -14.50 7.78
CA ARG L 870 -46.43 -15.30 7.41
C ARG L 870 -47.26 -14.57 6.39
N ILE L 871 -47.90 -15.35 5.52
CA ILE L 871 -49.07 -14.91 4.78
C ILE L 871 -50.25 -15.60 5.45
N VAL L 872 -51.24 -14.84 5.88
CA VAL L 872 -52.40 -15.39 6.55
C VAL L 872 -53.64 -15.02 5.75
N VAL L 873 -54.46 -16.02 5.46
CA VAL L 873 -55.72 -15.86 4.75
C VAL L 873 -56.84 -16.03 5.75
N PHE L 874 -57.64 -14.97 5.89
CA PHE L 874 -58.80 -14.87 6.74
C PHE L 874 -60.06 -14.79 5.89
N GLN L 875 -61.17 -15.32 6.40
CA GLN L 875 -62.49 -15.07 5.84
C GLN L 875 -63.33 -14.34 6.87
N TYR L 876 -63.98 -13.25 6.44
CA TYR L 876 -64.86 -12.47 7.30
C TYR L 876 -66.31 -12.89 7.10
N SER L 877 -66.89 -13.46 8.13
CA SER L 877 -68.30 -13.83 8.11
C SER L 877 -68.80 -13.91 9.54
N ASP L 878 -70.10 -13.65 9.71
CA ASP L 878 -70.75 -13.68 11.01
C ASP L 878 -70.02 -12.81 12.03
N GLY L 879 -69.56 -11.65 11.58
CA GLY L 879 -69.03 -10.68 12.51
C GLY L 879 -67.65 -10.97 13.04
N LYS L 880 -66.96 -12.00 12.54
CA LYS L 880 -65.64 -12.35 13.05
C LYS L 880 -64.73 -12.79 11.93
N LEU L 881 -63.44 -12.73 12.23
CA LEU L 881 -62.40 -13.22 11.34
C LEU L 881 -62.03 -14.64 11.75
N GLN L 882 -62.05 -15.55 10.79
CA GLN L 882 -61.58 -16.91 10.97
C GLN L 882 -60.31 -17.05 10.16
N THR L 883 -59.29 -17.69 10.74
CA THR L 883 -58.07 -17.93 9.98
C THR L 883 -58.34 -19.12 9.06
N VAL L 884 -58.20 -18.88 7.76
CA VAL L 884 -58.45 -19.91 6.76
C VAL L 884 -57.18 -20.66 6.41
N ALA L 885 -56.06 -19.96 6.30
CA ALA L 885 -54.83 -20.63 5.88
C ALA L 885 -53.63 -19.77 6.27
N GLU L 886 -52.47 -20.43 6.38
CA GLU L 886 -51.23 -19.70 6.64
C GLU L 886 -50.12 -20.25 5.73
N LYS L 887 -49.12 -19.41 5.49
CA LYS L 887 -47.91 -19.80 4.78
C LYS L 887 -46.71 -19.16 5.46
N GLU L 888 -45.78 -19.97 5.94
CA GLU L 888 -44.56 -19.47 6.56
C GLU L 888 -43.46 -19.20 5.54
N VAL L 889 -42.82 -18.04 5.68
CA VAL L 889 -41.70 -17.69 4.82
C VAL L 889 -40.61 -17.18 5.75
N LYS L 890 -39.39 -17.17 5.23
CA LYS L 890 -38.23 -16.75 6.00
C LYS L 890 -37.89 -15.30 5.66
N GLY L 891 -38.86 -14.43 5.89
CA GLY L 891 -38.64 -13.02 5.64
C GLY L 891 -39.91 -12.22 5.82
N ALA L 892 -39.75 -10.90 5.66
CA ALA L 892 -40.86 -9.97 5.73
C ALA L 892 -41.64 -9.95 4.44
N VAL L 893 -42.96 -10.01 4.54
CA VAL L 893 -43.85 -10.01 3.38
C VAL L 893 -44.23 -8.56 3.12
N TYR L 894 -43.37 -7.89 2.35
CA TYR L 894 -43.50 -6.45 2.18
C TYR L 894 -44.73 -6.07 1.37
N SER L 895 -45.09 -6.86 0.36
CA SER L 895 -46.09 -6.46 -0.61
C SER L 895 -46.81 -7.70 -1.12
N MET L 896 -48.10 -7.54 -1.40
CA MET L 896 -48.87 -8.58 -2.05
C MET L 896 -49.87 -7.94 -3.00
N VAL L 897 -50.14 -8.64 -4.10
CA VAL L 897 -51.07 -8.17 -5.12
C VAL L 897 -51.77 -9.38 -5.72
N GLU L 898 -53.07 -9.25 -5.95
CA GLU L 898 -53.77 -10.29 -6.70
C GLU L 898 -53.32 -10.28 -8.16
N PHE L 899 -53.07 -11.48 -8.69
CA PHE L 899 -52.46 -11.63 -10.02
C PHE L 899 -53.10 -12.79 -10.76
N ASN L 900 -54.07 -12.49 -11.64
CA ASN L 900 -54.69 -13.46 -12.53
C ASN L 900 -55.22 -14.67 -11.76
N GLY L 901 -55.87 -14.38 -10.64
CA GLY L 901 -56.47 -15.36 -9.77
C GLY L 901 -55.47 -16.07 -8.90
N LYS L 902 -54.19 -15.69 -8.96
CA LYS L 902 -53.15 -16.20 -8.09
C LYS L 902 -52.67 -15.01 -7.26
N LEU L 903 -51.86 -15.28 -6.24
CA LEU L 903 -51.35 -14.23 -5.37
C LEU L 903 -49.84 -14.08 -5.49
N LEU L 904 -49.42 -12.90 -5.91
CA LEU L 904 -48.02 -12.53 -6.00
C LEU L 904 -47.65 -11.79 -4.73
N ALA L 905 -46.51 -12.15 -4.14
CA ALA L 905 -46.04 -11.58 -2.89
C ALA L 905 -44.56 -11.34 -2.97
N SER L 906 -44.11 -10.28 -2.31
CA SER L 906 -42.69 -9.98 -2.17
C SER L 906 -42.22 -10.24 -0.76
N ILE L 907 -41.12 -10.99 -0.65
CA ILE L 907 -40.55 -11.45 0.60
C ILE L 907 -39.07 -11.15 0.50
N ASN L 908 -38.62 -10.17 1.29
CA ASN L 908 -37.26 -9.63 1.24
C ASN L 908 -36.77 -9.49 -0.19
N SER L 909 -35.85 -10.34 -0.66
CA SER L 909 -35.25 -10.17 -1.97
C SER L 909 -35.91 -11.05 -3.03
N THR L 910 -37.04 -11.66 -2.71
CA THR L 910 -37.73 -12.58 -3.60
C THR L 910 -39.12 -12.08 -3.98
N VAL L 911 -39.55 -12.47 -5.16
CA VAL L 911 -40.93 -12.35 -5.60
C VAL L 911 -41.45 -13.76 -5.85
N ARG L 912 -42.58 -14.08 -5.24
CA ARG L 912 -43.08 -15.45 -5.23
C ARG L 912 -44.53 -15.45 -5.64
N LEU L 913 -44.91 -16.41 -6.47
CA LEU L 913 -46.28 -16.55 -6.91
C LEU L 913 -46.86 -17.80 -6.30
N TYR L 914 -47.98 -17.64 -5.61
CA TYR L 914 -48.69 -18.71 -4.96
C TYR L 914 -50.01 -18.96 -5.68
N GLU L 915 -50.34 -20.24 -5.78
CA GLU L 915 -51.63 -20.69 -6.26
C GLU L 915 -52.45 -21.09 -5.04
N TRP L 916 -53.76 -20.92 -5.14
CA TRP L 916 -54.68 -21.27 -4.08
C TRP L 916 -55.27 -22.62 -4.40
N THR L 917 -54.99 -23.61 -3.57
CA THR L 917 -55.38 -24.96 -3.88
C THR L 917 -56.83 -25.25 -3.52
N THR L 918 -57.29 -26.39 -4.02
CA THR L 918 -58.61 -26.89 -3.69
C THR L 918 -58.74 -27.13 -2.20
N GLU L 919 -57.62 -27.45 -1.55
CA GLU L 919 -57.54 -27.68 -0.11
C GLU L 919 -57.28 -26.37 0.64
N LYS L 920 -57.42 -25.23 -0.04
CA LYS L 920 -57.32 -23.91 0.58
C LYS L 920 -55.95 -23.71 1.20
N GLU L 921 -54.91 -23.94 0.40
CA GLU L 921 -53.56 -23.60 0.76
C GLU L 921 -52.87 -22.84 -0.35
N LEU L 922 -51.85 -22.08 0.04
CA LEU L 922 -50.97 -21.41 -0.92
C LEU L 922 -49.84 -22.35 -1.30
N ARG L 923 -49.60 -22.51 -2.60
CA ARG L 923 -48.51 -23.33 -3.10
C ARG L 923 -47.70 -22.52 -4.10
N THR L 924 -46.38 -22.51 -3.93
CA THR L 924 -45.52 -21.77 -4.83
C THR L 924 -45.53 -22.38 -6.23
N GLU L 925 -45.76 -21.52 -7.23
CA GLU L 925 -45.59 -21.89 -8.63
C GLU L 925 -44.20 -21.54 -9.12
N CYS L 926 -43.75 -20.30 -8.86
CA CYS L 926 -42.46 -19.84 -9.35
C CYS L 926 -41.96 -18.66 -8.51
N ASN L 927 -40.65 -18.45 -8.60
CA ASN L 927 -39.94 -17.44 -7.85
C ASN L 927 -39.01 -16.63 -8.74
N HIS L 928 -38.79 -15.39 -8.33
CA HIS L 928 -37.78 -14.51 -8.91
C HIS L 928 -36.90 -14.03 -7.77
N TYR L 929 -35.59 -14.07 -7.99
CA TYR L 929 -34.62 -13.85 -6.92
C TYR L 929 -33.75 -12.61 -7.08
N ASN L 930 -33.74 -11.96 -8.24
CA ASN L 930 -32.74 -10.95 -8.55
C ASN L 930 -33.21 -9.59 -8.04
N ASN L 931 -33.29 -9.50 -6.71
CA ASN L 931 -33.67 -8.26 -6.04
C ASN L 931 -32.77 -8.04 -4.83
N ILE L 932 -32.69 -6.79 -4.40
CA ILE L 932 -32.12 -6.49 -3.09
C ILE L 932 -33.18 -6.60 -2.01
N MET L 933 -34.26 -5.85 -2.18
CA MET L 933 -35.39 -5.91 -1.26
C MET L 933 -36.61 -5.41 -2.01
N ALA L 934 -37.52 -6.33 -2.34
CA ALA L 934 -38.69 -6.01 -3.16
C ALA L 934 -39.82 -5.44 -2.30
N LEU L 935 -39.88 -4.11 -2.19
CA LEU L 935 -40.79 -3.50 -1.25
C LEU L 935 -42.15 -3.20 -1.87
N TYR L 936 -42.22 -2.97 -3.17
CA TYR L 936 -43.41 -2.43 -3.80
C TYR L 936 -43.73 -3.28 -5.03
N LEU L 937 -45.00 -3.66 -5.16
CA LEU L 937 -45.49 -4.37 -6.33
C LEU L 937 -46.76 -3.76 -6.90
N LYS L 938 -46.86 -3.72 -8.22
CA LYS L 938 -48.09 -3.45 -8.93
C LYS L 938 -48.12 -4.37 -10.14
N THR L 939 -49.33 -4.64 -10.65
CA THR L 939 -49.47 -5.52 -11.81
C THR L 939 -50.49 -5.01 -12.80
N LYS L 940 -50.32 -5.47 -14.03
CA LYS L 940 -51.27 -5.27 -15.11
C LYS L 940 -51.12 -6.47 -16.03
N GLY L 941 -52.20 -7.21 -16.22
CA GLY L 941 -52.16 -8.42 -17.03
C GLY L 941 -51.18 -9.43 -16.45
N ASP L 942 -50.33 -9.99 -17.32
CA ASP L 942 -49.29 -10.93 -16.92
C ASP L 942 -47.97 -10.25 -16.64
N PHE L 943 -47.92 -8.93 -16.66
CA PHE L 943 -46.69 -8.17 -16.46
C PHE L 943 -46.65 -7.68 -15.03
N ILE L 944 -45.44 -7.59 -14.50
CA ILE L 944 -45.21 -7.23 -13.11
C ILE L 944 -44.17 -6.14 -13.03
N LEU L 945 -44.51 -5.06 -12.34
CA LEU L 945 -43.59 -3.98 -12.05
C LEU L 945 -43.21 -4.13 -10.59
N VAL L 946 -41.92 -4.28 -10.35
CA VAL L 946 -41.41 -4.50 -9.01
C VAL L 946 -40.64 -3.28 -8.59
N GLY L 947 -40.97 -2.72 -7.43
CA GLY L 947 -40.19 -1.65 -6.86
C GLY L 947 -39.34 -2.17 -5.72
N ASP L 948 -38.05 -1.90 -5.82
CA ASP L 948 -37.03 -2.36 -4.90
C ASP L 948 -36.65 -1.24 -3.94
N LEU L 949 -36.08 -1.65 -2.79
CA LEU L 949 -35.48 -0.68 -1.88
C LEU L 949 -34.52 0.25 -2.60
N MET L 950 -33.61 -0.31 -3.42
CA MET L 950 -32.52 0.42 -4.05
C MET L 950 -32.29 0.10 -5.53
N ARG L 951 -32.93 -0.95 -6.05
CA ARG L 951 -32.85 -1.47 -7.42
C ARG L 951 -34.16 -1.07 -8.07
N SER L 952 -34.52 0.19 -7.80
CA SER L 952 -35.70 1.01 -8.17
C SER L 952 -36.72 0.22 -8.97
N VAL L 953 -36.68 0.09 -10.30
CA VAL L 953 -37.83 -0.59 -10.92
C VAL L 953 -37.34 -1.78 -11.70
N LEU L 954 -38.20 -2.77 -11.78
CA LEU L 954 -37.95 -3.95 -12.56
C LEU L 954 -39.20 -4.33 -13.32
N LEU L 955 -39.03 -4.83 -14.54
CA LEU L 955 -40.14 -5.33 -15.34
C LEU L 955 -39.94 -6.82 -15.49
N LEU L 956 -40.89 -7.58 -14.97
CA LEU L 956 -40.99 -9.03 -15.09
C LEU L 956 -42.21 -9.36 -15.93
N ALA L 957 -42.16 -10.51 -16.58
CA ALA L 957 -43.32 -11.07 -17.25
C ALA L 957 -43.55 -12.44 -16.66
N TYR L 958 -44.79 -12.72 -16.27
CA TYR L 958 -45.19 -14.09 -16.03
C TYR L 958 -45.46 -14.80 -17.34
N LYS L 959 -44.96 -16.03 -17.44
CA LYS L 959 -45.07 -16.81 -18.66
C LYS L 959 -46.06 -17.94 -18.47
N PRO L 960 -47.32 -17.80 -18.89
CA PRO L 960 -48.32 -18.84 -18.57
C PRO L 960 -48.04 -20.18 -19.21
N MET L 961 -47.35 -20.22 -20.34
CA MET L 961 -47.00 -21.48 -20.98
C MET L 961 -45.70 -22.06 -20.43
N GLU L 962 -45.02 -21.32 -19.55
CA GLU L 962 -43.84 -21.78 -18.87
C GLU L 962 -43.99 -21.84 -17.35
N GLY L 963 -44.98 -21.16 -16.79
CA GLY L 963 -45.16 -21.20 -15.35
C GLY L 963 -44.05 -20.55 -14.56
N ASN L 964 -43.41 -19.53 -15.13
CA ASN L 964 -42.31 -18.86 -14.45
C ASN L 964 -42.27 -17.39 -14.84
N PHE L 965 -41.34 -16.68 -14.25
CA PHE L 965 -41.13 -15.28 -14.54
C PHE L 965 -40.02 -15.17 -15.58
N GLU L 966 -40.10 -14.12 -16.38
CA GLU L 966 -39.01 -13.72 -17.26
C GLU L 966 -38.65 -12.28 -16.92
N GLU L 967 -37.36 -12.01 -16.74
CA GLU L 967 -36.91 -10.63 -16.59
C GLU L 967 -36.96 -9.95 -17.94
N ILE L 968 -37.80 -8.94 -18.04
CA ILE L 968 -37.92 -8.17 -19.26
C ILE L 968 -36.91 -7.04 -19.29
N ALA L 969 -36.88 -6.23 -18.24
CA ALA L 969 -36.02 -5.05 -18.27
C ALA L 969 -35.89 -4.43 -16.89
N ARG L 970 -34.85 -3.63 -16.71
CA ARG L 970 -34.66 -2.90 -15.48
C ARG L 970 -34.24 -1.47 -15.77
N ASP L 971 -34.53 -0.58 -14.82
CA ASP L 971 -34.01 0.79 -14.86
C ASP L 971 -32.66 0.69 -14.20
N PHE L 972 -31.61 0.90 -14.97
CA PHE L 972 -30.30 0.73 -14.38
C PHE L 972 -29.82 1.97 -13.64
N ASN L 973 -30.61 3.05 -13.65
CA ASN L 973 -30.27 4.17 -12.79
C ASN L 973 -30.73 3.88 -11.36
N PRO L 974 -29.85 4.01 -10.37
CA PRO L 974 -30.29 3.82 -8.98
C PRO L 974 -31.28 4.88 -8.53
N ASN L 975 -32.33 4.44 -7.84
CA ASN L 975 -33.26 5.37 -7.21
C ASN L 975 -33.77 4.71 -5.93
N TRP L 976 -33.83 5.48 -4.83
CA TRP L 976 -34.37 4.99 -3.57
C TRP L 976 -35.88 5.22 -3.55
N MET L 977 -36.63 4.18 -3.85
CA MET L 977 -38.06 4.33 -4.11
C MET L 977 -38.87 4.49 -2.83
N SER L 978 -39.96 5.23 -2.97
CA SER L 978 -40.98 5.32 -1.95
C SER L 978 -42.32 4.85 -2.48
N ALA L 979 -42.52 4.82 -3.80
CA ALA L 979 -43.74 4.33 -4.40
C ALA L 979 -43.50 4.16 -5.89
N VAL L 980 -44.30 3.28 -6.50
CA VAL L 980 -44.26 3.01 -7.93
C VAL L 980 -45.68 2.77 -8.44
N GLU L 981 -45.86 2.95 -9.75
CA GLU L 981 -47.13 2.67 -10.39
C GLU L 981 -46.93 2.31 -11.85
N ILE L 982 -47.83 1.47 -12.35
CA ILE L 982 -47.87 1.11 -13.75
C ILE L 982 -48.83 2.07 -14.41
N LEU L 983 -48.32 2.87 -15.33
CA LEU L 983 -49.18 3.79 -16.05
C LEU L 983 -49.93 3.09 -17.16
N ASP L 984 -49.22 2.23 -17.89
CA ASP L 984 -49.80 1.37 -18.89
C ASP L 984 -48.76 0.31 -19.21
N ASP L 985 -49.07 -0.56 -20.18
CA ASP L 985 -48.19 -1.67 -20.51
C ASP L 985 -46.78 -1.20 -20.87
N ASP L 986 -46.61 0.05 -21.29
CA ASP L 986 -45.35 0.58 -21.80
C ASP L 986 -44.79 1.69 -20.94
N ASN L 987 -45.49 2.12 -19.89
CA ASN L 987 -45.12 3.30 -19.13
C ASN L 987 -45.25 2.98 -17.66
N PHE L 988 -44.17 3.23 -16.92
CA PHE L 988 -44.06 2.84 -15.52
C PHE L 988 -43.68 4.04 -14.66
N LEU L 989 -44.48 4.32 -13.64
CA LEU L 989 -44.26 5.48 -12.79
C LEU L 989 -43.56 5.11 -11.50
N GLY L 990 -42.52 5.87 -11.15
CA GLY L 990 -41.84 5.70 -9.89
C GLY L 990 -41.74 7.02 -9.15
N ALA L 991 -41.71 6.92 -7.82
CA ALA L 991 -41.41 8.03 -6.93
C ALA L 991 -40.27 7.60 -6.03
N GLU L 992 -39.34 8.51 -5.74
CA GLU L 992 -38.19 8.16 -4.93
C GLU L 992 -38.02 9.14 -3.76
N ASN L 993 -37.10 8.76 -2.86
CA ASN L 993 -36.99 9.36 -1.53
C ASN L 993 -36.57 10.81 -1.53
N ALA L 994 -36.02 11.31 -2.63
CA ALA L 994 -35.62 12.71 -2.72
C ALA L 994 -36.73 13.58 -3.27
N PHE L 995 -37.97 13.08 -3.27
CA PHE L 995 -39.17 13.84 -3.60
C PHE L 995 -39.29 14.11 -5.09
N ASN L 996 -38.68 13.26 -5.90
CA ASN L 996 -38.81 13.32 -7.35
C ASN L 996 -39.69 12.17 -7.82
N LEU L 997 -40.33 12.40 -8.95
CA LEU L 997 -40.98 11.39 -9.77
C LEU L 997 -40.18 11.16 -11.03
N PHE L 998 -40.29 9.93 -11.53
CA PHE L 998 -39.76 9.60 -12.84
C PHE L 998 -40.68 8.60 -13.51
N VAL L 999 -40.60 8.56 -14.83
CA VAL L 999 -41.33 7.60 -15.65
C VAL L 999 -40.34 6.84 -16.53
N CYS L 1000 -40.49 5.52 -16.53
CA CYS L 1000 -39.70 4.62 -17.34
C CYS L 1000 -40.50 4.05 -18.50
N GLN L 1001 -39.78 3.80 -19.59
CA GLN L 1001 -40.30 3.16 -20.78
C GLN L 1001 -39.29 2.13 -21.26
N LYS L 1002 -39.79 1.15 -22.01
CA LYS L 1002 -38.91 0.27 -22.75
C LYS L 1002 -38.08 1.10 -23.73
N ASP L 1003 -36.87 0.64 -23.99
CA ASP L 1003 -35.97 1.36 -24.89
C ASP L 1003 -36.45 1.00 -26.30
N SER L 1004 -37.10 1.95 -26.96
CA SER L 1004 -37.64 1.72 -28.29
C SER L 1004 -36.55 1.52 -29.35
N ALA L 1005 -35.38 2.14 -29.14
CA ALA L 1005 -34.28 2.06 -30.10
C ALA L 1005 -33.27 0.98 -29.71
N ALA L 1006 -33.77 -0.15 -29.22
CA ALA L 1006 -32.93 -1.28 -28.81
C ALA L 1006 -32.92 -2.33 -29.90
N THR L 1007 -31.72 -2.77 -30.27
CA THR L 1007 -31.52 -3.75 -31.34
C THR L 1007 -31.02 -5.08 -30.80
N THR L 1008 -30.89 -5.22 -29.47
CA THR L 1008 -30.43 -6.45 -28.86
C THR L 1008 -31.24 -6.71 -27.60
N ASP L 1009 -31.29 -7.99 -27.21
CA ASP L 1009 -31.92 -8.37 -25.96
C ASP L 1009 -31.30 -7.58 -24.82
N GLU L 1010 -29.97 -7.46 -24.82
CA GLU L 1010 -29.28 -6.71 -23.78
C GLU L 1010 -29.79 -5.28 -23.74
N GLU L 1011 -29.99 -4.67 -24.90
CA GLU L 1011 -30.45 -3.29 -24.92
C GLU L 1011 -31.92 -3.24 -24.53
N ARG L 1012 -32.69 -4.22 -24.99
CA ARG L 1012 -34.10 -4.33 -24.60
C ARG L 1012 -34.27 -4.46 -23.09
N GLN L 1013 -33.23 -4.89 -22.39
CA GLN L 1013 -33.31 -5.10 -20.97
C GLN L 1013 -33.09 -3.83 -20.16
N HIS L 1014 -32.83 -2.70 -20.82
CA HIS L 1014 -32.59 -1.44 -20.13
C HIS L 1014 -33.83 -0.58 -20.26
N LEU L 1015 -34.48 -0.35 -19.14
CA LEU L 1015 -35.54 0.64 -19.09
C LEU L 1015 -34.91 2.01 -19.18
N GLN L 1016 -35.61 2.93 -19.84
CA GLN L 1016 -35.14 4.30 -19.95
C GLN L 1016 -36.03 5.19 -19.12
N GLU L 1017 -35.43 6.06 -18.32
CA GLU L 1017 -36.20 7.06 -17.58
C GLU L 1017 -36.46 8.19 -18.53
N VAL L 1018 -37.66 8.17 -19.09
CA VAL L 1018 -38.08 9.10 -20.12
C VAL L 1018 -38.81 10.29 -19.51
N GLY L 1019 -39.18 10.22 -18.24
CA GLY L 1019 -39.82 11.35 -17.58
C GLY L 1019 -39.13 11.58 -16.25
N LEU L 1020 -38.96 12.85 -15.89
CA LEU L 1020 -38.32 13.27 -14.66
C LEU L 1020 -38.95 14.55 -14.14
N PHE L 1021 -39.13 14.61 -12.82
CA PHE L 1021 -39.86 15.73 -12.22
C PHE L 1021 -39.55 15.83 -10.74
N HIS L 1022 -39.19 17.01 -10.28
CA HIS L 1022 -38.99 17.23 -8.86
C HIS L 1022 -40.35 17.60 -8.29
N LEU L 1023 -40.98 16.66 -7.60
CA LEU L 1023 -42.29 16.90 -7.02
C LEU L 1023 -42.23 17.74 -5.76
N GLY L 1024 -41.26 17.44 -4.90
CA GLY L 1024 -41.16 18.13 -3.64
C GLY L 1024 -42.05 17.52 -2.59
N GLU L 1025 -42.60 16.33 -2.85
CA GLU L 1025 -43.38 15.59 -1.87
C GLU L 1025 -42.95 14.14 -1.84
N PHE L 1026 -43.25 13.50 -0.71
CA PHE L 1026 -42.95 12.11 -0.48
C PHE L 1026 -44.23 11.32 -0.69
N VAL L 1027 -44.28 10.53 -1.75
CA VAL L 1027 -45.48 9.79 -2.14
C VAL L 1027 -45.47 8.48 -1.39
N ASN L 1028 -46.52 8.22 -0.64
CA ASN L 1028 -46.68 6.95 0.02
C ASN L 1028 -47.46 5.91 -0.76
N VAL L 1029 -48.33 6.33 -1.67
CA VAL L 1029 -49.24 5.41 -2.33
C VAL L 1029 -49.68 6.00 -3.65
N PHE L 1030 -49.67 5.16 -4.68
CA PHE L 1030 -50.35 5.42 -5.94
C PHE L 1030 -51.59 4.54 -6.00
N CYS L 1031 -52.66 5.04 -6.61
CA CYS L 1031 -53.84 4.22 -6.86
C CYS L 1031 -54.65 4.73 -8.05
N HIS L 1032 -55.13 3.79 -8.86
CA HIS L 1032 -55.98 4.16 -9.98
C HIS L 1032 -57.34 4.60 -9.50
N GLY L 1033 -57.81 5.70 -10.04
CA GLY L 1033 -59.17 6.16 -9.76
C GLY L 1033 -59.27 7.66 -9.92
N SER L 1034 -60.48 8.16 -9.69
CA SER L 1034 -60.75 9.57 -9.89
C SER L 1034 -61.87 9.97 -8.96
N LEU L 1035 -61.82 11.22 -8.51
CA LEU L 1035 -62.90 11.83 -7.75
C LEU L 1035 -63.87 12.61 -8.62
N VAL L 1036 -63.38 13.23 -9.69
CA VAL L 1036 -64.27 13.99 -10.56
C VAL L 1036 -65.29 13.06 -11.19
N MET L 1037 -66.54 13.54 -11.31
CA MET L 1037 -67.58 12.74 -11.93
C MET L 1037 -67.20 12.40 -13.35
N GLN L 1038 -67.34 11.13 -13.72
CA GLN L 1038 -66.91 10.71 -15.05
C GLN L 1038 -68.06 10.95 -16.03
N ASN L 1039 -67.76 11.63 -17.13
CA ASN L 1039 -68.74 11.96 -18.15
C ASN L 1039 -68.72 10.89 -19.25
N LEU L 1040 -69.67 9.96 -19.18
CA LEU L 1040 -69.58 8.76 -20.01
C LEU L 1040 -69.73 9.08 -21.50
N GLY L 1041 -68.67 8.81 -22.27
CA GLY L 1041 -68.57 9.21 -23.67
C GLY L 1041 -68.16 10.65 -23.85
N GLU L 1042 -67.34 11.16 -22.93
CA GLU L 1042 -66.84 12.53 -22.93
C GLU L 1042 -65.82 12.81 -24.02
N THR L 1043 -64.95 11.83 -24.30
CA THR L 1043 -63.76 11.77 -25.16
C THR L 1043 -63.24 13.03 -25.88
N SER L 1044 -62.16 12.86 -26.65
CA SER L 1044 -61.49 13.95 -27.37
C SER L 1044 -61.19 15.06 -26.36
N THR L 1045 -60.59 14.62 -25.22
CA THR L 1045 -60.14 15.34 -24.03
C THR L 1045 -58.64 15.55 -24.08
N PRO L 1046 -58.05 16.46 -23.29
CA PRO L 1046 -56.59 16.62 -23.34
C PRO L 1046 -55.81 15.43 -22.79
N THR L 1047 -56.13 14.95 -21.58
CA THR L 1047 -55.41 13.89 -20.88
C THR L 1047 -56.23 12.61 -20.82
N GLN L 1048 -55.52 11.50 -20.68
CA GLN L 1048 -56.08 10.16 -20.65
C GLN L 1048 -55.53 9.41 -19.44
N GLY L 1049 -56.42 8.81 -18.68
CA GLY L 1049 -56.10 8.07 -17.48
C GLY L 1049 -56.04 8.99 -16.27
N SER L 1050 -56.12 8.38 -15.09
CA SER L 1050 -56.09 9.14 -13.84
C SER L 1050 -55.55 8.29 -12.70
N VAL L 1051 -54.37 8.66 -12.19
CA VAL L 1051 -53.76 8.01 -11.05
C VAL L 1051 -53.61 9.02 -9.92
N LEU L 1052 -54.27 8.76 -8.79
CA LEU L 1052 -54.10 9.62 -7.63
C LEU L 1052 -52.97 9.11 -6.77
N PHE L 1053 -52.35 10.03 -6.02
CA PHE L 1053 -51.31 9.68 -5.08
C PHE L 1053 -51.41 10.50 -3.82
N GLY L 1054 -51.03 9.86 -2.71
CA GLY L 1054 -51.05 10.49 -1.40
C GLY L 1054 -49.66 10.57 -0.80
N THR L 1055 -49.42 11.63 -0.02
CA THR L 1055 -48.09 11.97 0.47
C THR L 1055 -48.04 12.16 1.98
N VAL L 1056 -46.80 12.19 2.46
CA VAL L 1056 -46.49 12.40 3.88
C VAL L 1056 -47.11 13.68 4.37
N ASN L 1057 -47.07 14.72 3.56
CA ASN L 1057 -47.55 16.02 4.01
C ASN L 1057 -49.07 16.13 3.97
N GLY L 1058 -49.76 15.08 3.53
CA GLY L 1058 -51.19 15.11 3.40
C GLY L 1058 -51.66 15.75 2.12
N MET L 1059 -50.75 16.19 1.27
CA MET L 1059 -51.09 16.60 -0.09
C MET L 1059 -51.56 15.39 -0.86
N ILE L 1060 -52.57 15.60 -1.70
CA ILE L 1060 -53.01 14.60 -2.67
C ILE L 1060 -52.81 15.18 -4.06
N GLY L 1061 -52.20 14.40 -4.94
CA GLY L 1061 -51.99 14.80 -6.31
C GLY L 1061 -52.54 13.78 -7.30
N LEU L 1062 -52.55 14.19 -8.56
CA LEU L 1062 -52.99 13.37 -9.68
C LEU L 1062 -51.96 13.40 -10.79
N VAL L 1063 -51.69 12.23 -11.35
CA VAL L 1063 -50.89 12.05 -12.55
C VAL L 1063 -51.77 11.50 -13.66
N THR L 1064 -51.66 12.10 -14.84
CA THR L 1064 -52.36 11.67 -16.03
C THR L 1064 -51.42 11.77 -17.22
N SER L 1065 -51.82 11.17 -18.33
CA SER L 1065 -51.01 11.07 -19.54
C SER L 1065 -51.40 12.16 -20.54
N LEU L 1066 -50.44 12.54 -21.37
CA LEU L 1066 -50.60 13.58 -22.39
C LEU L 1066 -50.24 13.11 -23.78
N SER L 1067 -50.90 13.71 -24.79
CA SER L 1067 -50.47 13.57 -26.16
C SER L 1067 -49.24 14.43 -26.40
N GLU L 1068 -48.55 14.16 -27.51
CA GLU L 1068 -47.38 14.97 -27.84
C GLU L 1068 -47.76 16.43 -28.06
N SER L 1069 -48.87 16.68 -28.77
CA SER L 1069 -49.27 18.04 -29.09
C SER L 1069 -49.70 18.81 -27.86
N TRP L 1070 -50.40 18.15 -26.96
CA TRP L 1070 -50.78 18.81 -25.72
C TRP L 1070 -49.58 19.11 -24.85
N TYR L 1071 -48.67 18.15 -24.74
CA TYR L 1071 -47.42 18.38 -24.00
C TYR L 1071 -46.70 19.59 -24.56
N ASN L 1072 -46.55 19.65 -25.88
CA ASN L 1072 -45.81 20.73 -26.52
C ASN L 1072 -46.50 22.06 -26.28
N LEU L 1073 -47.83 22.06 -26.35
CA LEU L 1073 -48.60 23.27 -26.14
C LEU L 1073 -48.45 23.76 -24.71
N LEU L 1074 -48.56 22.85 -23.76
CA LEU L 1074 -48.48 23.26 -22.38
C LEU L 1074 -47.07 23.69 -22.00
N LEU L 1075 -46.03 23.09 -22.58
CA LEU L 1075 -44.67 23.55 -22.25
C LEU L 1075 -44.40 24.93 -22.83
N ASP L 1076 -44.87 25.20 -24.05
CA ASP L 1076 -44.75 26.54 -24.58
C ASP L 1076 -45.45 27.50 -23.62
N MET L 1077 -46.63 27.11 -23.19
CA MET L 1077 -47.37 27.88 -22.21
C MET L 1077 -46.56 28.06 -20.95
N GLN L 1078 -45.90 26.99 -20.49
CA GLN L 1078 -45.08 27.06 -19.30
C GLN L 1078 -43.98 28.10 -19.43
N ASN L 1079 -43.26 28.07 -20.54
CA ASN L 1079 -42.16 29.02 -20.71
C ASN L 1079 -42.67 30.45 -20.71
N ARG L 1080 -43.82 30.66 -21.36
CA ARG L 1080 -44.40 31.98 -21.43
C ARG L 1080 -44.93 32.42 -20.07
N LEU L 1081 -45.55 31.49 -19.35
CA LEU L 1081 -46.04 31.75 -18.01
C LEU L 1081 -44.88 32.11 -17.11
N ASN L 1082 -43.77 31.38 -17.25
CA ASN L 1082 -42.60 31.59 -16.44
C ASN L 1082 -41.99 32.94 -16.67
N LYS L 1083 -42.25 33.53 -17.83
CA LYS L 1083 -41.80 34.89 -18.06
C LYS L 1083 -42.67 35.92 -17.39
N VAL L 1084 -43.89 35.56 -17.01
CA VAL L 1084 -44.86 36.51 -16.53
C VAL L 1084 -45.11 36.37 -15.03
N ILE L 1085 -45.10 35.16 -14.50
CA ILE L 1085 -45.44 34.97 -13.10
C ILE L 1085 -44.28 35.42 -12.23
N LYS L 1086 -44.61 36.17 -11.17
CA LYS L 1086 -43.62 36.60 -10.18
C LYS L 1086 -43.42 35.48 -9.16
N SER L 1087 -42.19 34.98 -9.07
CA SER L 1087 -41.82 33.91 -8.16
C SER L 1087 -41.42 34.48 -6.81
N VAL L 1088 -42.00 33.93 -5.76
CA VAL L 1088 -41.68 34.39 -4.42
C VAL L 1088 -40.24 34.02 -4.16
N GLY L 1089 -39.42 35.02 -3.87
CA GLY L 1089 -38.01 34.80 -3.73
C GLY L 1089 -37.26 34.72 -5.04
N LYS L 1090 -37.93 34.99 -6.17
CA LYS L 1090 -37.26 35.07 -7.47
C LYS L 1090 -36.62 33.73 -7.79
N ILE L 1091 -37.32 32.68 -7.43
CA ILE L 1091 -36.91 31.32 -7.72
C ILE L 1091 -37.40 30.94 -9.11
N GLU L 1092 -36.52 30.37 -9.92
CA GLU L 1092 -36.92 29.93 -11.23
C GLU L 1092 -37.71 28.64 -11.10
N HIS L 1093 -38.84 28.57 -11.80
CA HIS L 1093 -39.63 27.35 -11.81
C HIS L 1093 -38.81 26.17 -12.30
N SER L 1094 -38.02 26.38 -13.36
CA SER L 1094 -37.21 25.30 -13.89
C SER L 1094 -36.22 24.76 -12.88
N PHE L 1095 -35.65 25.65 -12.06
CA PHE L 1095 -34.72 25.18 -11.04
C PHE L 1095 -35.47 24.37 -10.00
N TRP L 1096 -36.61 24.90 -9.56
CA TRP L 1096 -37.42 24.23 -8.54
C TRP L 1096 -37.82 22.84 -8.99
N ARG L 1097 -38.33 22.74 -10.20
CA ARG L 1097 -38.85 21.48 -10.70
C ARG L 1097 -37.77 20.61 -11.30
N SER L 1098 -36.54 21.10 -11.41
CA SER L 1098 -35.46 20.31 -11.96
C SER L 1098 -35.26 19.09 -11.08
N PHE L 1099 -35.20 17.92 -11.71
CA PHE L 1099 -34.85 16.69 -10.99
C PHE L 1099 -33.55 16.91 -10.24
N HIS L 1100 -33.54 16.55 -8.96
CA HIS L 1100 -32.40 16.84 -8.11
C HIS L 1100 -32.22 15.76 -7.05
N THR L 1101 -31.07 15.08 -7.11
CA THR L 1101 -30.63 14.19 -6.05
C THR L 1101 -29.19 14.52 -5.69
N GLU L 1102 -28.71 13.88 -4.63
CA GLU L 1102 -27.31 14.05 -4.25
C GLU L 1102 -26.35 13.45 -5.26
N ARG L 1103 -26.84 12.61 -6.17
CA ARG L 1103 -26.02 12.06 -7.24
C ARG L 1103 -26.07 12.87 -8.51
N LYS L 1104 -27.22 13.47 -8.81
CA LYS L 1104 -27.41 14.11 -10.09
C LYS L 1104 -28.49 15.16 -9.98
N THR L 1105 -28.34 16.21 -10.80
CA THR L 1105 -29.34 17.25 -10.94
C THR L 1105 -29.56 17.43 -12.44
N GLU L 1106 -30.80 17.33 -12.88
CA GLU L 1106 -31.12 17.43 -14.30
C GLU L 1106 -32.44 18.17 -14.48
N PRO L 1107 -32.62 18.94 -15.56
CA PRO L 1107 -33.93 19.54 -15.81
C PRO L 1107 -35.03 18.51 -15.98
N ALA L 1108 -36.23 18.89 -15.56
CA ALA L 1108 -37.42 18.06 -15.75
C ALA L 1108 -37.71 17.81 -17.21
N THR L 1109 -38.29 16.64 -17.48
CA THR L 1109 -38.75 16.28 -18.81
C THR L 1109 -39.97 15.38 -18.69
N GLY L 1110 -40.86 15.48 -19.68
CA GLY L 1110 -42.02 14.61 -19.77
C GLY L 1110 -43.12 14.86 -18.78
N PHE L 1111 -43.04 15.94 -17.99
CA PHE L 1111 -44.01 16.28 -16.96
C PHE L 1111 -44.36 17.74 -17.07
N ILE L 1112 -45.66 18.00 -17.13
CA ILE L 1112 -46.24 19.33 -17.05
C ILE L 1112 -46.69 19.60 -15.62
N ASP L 1113 -46.39 20.80 -15.12
CA ASP L 1113 -46.76 21.20 -13.76
C ASP L 1113 -48.15 21.78 -13.84
N GLY L 1114 -49.13 20.92 -13.62
CA GLY L 1114 -50.53 21.34 -13.65
C GLY L 1114 -50.87 22.50 -12.73
N ASP L 1115 -50.27 22.56 -11.53
CA ASP L 1115 -50.52 23.69 -10.65
C ASP L 1115 -50.15 25.00 -11.32
N LEU L 1116 -49.01 25.00 -11.98
CA LEU L 1116 -48.56 26.15 -12.73
C LEU L 1116 -49.52 26.45 -13.87
N ILE L 1117 -49.95 25.40 -14.58
CA ILE L 1117 -50.90 25.58 -15.68
C ILE L 1117 -52.15 26.27 -15.16
N GLU L 1118 -52.68 25.80 -14.04
CA GLU L 1118 -53.89 26.38 -13.47
C GLU L 1118 -53.65 27.82 -13.07
N SER L 1119 -52.40 28.16 -12.72
CA SER L 1119 -52.10 29.52 -12.29
C SER L 1119 -52.32 30.56 -13.40
N PHE L 1120 -52.48 30.12 -14.66
CA PHE L 1120 -52.90 31.00 -15.74
C PHE L 1120 -54.19 31.73 -15.40
N LEU L 1121 -55.11 31.04 -14.72
CA LEU L 1121 -56.44 31.55 -14.47
C LEU L 1121 -56.49 32.68 -13.44
N ASP L 1122 -55.41 32.94 -12.70
CA ASP L 1122 -55.42 33.93 -11.65
C ASP L 1122 -54.65 35.20 -11.96
N ILE L 1123 -53.99 35.33 -13.12
CA ILE L 1123 -53.33 36.58 -13.48
C ILE L 1123 -54.32 37.51 -14.17
N SER L 1124 -53.96 38.78 -14.25
CA SER L 1124 -54.85 39.78 -14.82
C SER L 1124 -54.98 39.54 -16.33
N ARG L 1125 -56.05 40.11 -16.89
CA ARG L 1125 -56.29 39.94 -18.33
C ARG L 1125 -55.18 40.49 -19.21
N PRO L 1126 -54.60 41.67 -18.97
CA PRO L 1126 -53.51 42.10 -19.85
C PRO L 1126 -52.36 41.12 -19.80
N LYS L 1127 -52.10 40.57 -18.61
CA LYS L 1127 -51.06 39.55 -18.49
C LYS L 1127 -51.46 38.27 -19.22
N MET L 1128 -52.74 37.87 -19.15
CA MET L 1128 -53.17 36.74 -19.98
C MET L 1128 -52.90 36.99 -21.45
N GLN L 1129 -53.22 38.20 -21.94
CA GLN L 1129 -53.02 38.51 -23.34
C GLN L 1129 -51.54 38.49 -23.71
N GLU L 1130 -50.69 38.95 -22.80
CA GLU L 1130 -49.25 38.85 -22.99
C GLU L 1130 -48.82 37.40 -23.08
N VAL L 1131 -49.41 36.55 -22.24
CA VAL L 1131 -49.02 35.14 -22.16
C VAL L 1131 -49.26 34.46 -23.50
N VAL L 1132 -50.36 34.80 -24.17
CA VAL L 1132 -50.78 34.12 -25.39
C VAL L 1132 -50.39 34.90 -26.64
N ALA L 1133 -49.58 35.94 -26.49
CA ALA L 1133 -49.16 36.75 -27.62
C ALA L 1133 -48.25 35.95 -28.54
N ASN L 1134 -48.51 36.02 -29.85
CA ASN L 1134 -47.73 35.33 -30.87
C ASN L 1134 -47.64 33.84 -30.58
N LEU L 1135 -48.80 33.24 -30.29
CA LEU L 1135 -48.92 31.81 -30.02
C LEU L 1135 -49.82 31.16 -31.06
N GLN L 1136 -49.29 30.14 -31.73
CA GLN L 1136 -50.06 29.39 -32.73
C GLN L 1136 -50.84 28.28 -32.04
N TYR L 1137 -52.14 28.20 -32.33
CA TYR L 1137 -53.04 27.34 -31.60
C TYR L 1137 -54.05 26.69 -32.53
N ASP L 1138 -54.29 25.41 -32.31
CA ASP L 1138 -55.21 24.59 -33.08
C ASP L 1138 -56.45 24.38 -32.21
N ASP L 1139 -57.52 25.09 -32.52
CA ASP L 1139 -58.76 24.96 -31.75
C ASP L 1139 -59.51 23.75 -32.30
N GLY L 1140 -59.80 22.80 -31.42
CA GLY L 1140 -60.46 21.58 -31.84
C GLY L 1140 -59.61 20.89 -32.89
N SER L 1141 -60.22 20.61 -34.05
CA SER L 1141 -59.55 19.96 -35.16
C SER L 1141 -59.51 20.94 -36.33
N GLY L 1142 -58.31 21.30 -36.77
CA GLY L 1142 -58.17 22.23 -37.88
C GLY L 1142 -56.76 22.75 -37.99
N MET L 1143 -56.65 23.96 -38.52
CA MET L 1143 -55.37 24.63 -38.73
C MET L 1143 -55.06 25.58 -37.57
N LYS L 1144 -53.78 25.84 -37.37
CA LYS L 1144 -53.32 26.72 -36.31
C LYS L 1144 -53.57 28.19 -36.63
N ARG L 1145 -53.80 28.96 -35.59
CA ARG L 1145 -54.10 30.37 -35.69
C ARG L 1145 -53.63 31.07 -34.42
N GLU L 1146 -53.75 32.40 -34.40
CA GLU L 1146 -53.35 33.15 -33.21
C GLU L 1146 -54.29 32.83 -32.07
N ALA L 1147 -53.73 32.53 -30.90
CA ALA L 1147 -54.50 32.23 -29.72
C ALA L 1147 -54.94 33.50 -29.00
N THR L 1148 -56.19 33.51 -28.56
CA THR L 1148 -56.74 34.55 -27.72
C THR L 1148 -56.76 34.06 -26.28
N ALA L 1149 -56.91 35.01 -25.35
CA ALA L 1149 -57.03 34.66 -23.95
C ALA L 1149 -58.19 33.72 -23.68
N ASP L 1150 -59.32 33.92 -24.36
CA ASP L 1150 -60.47 33.05 -24.14
C ASP L 1150 -60.21 31.60 -24.51
N ASP L 1151 -59.47 31.36 -25.59
CA ASP L 1151 -59.11 29.98 -25.94
C ASP L 1151 -58.36 29.28 -24.82
N LEU L 1152 -57.37 29.97 -24.25
CA LEU L 1152 -56.57 29.30 -23.23
C LEU L 1152 -57.30 29.26 -21.91
N ILE L 1153 -58.17 30.24 -21.65
CA ILE L 1153 -59.07 30.17 -20.51
C ILE L 1153 -59.91 28.91 -20.59
N LYS L 1154 -60.47 28.63 -21.78
CA LYS L 1154 -61.30 27.45 -21.97
C LYS L 1154 -60.49 26.17 -21.77
N VAL L 1155 -59.30 26.12 -22.37
CA VAL L 1155 -58.43 24.96 -22.23
C VAL L 1155 -58.14 24.69 -20.77
N VAL L 1156 -57.73 25.73 -20.04
CA VAL L 1156 -57.30 25.56 -18.67
C VAL L 1156 -58.50 25.21 -17.80
N GLU L 1157 -59.66 25.81 -18.07
CA GLU L 1157 -60.88 25.44 -17.35
C GLU L 1157 -61.20 23.95 -17.54
N GLU L 1158 -61.08 23.44 -18.76
CA GLU L 1158 -61.29 22.00 -18.96
C GLU L 1158 -60.28 21.19 -18.17
N LEU L 1159 -59.03 21.62 -18.17
CA LEU L 1159 -58.02 20.89 -17.41
C LEU L 1159 -58.26 20.94 -15.92
N THR L 1160 -58.78 22.04 -15.38
CA THR L 1160 -59.02 22.08 -13.95
C THR L 1160 -60.12 21.13 -13.50
N ARG L 1161 -60.99 20.70 -14.41
CA ARG L 1161 -62.12 19.86 -14.03
C ARG L 1161 -61.78 18.38 -13.99
N ILE L 1162 -60.54 18.01 -14.30
CA ILE L 1162 -60.15 16.61 -14.27
C ILE L 1162 -59.86 16.18 -12.85
N HIS L 1163 -59.87 17.12 -11.90
CA HIS L 1163 -59.64 16.87 -10.49
C HIS L 1163 -60.57 17.72 -9.63
#